data_3LHC
# 
_entry.id   3LHC 
# 
_audit_conform.dict_name       mmcif_pdbx.dic 
_audit_conform.dict_version    5.397 
_audit_conform.dict_location   http://mmcif.pdb.org/dictionaries/ascii/mmcif_pdbx.dic 
# 
loop_
_database_2.database_id 
_database_2.database_code 
_database_2.pdbx_database_accession 
_database_2.pdbx_DOI 
PDB   3LHC         pdb_00003lhc 10.2210/pdb3lhc/pdb 
RCSB  RCSB057278   ?            ?                   
WWPDB D_1000057278 ?            ?                   
# 
loop_
_pdbx_audit_revision_history.ordinal 
_pdbx_audit_revision_history.data_content_type 
_pdbx_audit_revision_history.major_revision 
_pdbx_audit_revision_history.minor_revision 
_pdbx_audit_revision_history.revision_date 
1 'Structure model' 1 0 2010-02-09 
2 'Structure model' 1 1 2011-07-13 
3 'Structure model' 1 2 2021-10-13 
4 'Structure model' 1 3 2023-09-06 
5 'Structure model' 1 4 2024-10-09 
# 
_pdbx_audit_revision_details.ordinal             1 
_pdbx_audit_revision_details.revision_ordinal    1 
_pdbx_audit_revision_details.data_content_type   'Structure model' 
_pdbx_audit_revision_details.provider            repository 
_pdbx_audit_revision_details.type                'Initial release' 
_pdbx_audit_revision_details.description         ? 
_pdbx_audit_revision_details.details             ? 
# 
loop_
_pdbx_audit_revision_group.ordinal 
_pdbx_audit_revision_group.revision_ordinal 
_pdbx_audit_revision_group.data_content_type 
_pdbx_audit_revision_group.group 
1 2 'Structure model' 'Version format compliance' 
2 3 'Structure model' 'Database references'       
3 3 'Structure model' 'Derived calculations'      
4 4 'Structure model' 'Data collection'           
5 4 'Structure model' 'Refinement description'    
6 5 'Structure model' 'Structure summary'         
# 
loop_
_pdbx_audit_revision_category.ordinal 
_pdbx_audit_revision_category.revision_ordinal 
_pdbx_audit_revision_category.data_content_type 
_pdbx_audit_revision_category.category 
1 3 'Structure model' database_2                    
2 3 'Structure model' struct_conn                   
3 3 'Structure model' struct_ref_seq_dif            
4 3 'Structure model' struct_site                   
5 4 'Structure model' chem_comp_atom                
6 4 'Structure model' chem_comp_bond                
7 4 'Structure model' pdbx_initial_refinement_model 
8 5 'Structure model' pdbx_entry_details            
9 5 'Structure model' pdbx_modification_feature     
# 
loop_
_pdbx_audit_revision_item.ordinal 
_pdbx_audit_revision_item.revision_ordinal 
_pdbx_audit_revision_item.data_content_type 
_pdbx_audit_revision_item.item 
1  3 'Structure model' '_database_2.pdbx_DOI'                
2  3 'Structure model' '_database_2.pdbx_database_accession' 
3  3 'Structure model' '_struct_conn.pdbx_dist_value'        
4  3 'Structure model' '_struct_conn.ptnr1_auth_comp_id'     
5  3 'Structure model' '_struct_conn.ptnr1_auth_seq_id'      
6  3 'Structure model' '_struct_conn.ptnr1_label_asym_id'    
7  3 'Structure model' '_struct_conn.ptnr1_label_atom_id'    
8  3 'Structure model' '_struct_conn.ptnr1_label_comp_id'    
9  3 'Structure model' '_struct_conn.ptnr1_label_seq_id'     
10 3 'Structure model' '_struct_conn.ptnr2_auth_comp_id'     
11 3 'Structure model' '_struct_conn.ptnr2_auth_seq_id'      
12 3 'Structure model' '_struct_conn.ptnr2_label_asym_id'    
13 3 'Structure model' '_struct_conn.ptnr2_label_atom_id'    
14 3 'Structure model' '_struct_conn.ptnr2_label_comp_id'    
15 3 'Structure model' '_struct_ref_seq_dif.details'         
16 3 'Structure model' '_struct_site.pdbx_auth_asym_id'      
17 3 'Structure model' '_struct_site.pdbx_auth_comp_id'      
18 3 'Structure model' '_struct_site.pdbx_auth_seq_id'       
# 
_pdbx_database_status.status_code                     REL 
_pdbx_database_status.entry_id                        3LHC 
_pdbx_database_status.recvd_initial_deposition_date   2010-01-21 
_pdbx_database_status.deposit_site                    RCSB 
_pdbx_database_status.process_site                    RCSB 
_pdbx_database_status.status_code_sf                  REL 
_pdbx_database_status.status_code_mr                  ? 
_pdbx_database_status.SG_entry                        ? 
_pdbx_database_status.pdb_format_compatible           Y 
_pdbx_database_status.status_code_cs                  ? 
_pdbx_database_status.status_code_nmr_data            ? 
_pdbx_database_status.methods_development_category    ? 
# 
loop_
_pdbx_database_related.db_name 
_pdbx_database_related.db_id 
_pdbx_database_related.details 
_pdbx_database_related.content_type 
PDB 3EZM 'CRYSTAL STRUCTURE OF DOMAIN-SWAPPED CYANOVIRIN-N DIMER' unspecified 
PDB 1LOM 'CRYSTAL STRUCTURE OF A DOUBLE MUTANT OF CYANOVIRIN-N'   unspecified 
PDB 2EZM 'SOLUTION NMR STRUCTURE OF THE MONOMER CV-N'             unspecified 
# 
loop_
_audit_author.name 
_audit_author.pdbx_ordinal 
'Matei, E.'        1 
'Zheng, A.'        2 
'Furey, W.'        3 
'Rose, J.'         4 
'Aiken, C.'        5 
'Gronenborn, A.M.' 6 
# 
_citation.id                        primary 
_citation.title                     'Anti-HIV activity of defective cyanovirin-N mutants is restored by dimerization.' 
_citation.journal_abbrev            J.Biol.Chem. 
_citation.journal_volume            285 
_citation.page_first                13057 
_citation.page_last                 13065 
_citation.year                      2010 
_citation.journal_id_ASTM           JBCHA3 
_citation.country                   US 
_citation.journal_id_ISSN           0021-9258 
_citation.journal_id_CSD            0071 
_citation.book_publisher            ? 
_citation.pdbx_database_id_PubMed   20147291 
_citation.pdbx_database_id_DOI      10.1074/jbc.M109.094938 
# 
loop_
_citation_author.citation_id 
_citation_author.name 
_citation_author.ordinal 
_citation_author.identifier_ORCID 
primary 'Matei, E.'        1 ? 
primary 'Zheng, A.'        2 ? 
primary 'Furey, W.'        3 ? 
primary 'Rose, J.'         4 ? 
primary 'Aiken, C.'        5 ? 
primary 'Gronenborn, A.M.' 6 ? 
# 
loop_
_entity.id 
_entity.type 
_entity.src_method 
_entity.pdbx_description 
_entity.formula_weight 
_entity.pdbx_number_of_molecules 
_entity.pdbx_ec 
_entity.pdbx_mutation 
_entity.pdbx_fragment 
_entity.details 
1 polymer     man Cyanovirin-N    10605.680 1   ? E41A,N42A,T57A,R76A,Q78G ? ? 
2 non-polymer syn 'SODIUM ION'    22.990    2   ? ?                        ? ? 
3 non-polymer syn 'PHOSPHATE ION' 94.971    3   ? ?                        ? ? 
4 water       nat water           18.015    120 ? ?                        ? ? 
# 
_entity_name_com.entity_id   1 
_entity_name_com.name        CV-N 
# 
_entity_poly.entity_id                      1 
_entity_poly.type                           'polypeptide(L)' 
_entity_poly.nstd_linkage                   no 
_entity_poly.nstd_monomer                   no 
_entity_poly.pdbx_seq_one_letter_code       
;LGKFSQTCYNSAIQGSVLTSTCERTNGGYNTSSIDLNSVIAAVDGSLKWPSNFIEACRNTQLAGSSELAAECKTAAGQFV
STKINLDDHIANIDGTLKYE
;
_entity_poly.pdbx_seq_one_letter_code_can   
;LGKFSQTCYNSAIQGSVLTSTCERTNGGYNTSSIDLNSVIAAVDGSLKWPSNFIEACRNTQLAGSSELAAECKTAAGQFV
STKINLDDHIANIDGTLKYE
;
_entity_poly.pdbx_strand_id                 A 
_entity_poly.pdbx_target_identifier         ? 
# 
loop_
_pdbx_entity_nonpoly.entity_id 
_pdbx_entity_nonpoly.name 
_pdbx_entity_nonpoly.comp_id 
2 'SODIUM ION'    NA  
3 'PHOSPHATE ION' PO4 
4 water           HOH 
# 
loop_
_entity_poly_seq.entity_id 
_entity_poly_seq.num 
_entity_poly_seq.mon_id 
_entity_poly_seq.hetero 
1 1   LEU n 
1 2   GLY n 
1 3   LYS n 
1 4   PHE n 
1 5   SER n 
1 6   GLN n 
1 7   THR n 
1 8   CYS n 
1 9   TYR n 
1 10  ASN n 
1 11  SER n 
1 12  ALA n 
1 13  ILE n 
1 14  GLN n 
1 15  GLY n 
1 16  SER n 
1 17  VAL n 
1 18  LEU n 
1 19  THR n 
1 20  SER n 
1 21  THR n 
1 22  CYS n 
1 23  GLU n 
1 24  ARG n 
1 25  THR n 
1 26  ASN n 
1 27  GLY n 
1 28  GLY n 
1 29  TYR n 
1 30  ASN n 
1 31  THR n 
1 32  SER n 
1 33  SER n 
1 34  ILE n 
1 35  ASP n 
1 36  LEU n 
1 37  ASN n 
1 38  SER n 
1 39  VAL n 
1 40  ILE n 
1 41  ALA n 
1 42  ALA n 
1 43  VAL n 
1 44  ASP n 
1 45  GLY n 
1 46  SER n 
1 47  LEU n 
1 48  LYS n 
1 49  TRP n 
1 50  PRO n 
1 51  SER n 
1 52  ASN n 
1 53  PHE n 
1 54  ILE n 
1 55  GLU n 
1 56  ALA n 
1 57  CYS n 
1 58  ARG n 
1 59  ASN n 
1 60  THR n 
1 61  GLN n 
1 62  LEU n 
1 63  ALA n 
1 64  GLY n 
1 65  SER n 
1 66  SER n 
1 67  GLU n 
1 68  LEU n 
1 69  ALA n 
1 70  ALA n 
1 71  GLU n 
1 72  CYS n 
1 73  LYS n 
1 74  THR n 
1 75  ALA n 
1 76  ALA n 
1 77  GLY n 
1 78  GLN n 
1 79  PHE n 
1 80  VAL n 
1 81  SER n 
1 82  THR n 
1 83  LYS n 
1 84  ILE n 
1 85  ASN n 
1 86  LEU n 
1 87  ASP n 
1 88  ASP n 
1 89  HIS n 
1 90  ILE n 
1 91  ALA n 
1 92  ASN n 
1 93  ILE n 
1 94  ASP n 
1 95  GLY n 
1 96  THR n 
1 97  LEU n 
1 98  LYS n 
1 99  TYR n 
1 100 GLU n 
# 
_entity_src_gen.entity_id                          1 
_entity_src_gen.pdbx_src_id                        1 
_entity_src_gen.pdbx_alt_source_flag               sample 
_entity_src_gen.pdbx_seq_type                      ? 
_entity_src_gen.pdbx_beg_seq_num                   ? 
_entity_src_gen.pdbx_end_seq_num                   ? 
_entity_src_gen.gene_src_common_name               ? 
_entity_src_gen.gene_src_genus                     ? 
_entity_src_gen.pdbx_gene_src_gene                 ? 
_entity_src_gen.gene_src_species                   ? 
_entity_src_gen.gene_src_strain                    ? 
_entity_src_gen.gene_src_tissue                    ? 
_entity_src_gen.gene_src_tissue_fraction           ? 
_entity_src_gen.gene_src_details                   ? 
_entity_src_gen.pdbx_gene_src_fragment             ? 
_entity_src_gen.pdbx_gene_src_scientific_name      'Nostoc ellipsosporum' 
_entity_src_gen.pdbx_gene_src_ncbi_taxonomy_id     45916 
_entity_src_gen.pdbx_gene_src_variant              ? 
_entity_src_gen.pdbx_gene_src_cell_line            ? 
_entity_src_gen.pdbx_gene_src_atcc                 ? 
_entity_src_gen.pdbx_gene_src_organ                ? 
_entity_src_gen.pdbx_gene_src_organelle            ? 
_entity_src_gen.pdbx_gene_src_cell                 ? 
_entity_src_gen.pdbx_gene_src_cellular_location    ? 
_entity_src_gen.host_org_common_name               ? 
_entity_src_gen.pdbx_host_org_scientific_name      'Escherichia coli' 
_entity_src_gen.pdbx_host_org_ncbi_taxonomy_id     469008 
_entity_src_gen.host_org_genus                     ? 
_entity_src_gen.pdbx_host_org_gene                 ? 
_entity_src_gen.pdbx_host_org_organ                ? 
_entity_src_gen.host_org_species                   ? 
_entity_src_gen.pdbx_host_org_tissue               ? 
_entity_src_gen.pdbx_host_org_tissue_fraction      ? 
_entity_src_gen.pdbx_host_org_strain               'BL21(DE3)' 
_entity_src_gen.pdbx_host_org_variant              ? 
_entity_src_gen.pdbx_host_org_cell_line            ? 
_entity_src_gen.pdbx_host_org_atcc                 ? 
_entity_src_gen.pdbx_host_org_culture_collection   ? 
_entity_src_gen.pdbx_host_org_cell                 ? 
_entity_src_gen.pdbx_host_org_organelle            ? 
_entity_src_gen.pdbx_host_org_cellular_location    ? 
_entity_src_gen.pdbx_host_org_vector_type          PLASMID 
_entity_src_gen.pdbx_host_org_vector               ? 
_entity_src_gen.host_org_details                   ? 
_entity_src_gen.expression_system_id               ? 
_entity_src_gen.plasmid_name                       PET26B 
_entity_src_gen.plasmid_details                    ? 
_entity_src_gen.pdbx_description                   ? 
# 
loop_
_chem_comp.id 
_chem_comp.type 
_chem_comp.mon_nstd_flag 
_chem_comp.name 
_chem_comp.pdbx_synonyms 
_chem_comp.formula 
_chem_comp.formula_weight 
ALA 'L-peptide linking' y ALANINE         ? 'C3 H7 N O2'     89.093  
ARG 'L-peptide linking' y ARGININE        ? 'C6 H15 N4 O2 1' 175.209 
ASN 'L-peptide linking' y ASPARAGINE      ? 'C4 H8 N2 O3'    132.118 
ASP 'L-peptide linking' y 'ASPARTIC ACID' ? 'C4 H7 N O4'     133.103 
CYS 'L-peptide linking' y CYSTEINE        ? 'C3 H7 N O2 S'   121.158 
GLN 'L-peptide linking' y GLUTAMINE       ? 'C5 H10 N2 O3'   146.144 
GLU 'L-peptide linking' y 'GLUTAMIC ACID' ? 'C5 H9 N O4'     147.129 
GLY 'peptide linking'   y GLYCINE         ? 'C2 H5 N O2'     75.067  
HIS 'L-peptide linking' y HISTIDINE       ? 'C6 H10 N3 O2 1' 156.162 
HOH non-polymer         . WATER           ? 'H2 O'           18.015  
ILE 'L-peptide linking' y ISOLEUCINE      ? 'C6 H13 N O2'    131.173 
LEU 'L-peptide linking' y LEUCINE         ? 'C6 H13 N O2'    131.173 
LYS 'L-peptide linking' y LYSINE          ? 'C6 H15 N2 O2 1' 147.195 
NA  non-polymer         . 'SODIUM ION'    ? 'Na 1'           22.990  
PHE 'L-peptide linking' y PHENYLALANINE   ? 'C9 H11 N O2'    165.189 
PO4 non-polymer         . 'PHOSPHATE ION' ? 'O4 P -3'        94.971  
PRO 'L-peptide linking' y PROLINE         ? 'C5 H9 N O2'     115.130 
SER 'L-peptide linking' y SERINE          ? 'C3 H7 N O3'     105.093 
THR 'L-peptide linking' y THREONINE       ? 'C4 H9 N O3'     119.119 
TRP 'L-peptide linking' y TRYPTOPHAN      ? 'C11 H12 N2 O2'  204.225 
TYR 'L-peptide linking' y TYROSINE        ? 'C9 H11 N O3'    181.189 
VAL 'L-peptide linking' y VALINE          ? 'C5 H11 N O2'    117.146 
# 
loop_
_pdbx_poly_seq_scheme.asym_id 
_pdbx_poly_seq_scheme.entity_id 
_pdbx_poly_seq_scheme.seq_id 
_pdbx_poly_seq_scheme.mon_id 
_pdbx_poly_seq_scheme.ndb_seq_num 
_pdbx_poly_seq_scheme.pdb_seq_num 
_pdbx_poly_seq_scheme.auth_seq_num 
_pdbx_poly_seq_scheme.pdb_mon_id 
_pdbx_poly_seq_scheme.auth_mon_id 
_pdbx_poly_seq_scheme.pdb_strand_id 
_pdbx_poly_seq_scheme.pdb_ins_code 
_pdbx_poly_seq_scheme.hetero 
A 1 1   LEU 1   1   1   LEU LEU A . n 
A 1 2   GLY 2   2   2   GLY GLY A . n 
A 1 3   LYS 3   3   3   LYS LYS A . n 
A 1 4   PHE 4   4   4   PHE PHE A . n 
A 1 5   SER 5   5   5   SER SER A . n 
A 1 6   GLN 6   6   6   GLN GLN A . n 
A 1 7   THR 7   7   7   THR THR A . n 
A 1 8   CYS 8   8   8   CYS CYS A . n 
A 1 9   TYR 9   9   9   TYR TYR A . n 
A 1 10  ASN 10  10  10  ASN ASN A . n 
A 1 11  SER 11  11  11  SER SER A . n 
A 1 12  ALA 12  12  12  ALA ALA A . n 
A 1 13  ILE 13  13  13  ILE ILE A . n 
A 1 14  GLN 14  14  14  GLN GLN A . n 
A 1 15  GLY 15  15  15  GLY GLY A . n 
A 1 16  SER 16  16  16  SER SER A . n 
A 1 17  VAL 17  17  17  VAL VAL A . n 
A 1 18  LEU 18  18  18  LEU LEU A . n 
A 1 19  THR 19  19  19  THR THR A . n 
A 1 20  SER 20  20  20  SER SER A . n 
A 1 21  THR 21  21  21  THR THR A . n 
A 1 22  CYS 22  22  22  CYS CYS A . n 
A 1 23  GLU 23  23  23  GLU GLU A . n 
A 1 24  ARG 24  24  24  ARG ARG A . n 
A 1 25  THR 25  25  25  THR THR A . n 
A 1 26  ASN 26  26  26  ASN ASN A . n 
A 1 27  GLY 27  27  27  GLY GLY A . n 
A 1 28  GLY 28  28  28  GLY GLY A . n 
A 1 29  TYR 29  29  29  TYR TYR A . n 
A 1 30  ASN 30  30  30  ASN ASN A . n 
A 1 31  THR 31  31  31  THR THR A . n 
A 1 32  SER 32  32  32  SER SER A . n 
A 1 33  SER 33  33  33  SER SER A . n 
A 1 34  ILE 34  34  34  ILE ILE A . n 
A 1 35  ASP 35  35  35  ASP ASP A . n 
A 1 36  LEU 36  36  36  LEU LEU A . n 
A 1 37  ASN 37  37  37  ASN ASN A . n 
A 1 38  SER 38  38  38  SER SER A . n 
A 1 39  VAL 39  39  39  VAL VAL A . n 
A 1 40  ILE 40  40  40  ILE ILE A . n 
A 1 41  ALA 41  41  41  ALA ALA A . n 
A 1 42  ALA 42  42  42  ALA ALA A . n 
A 1 43  VAL 43  43  43  VAL VAL A . n 
A 1 44  ASP 44  44  44  ASP ASP A . n 
A 1 45  GLY 45  45  45  GLY GLY A . n 
A 1 46  SER 46  46  46  SER SER A . n 
A 1 47  LEU 47  47  47  LEU LEU A . n 
A 1 48  LYS 48  48  48  LYS LYS A . n 
A 1 49  TRP 49  49  49  TRP TRP A . n 
A 1 50  PRO 50  50  50  PRO PRO A . n 
A 1 51  SER 51  51  51  SER SER A . n 
A 1 52  ASN 52  52  52  ASN ASN A . n 
A 1 53  PHE 53  53  53  PHE PHE A . n 
A 1 54  ILE 54  54  54  ILE ILE A . n 
A 1 55  GLU 55  55  55  GLU GLU A . n 
A 1 56  ALA 56  56  56  ALA ALA A . n 
A 1 57  CYS 57  57  57  CYS CYS A . n 
A 1 58  ARG 58  58  58  ARG ARG A . n 
A 1 59  ASN 59  59  59  ASN ASN A . n 
A 1 60  THR 60  60  60  THR THR A . n 
A 1 61  GLN 61  61  61  GLN GLN A . n 
A 1 62  LEU 62  62  62  LEU LEU A . n 
A 1 63  ALA 63  63  63  ALA ALA A . n 
A 1 64  GLY 64  64  64  GLY GLY A . n 
A 1 65  SER 65  65  65  SER SER A . n 
A 1 66  SER 66  66  66  SER SER A . n 
A 1 67  GLU 67  67  67  GLU GLU A . n 
A 1 68  LEU 68  68  68  LEU LEU A . n 
A 1 69  ALA 69  69  69  ALA ALA A . n 
A 1 70  ALA 70  70  70  ALA ALA A . n 
A 1 71  GLU 71  71  71  GLU GLU A . n 
A 1 72  CYS 72  72  72  CYS CYS A . n 
A 1 73  LYS 73  73  73  LYS LYS A . n 
A 1 74  THR 74  74  74  THR THR A . n 
A 1 75  ALA 75  75  75  ALA ALA A . n 
A 1 76  ALA 76  76  76  ALA ALA A . n 
A 1 77  GLY 77  77  77  GLY GLY A . n 
A 1 78  GLN 78  78  78  GLN GLN A . n 
A 1 79  PHE 79  79  79  PHE PHE A . n 
A 1 80  VAL 80  80  80  VAL VAL A . n 
A 1 81  SER 81  81  81  SER SER A . n 
A 1 82  THR 82  82  82  THR THR A . n 
A 1 83  LYS 83  83  83  LYS LYS A . n 
A 1 84  ILE 84  84  84  ILE ILE A . n 
A 1 85  ASN 85  85  85  ASN ASN A . n 
A 1 86  LEU 86  86  86  LEU LEU A . n 
A 1 87  ASP 87  87  87  ASP ASP A . n 
A 1 88  ASP 88  88  88  ASP ASP A . n 
A 1 89  HIS 89  89  89  HIS HIS A . n 
A 1 90  ILE 90  90  90  ILE ILE A . n 
A 1 91  ALA 91  91  91  ALA ALA A . n 
A 1 92  ASN 92  92  92  ASN ASN A . n 
A 1 93  ILE 93  93  93  ILE ILE A . n 
A 1 94  ASP 94  94  94  ASP ASP A . n 
A 1 95  GLY 95  95  95  GLY GLY A . n 
A 1 96  THR 96  96  96  THR THR A . n 
A 1 97  LEU 97  97  97  LEU LEU A . n 
A 1 98  LYS 98  98  98  LYS LYS A . n 
A 1 99  TYR 99  99  99  TYR TYR A . n 
A 1 100 GLU 100 100 100 GLU GLU A . n 
# 
loop_
_pdbx_nonpoly_scheme.asym_id 
_pdbx_nonpoly_scheme.entity_id 
_pdbx_nonpoly_scheme.mon_id 
_pdbx_nonpoly_scheme.ndb_seq_num 
_pdbx_nonpoly_scheme.pdb_seq_num 
_pdbx_nonpoly_scheme.auth_seq_num 
_pdbx_nonpoly_scheme.pdb_mon_id 
_pdbx_nonpoly_scheme.auth_mon_id 
_pdbx_nonpoly_scheme.pdb_strand_id 
_pdbx_nonpoly_scheme.pdb_ins_code 
B 2 NA  1   221 221 NA  NA  A . 
C 2 NA  1   222 222 NA  NA  A . 
D 3 PO4 1   223 223 PO4 PO4 A . 
E 3 PO4 1   224 224 PO4 PO4 A . 
F 3 PO4 1   225 225 PO4 PO4 A . 
G 4 HOH 1   101 101 HOH HOH A . 
G 4 HOH 2   102 102 HOH HOH A . 
G 4 HOH 3   103 103 HOH HOH A . 
G 4 HOH 4   104 104 HOH HOH A . 
G 4 HOH 5   105 105 HOH HOH A . 
G 4 HOH 6   106 106 HOH HOH A . 
G 4 HOH 7   107 107 HOH HOH A . 
G 4 HOH 8   108 108 HOH HOH A . 
G 4 HOH 9   109 109 HOH HOH A . 
G 4 HOH 10  110 110 HOH HOH A . 
G 4 HOH 11  111 111 HOH HOH A . 
G 4 HOH 12  112 112 HOH HOH A . 
G 4 HOH 13  113 113 HOH HOH A . 
G 4 HOH 14  114 114 HOH HOH A . 
G 4 HOH 15  115 115 HOH HOH A . 
G 4 HOH 16  116 116 HOH HOH A . 
G 4 HOH 17  117 117 HOH HOH A . 
G 4 HOH 18  118 118 HOH HOH A . 
G 4 HOH 19  119 119 HOH HOH A . 
G 4 HOH 20  120 120 HOH HOH A . 
G 4 HOH 21  121 121 HOH HOH A . 
G 4 HOH 22  122 122 HOH HOH A . 
G 4 HOH 23  123 123 HOH HOH A . 
G 4 HOH 24  124 124 HOH HOH A . 
G 4 HOH 25  125 125 HOH HOH A . 
G 4 HOH 26  126 126 HOH HOH A . 
G 4 HOH 27  127 127 HOH HOH A . 
G 4 HOH 28  128 128 HOH HOH A . 
G 4 HOH 29  129 129 HOH HOH A . 
G 4 HOH 30  130 130 HOH HOH A . 
G 4 HOH 31  131 131 HOH HOH A . 
G 4 HOH 32  132 132 HOH HOH A . 
G 4 HOH 33  133 133 HOH HOH A . 
G 4 HOH 34  134 134 HOH HOH A . 
G 4 HOH 35  135 135 HOH HOH A . 
G 4 HOH 36  136 136 HOH HOH A . 
G 4 HOH 37  137 137 HOH HOH A . 
G 4 HOH 38  138 138 HOH HOH A . 
G 4 HOH 39  139 139 HOH HOH A . 
G 4 HOH 40  140 140 HOH HOH A . 
G 4 HOH 41  141 141 HOH HOH A . 
G 4 HOH 42  142 142 HOH HOH A . 
G 4 HOH 43  143 143 HOH HOH A . 
G 4 HOH 44  144 144 HOH HOH A . 
G 4 HOH 45  145 145 HOH HOH A . 
G 4 HOH 46  146 146 HOH HOH A . 
G 4 HOH 47  147 147 HOH HOH A . 
G 4 HOH 48  148 148 HOH HOH A . 
G 4 HOH 49  149 149 HOH HOH A . 
G 4 HOH 50  150 150 HOH HOH A . 
G 4 HOH 51  151 151 HOH HOH A . 
G 4 HOH 52  152 152 HOH HOH A . 
G 4 HOH 53  153 153 HOH HOH A . 
G 4 HOH 54  154 154 HOH HOH A . 
G 4 HOH 55  155 155 HOH HOH A . 
G 4 HOH 56  156 156 HOH HOH A . 
G 4 HOH 57  157 157 HOH HOH A . 
G 4 HOH 58  158 158 HOH HOH A . 
G 4 HOH 59  159 159 HOH HOH A . 
G 4 HOH 60  160 160 HOH HOH A . 
G 4 HOH 61  161 161 HOH HOH A . 
G 4 HOH 62  162 162 HOH HOH A . 
G 4 HOH 63  163 163 HOH HOH A . 
G 4 HOH 64  164 164 HOH HOH A . 
G 4 HOH 65  165 165 HOH HOH A . 
G 4 HOH 66  166 166 HOH HOH A . 
G 4 HOH 67  167 167 HOH HOH A . 
G 4 HOH 68  168 168 HOH HOH A . 
G 4 HOH 69  169 169 HOH HOH A . 
G 4 HOH 70  170 170 HOH HOH A . 
G 4 HOH 71  171 171 HOH HOH A . 
G 4 HOH 72  172 172 HOH HOH A . 
G 4 HOH 73  173 173 HOH HOH A . 
G 4 HOH 74  174 174 HOH HOH A . 
G 4 HOH 75  175 175 HOH HOH A . 
G 4 HOH 76  176 176 HOH HOH A . 
G 4 HOH 77  177 177 HOH HOH A . 
G 4 HOH 78  178 178 HOH HOH A . 
G 4 HOH 79  179 179 HOH HOH A . 
G 4 HOH 80  180 180 HOH HOH A . 
G 4 HOH 81  181 181 HOH HOH A . 
G 4 HOH 82  182 182 HOH HOH A . 
G 4 HOH 83  183 183 HOH HOH A . 
G 4 HOH 84  184 184 HOH HOH A . 
G 4 HOH 85  185 185 HOH HOH A . 
G 4 HOH 86  186 186 HOH HOH A . 
G 4 HOH 87  187 187 HOH HOH A . 
G 4 HOH 88  188 188 HOH HOH A . 
G 4 HOH 89  189 189 HOH HOH A . 
G 4 HOH 90  190 190 HOH HOH A . 
G 4 HOH 91  191 191 HOH HOH A . 
G 4 HOH 92  192 192 HOH HOH A . 
G 4 HOH 93  193 193 HOH HOH A . 
G 4 HOH 94  194 194 HOH HOH A . 
G 4 HOH 95  195 195 HOH HOH A . 
G 4 HOH 96  196 196 HOH HOH A . 
G 4 HOH 97  197 197 HOH HOH A . 
G 4 HOH 98  198 198 HOH HOH A . 
G 4 HOH 99  199 199 HOH HOH A . 
G 4 HOH 100 200 200 HOH HOH A . 
G 4 HOH 101 201 201 HOH HOH A . 
G 4 HOH 102 202 202 HOH HOH A . 
G 4 HOH 103 203 203 HOH HOH A . 
G 4 HOH 104 204 204 HOH HOH A . 
G 4 HOH 105 205 205 HOH HOH A . 
G 4 HOH 106 206 206 HOH HOH A . 
G 4 HOH 107 207 207 HOH HOH A . 
G 4 HOH 108 208 208 HOH HOH A . 
G 4 HOH 109 209 209 HOH HOH A . 
G 4 HOH 110 210 210 HOH HOH A . 
G 4 HOH 111 211 211 HOH HOH A . 
G 4 HOH 112 212 212 HOH HOH A . 
G 4 HOH 113 213 213 HOH HOH A . 
G 4 HOH 114 214 214 HOH HOH A . 
G 4 HOH 115 215 215 HOH HOH A . 
G 4 HOH 116 216 216 HOH HOH A . 
G 4 HOH 117 217 217 HOH HOH A . 
G 4 HOH 118 218 218 HOH HOH A . 
G 4 HOH 119 219 219 HOH HOH A . 
G 4 HOH 120 220 220 HOH HOH A . 
# 
loop_
_software.name 
_software.classification 
_software.version 
_software.citation_id 
_software.pdbx_ordinal 
PHASER phasing          1.3.1 ? 1 
CNS    refinement       1.2   ? 2 
d*TREK 'data reduction' .     ? 3 
d*TREK 'data scaling'   .     ? 4 
# 
_cell.entry_id           3LHC 
_cell.length_a           47.140 
_cell.length_b           47.140 
_cell.length_c           78.390 
_cell.angle_alpha        90.00 
_cell.angle_beta         90.00 
_cell.angle_gamma        120.00 
_cell.Z_PDB              6 
_cell.pdbx_unique_axis   ? 
_cell.length_a_esd       ? 
_cell.length_b_esd       ? 
_cell.length_c_esd       ? 
_cell.angle_alpha_esd    ? 
_cell.angle_beta_esd     ? 
_cell.angle_gamma_esd    ? 
# 
_symmetry.entry_id                         3LHC 
_symmetry.space_group_name_H-M             'P 32 2 1' 
_symmetry.pdbx_full_space_group_name_H-M   ? 
_symmetry.cell_setting                     ? 
_symmetry.Int_Tables_number                154 
_symmetry.space_group_name_Hall            ? 
# 
_exptl.entry_id          3LHC 
_exptl.method            'X-RAY DIFFRACTION' 
_exptl.crystals_number   1 
# 
_exptl_crystal.id                    1 
_exptl_crystal.density_meas          ? 
_exptl_crystal.density_Matthews      2.30 
_exptl_crystal.density_percent_sol   49.00 
_exptl_crystal.description           ? 
_exptl_crystal.F_000                 ? 
_exptl_crystal.preparation           ? 
# 
_exptl_crystal_grow.crystal_id      1 
_exptl_crystal_grow.method          ? 
_exptl_crystal_grow.temp            295 
_exptl_crystal_grow.temp_details    ? 
_exptl_crystal_grow.pH              6.0 
_exptl_crystal_grow.pdbx_pH_range   ? 
_exptl_crystal_grow.pdbx_details    
;20 MILI MOLAR SODIUM PHOSPHATE, 50 MILI MOLAR POTASSIUM PHOSPHATE, 20% POLYETHYLENE GLYCOL 8000, 0.01 % SODIUM AZIDE, pH 6.0, VAPOR DIFFUSION, SITTING DROP, temperature 295 K
;
# 
_diffrn.id                     1 
_diffrn.ambient_temp           93 
_diffrn.ambient_temp_details   ? 
_diffrn.crystal_id             1 
# 
_diffrn_detector.diffrn_id              1 
_diffrn_detector.detector               'IMAGE PLATE' 
_diffrn_detector.type                   RIGAKU 
_diffrn_detector.pdbx_collection_date   2008-07-14 
_diffrn_detector.details                'HF VARIMAX' 
# 
_diffrn_radiation.diffrn_id                        1 
_diffrn_radiation.wavelength_id                    1 
_diffrn_radiation.pdbx_monochromatic_or_laue_m_l   M 
_diffrn_radiation.monochromator                    'OSMIC MIRRORS' 
_diffrn_radiation.pdbx_diffrn_protocol             'SINGLE WAVELENGTH' 
_diffrn_radiation.pdbx_scattering_type             x-ray 
# 
_diffrn_radiation_wavelength.id           1 
_diffrn_radiation_wavelength.wavelength   1.5418 
_diffrn_radiation_wavelength.wt           1.0 
# 
_diffrn_source.diffrn_id                   1 
_diffrn_source.source                      'ROTATING ANODE' 
_diffrn_source.type                        'RIGAKU FR-E SUPERBRIGHT' 
_diffrn_source.pdbx_synchrotron_site       ? 
_diffrn_source.pdbx_synchrotron_beamline   ? 
_diffrn_source.pdbx_wavelength             1.5418 
_diffrn_source.pdbx_wavelength_list        ? 
# 
_reflns.entry_id                     3LHC 
_reflns.observed_criterion_sigma_I   0.000 
_reflns.observed_criterion_sigma_F   ? 
_reflns.d_resolution_low             36.210 
_reflns.d_resolution_high            1.340 
_reflns.number_obs                   23076 
_reflns.number_all                   ? 
_reflns.percent_possible_obs         99.3 
_reflns.pdbx_Rmerge_I_obs            0.09000 
_reflns.pdbx_Rsym_value              ? 
_reflns.pdbx_netI_over_sigmaI        14.00 
_reflns.B_iso_Wilson_estimate        16.90 
_reflns.pdbx_redundancy              7.800 
_reflns.R_free_details               ? 
_reflns.limit_h_max                  ? 
_reflns.limit_h_min                  ? 
_reflns.limit_k_max                  ? 
_reflns.limit_k_min                  ? 
_reflns.limit_l_max                  ? 
_reflns.limit_l_min                  ? 
_reflns.observed_criterion_F_max     ? 
_reflns.observed_criterion_F_min     ? 
_reflns.pdbx_chi_squared             ? 
_reflns.pdbx_scaling_rejects         ? 
_reflns.pdbx_diffrn_id               1 
_reflns.pdbx_ordinal                 1 
# 
_reflns_shell.d_res_high             1.34 
_reflns_shell.d_res_low              1.39 
_reflns_shell.percent_possible_all   96.4 
_reflns_shell.Rmerge_I_obs           0.34000 
_reflns_shell.pdbx_Rsym_value        ? 
_reflns_shell.meanI_over_sigI_obs    2.100 
_reflns_shell.pdbx_redundancy        5.60 
_reflns_shell.percent_possible_obs   ? 
_reflns_shell.number_unique_all      ? 
_reflns_shell.number_measured_all    ? 
_reflns_shell.number_measured_obs    ? 
_reflns_shell.number_unique_obs      ? 
_reflns_shell.pdbx_chi_squared       ? 
_reflns_shell.pdbx_diffrn_id         ? 
_reflns_shell.pdbx_ordinal           1 
# 
_refine.pdbx_refine_id                           'X-RAY DIFFRACTION' 
_refine.entry_id                                 3LHC 
_refine.ls_number_reflns_obs                     21667 
_refine.ls_number_reflns_all                     ? 
_refine.pdbx_ls_sigma_I                          ? 
_refine.pdbx_ls_sigma_F                          ? 
_refine.pdbx_data_cutoff_high_absF               1393553.820 
_refine.pdbx_data_cutoff_low_absF                ? 
_refine.pdbx_data_cutoff_high_rms_absF           ? 
_refine.ls_d_res_low                             36.21 
_refine.ls_d_res_high                            1.34 
_refine.ls_percent_reflns_obs                    92.9 
_refine.ls_R_factor_obs                          0.199 
_refine.ls_R_factor_all                          ? 
_refine.ls_R_factor_R_work                       0.199 
_refine.ls_R_factor_R_free                       0.221 
_refine.ls_R_factor_R_free_error                 0.005 
_refine.ls_R_factor_R_free_error_details         ? 
_refine.ls_percent_reflns_R_free                 10.000 
_refine.ls_number_reflns_R_free                  2158 
_refine.ls_number_parameters                     ? 
_refine.ls_number_restraints                     ? 
_refine.occupancy_min                            ? 
_refine.occupancy_max                            ? 
_refine.correlation_coeff_Fo_to_Fc               ? 
_refine.correlation_coeff_Fo_to_Fc_free          ? 
_refine.B_iso_mean                               15.30 
_refine.aniso_B[1][1]                            0.88000 
_refine.aniso_B[2][2]                            0.88000 
_refine.aniso_B[3][3]                            -1.76000 
_refine.aniso_B[1][2]                            0.00000 
_refine.aniso_B[1][3]                            0.00000 
_refine.aniso_B[2][3]                            0.00000 
_refine.solvent_model_details                    'FLAT MODEL' 
_refine.solvent_model_param_ksol                 0.40 
_refine.solvent_model_param_bsol                 44.14 
_refine.pdbx_solvent_vdw_probe_radii             ? 
_refine.pdbx_solvent_ion_probe_radii             ? 
_refine.pdbx_solvent_shrinkage_radii             ? 
_refine.pdbx_ls_cross_valid_method               THROUGHOUT 
_refine.details                                  'BULK SOLVENT MODEL USED' 
_refine.pdbx_starting_model                      2EZM 
_refine.pdbx_method_to_determine_struct          'MOLECULAR REPLACEMENT' 
_refine.pdbx_isotropic_thermal_model             RESTRAINED 
_refine.pdbx_stereochemistry_target_values       ? 
_refine.pdbx_stereochem_target_val_spec_case     ? 
_refine.pdbx_R_Free_selection_details            RANDOM 
_refine.pdbx_overall_ESU_R                       ? 
_refine.pdbx_overall_ESU_R_Free                  ? 
_refine.overall_SU_ML                            ? 
_refine.pdbx_overall_phase_error                 ? 
_refine.overall_SU_B                             ? 
_refine.ls_redundancy_reflns_obs                 ? 
_refine.B_iso_min                                ? 
_refine.B_iso_max                                ? 
_refine.overall_SU_R_Cruickshank_DPI             ? 
_refine.overall_SU_R_free                        ? 
_refine.ls_wR_factor_R_free                      ? 
_refine.ls_wR_factor_R_work                      ? 
_refine.overall_FOM_free_R_set                   ? 
_refine.overall_FOM_work_R_set                   ? 
_refine.pdbx_diffrn_id                           1 
_refine.pdbx_TLS_residual_ADP_flag               ? 
_refine.pdbx_overall_SU_R_free_Cruickshank_DPI   ? 
_refine.pdbx_overall_SU_R_Blow_DPI               ? 
_refine.pdbx_overall_SU_R_free_Blow_DPI          ? 
# 
_refine_analyze.pdbx_refine_id                  'X-RAY DIFFRACTION' 
_refine_analyze.entry_id                        3LHC 
_refine_analyze.Luzzati_coordinate_error_obs    0.17 
_refine_analyze.Luzzati_sigma_a_obs             0.12 
_refine_analyze.Luzzati_d_res_low_obs           5.00 
_refine_analyze.Luzzati_coordinate_error_free   0.19 
_refine_analyze.Luzzati_sigma_a_free            0.12 
_refine_analyze.Luzzati_d_res_low_free          ? 
_refine_analyze.number_disordered_residues      ? 
_refine_analyze.occupancy_sum_hydrogen          ? 
_refine_analyze.occupancy_sum_non_hydrogen      ? 
_refine_analyze.pdbx_Luzzati_d_res_high_obs     ? 
# 
_refine_hist.pdbx_refine_id                   'X-RAY DIFFRACTION' 
_refine_hist.cycle_id                         LAST 
_refine_hist.pdbx_number_atoms_protein        742 
_refine_hist.pdbx_number_atoms_nucleic_acid   0 
_refine_hist.pdbx_number_atoms_ligand         17 
_refine_hist.number_atoms_solvent             120 
_refine_hist.number_atoms_total               879 
_refine_hist.d_res_high                       1.34 
_refine_hist.d_res_low                        36.21 
# 
loop_
_refine_ls_restr.type 
_refine_ls_restr.dev_ideal 
_refine_ls_restr.dev_ideal_target 
_refine_ls_restr.weight 
_refine_ls_restr.number 
_refine_ls_restr.pdbx_refine_id 
_refine_ls_restr.pdbx_restraint_function 
c_bond_d                0.008 ?     ? ? 'X-RAY DIFFRACTION' ? 
c_bond_d_na             ?     ?     ? ? 'X-RAY DIFFRACTION' ? 
c_bond_d_prot           ?     ?     ? ? 'X-RAY DIFFRACTION' ? 
c_angle_d               ?     ?     ? ? 'X-RAY DIFFRACTION' ? 
c_angle_d_na            ?     ?     ? ? 'X-RAY DIFFRACTION' ? 
c_angle_d_prot          ?     ?     ? ? 'X-RAY DIFFRACTION' ? 
c_angle_deg             1.20  ?     ? ? 'X-RAY DIFFRACTION' ? 
c_angle_deg_na          ?     ?     ? ? 'X-RAY DIFFRACTION' ? 
c_angle_deg_prot        ?     ?     ? ? 'X-RAY DIFFRACTION' ? 
c_dihedral_angle_d      27.20 ?     ? ? 'X-RAY DIFFRACTION' ? 
c_dihedral_angle_d_na   ?     ?     ? ? 'X-RAY DIFFRACTION' ? 
c_dihedral_angle_d_prot ?     ?     ? ? 'X-RAY DIFFRACTION' ? 
c_improper_angle_d      4.06  ?     ? ? 'X-RAY DIFFRACTION' ? 
c_improper_angle_d_na   ?     ?     ? ? 'X-RAY DIFFRACTION' ? 
c_improper_angle_d_prot ?     ?     ? ? 'X-RAY DIFFRACTION' ? 
c_mcbond_it             1.140 1.500 ? ? 'X-RAY DIFFRACTION' ? 
c_mcangle_it            1.640 2.000 ? ? 'X-RAY DIFFRACTION' ? 
c_scbond_it             1.880 2.000 ? ? 'X-RAY DIFFRACTION' ? 
c_scangle_it            2.720 2.500 ? ? 'X-RAY DIFFRACTION' ? 
# 
_refine_ls_restr_ncs.pdbx_refine_id      'X-RAY DIFFRACTION' 
_refine_ls_restr_ncs.dom_id              1 
_refine_ls_restr_ncs.ncs_model_details   NONE 
_refine_ls_restr_ncs.rms_dev_position    ? 
_refine_ls_restr_ncs.weight_position     ? 
_refine_ls_restr_ncs.rms_dev_B_iso       ? 
_refine_ls_restr_ncs.weight_B_iso        ? 
_refine_ls_restr_ncs.pdbx_ordinal        1 
_refine_ls_restr_ncs.pdbx_type           . 
_refine_ls_restr_ncs.pdbx_auth_asym_id   . 
_refine_ls_restr_ncs.pdbx_ens_id         1 
_refine_ls_restr_ncs.pdbx_number         ? 
_refine_ls_restr_ncs.pdbx_asym_id        ? 
_refine_ls_restr_ncs.pdbx_rms            ? 
_refine_ls_restr_ncs.pdbx_weight         ? 
# 
_refine_ls_shell.pdbx_refine_id                   'X-RAY DIFFRACTION' 
_refine_ls_shell.pdbx_total_number_of_bins_used   6 
_refine_ls_shell.d_res_high                       1.34 
_refine_ls_shell.d_res_low                        1.42 
_refine_ls_shell.number_reflns_R_work             3026 
_refine_ls_shell.R_factor_R_work                  0.3220 
_refine_ls_shell.percent_reflns_obs               89.20 
_refine_ls_shell.R_factor_R_free                  0.3140 
_refine_ls_shell.R_factor_R_free_error            0.017 
_refine_ls_shell.percent_reflns_R_free            10.40 
_refine_ls_shell.number_reflns_R_free             350 
_refine_ls_shell.number_reflns_all                ? 
_refine_ls_shell.R_factor_all                     ? 
_refine_ls_shell.redundancy_reflns_obs            ? 
_refine_ls_shell.number_reflns_obs                ? 
# 
loop_
_pdbx_xplor_file.pdbx_refine_id 
_pdbx_xplor_file.serial_no 
_pdbx_xplor_file.param_file 
_pdbx_xplor_file.topol_file 
'X-RAY DIFFRACTION' 1 PROTEIN_REP.PARAM PROTEIN.TOP                               
'X-RAY DIFFRACTION' 2 WATER.PARAM       WATER.TOP                                 
'X-RAY DIFFRACTION' 3 ION.PARAM         'IONS.TOP OTHER REFINEMENT REMARKS: NULL' 
# 
_struct_ncs_dom.id            1 
_struct_ncs_dom.details       ? 
_struct_ncs_dom.pdbx_ens_id   1 
# 
_struct_ncs_ens.id        1 
_struct_ncs_ens.details   ? 
# 
_struct.entry_id                  3LHC 
_struct.title                     'Crystal structure of cyanovirin-n swapping domain b mutant' 
_struct.pdbx_model_details        ? 
_struct.pdbx_CASP_flag            ? 
_struct.pdbx_model_type_details   ? 
# 
_struct_keywords.entry_id        3LHC 
_struct_keywords.pdbx_keywords   'ANTIVIRAL PROTEIN' 
_struct_keywords.text            
'CYANOVIRIN-N, SUGAR BINDING PROTEIN, HIV-INACTIVATING, GP120, ANTIVIRAL PROTEIN, PROTEIN SYNTHESIS INHIBITOR, Lectin' 
# 
loop_
_struct_asym.id 
_struct_asym.pdbx_blank_PDB_chainid_flag 
_struct_asym.pdbx_modified 
_struct_asym.entity_id 
_struct_asym.details 
A N N 1 ? 
B N N 2 ? 
C N N 2 ? 
D N N 3 ? 
E N N 3 ? 
F N N 3 ? 
G N N 4 ? 
# 
_struct_ref.id                         1 
_struct_ref.db_name                    UNP 
_struct_ref.db_code                    CVN_NOSEL 
_struct_ref.pdbx_db_accession          P81180 
_struct_ref.entity_id                  1 
_struct_ref.pdbx_seq_one_letter_code   
;LGKFSQTCYNSAIQGSVLTSTCERTNGGYNTSSIDLNSVIENVDGSLKWQPSNFIETCRNTQLAGSSELAAECKTRAQQF
VSTKINLDDHIANIDGTLKYE
;
_struct_ref.pdbx_align_begin           1 
_struct_ref.pdbx_db_isoform            ? 
# 
_struct_ref_seq.align_id                      1 
_struct_ref_seq.ref_id                        1 
_struct_ref_seq.pdbx_PDB_id_code              3LHC 
_struct_ref_seq.pdbx_strand_id                A 
_struct_ref_seq.seq_align_beg                 1 
_struct_ref_seq.pdbx_seq_align_beg_ins_code   ? 
_struct_ref_seq.seq_align_end                 100 
_struct_ref_seq.pdbx_seq_align_end_ins_code   ? 
_struct_ref_seq.pdbx_db_accession             P81180 
_struct_ref_seq.db_align_beg                  1 
_struct_ref_seq.pdbx_db_align_beg_ins_code    ? 
_struct_ref_seq.db_align_end                  101 
_struct_ref_seq.pdbx_db_align_end_ins_code    ? 
_struct_ref_seq.pdbx_auth_seq_align_beg       1 
_struct_ref_seq.pdbx_auth_seq_align_end       100 
# 
loop_
_struct_ref_seq_dif.align_id 
_struct_ref_seq_dif.pdbx_pdb_id_code 
_struct_ref_seq_dif.mon_id 
_struct_ref_seq_dif.pdbx_pdb_strand_id 
_struct_ref_seq_dif.seq_num 
_struct_ref_seq_dif.pdbx_pdb_ins_code 
_struct_ref_seq_dif.pdbx_seq_db_name 
_struct_ref_seq_dif.pdbx_seq_db_accession_code 
_struct_ref_seq_dif.db_mon_id 
_struct_ref_seq_dif.pdbx_seq_db_seq_num 
_struct_ref_seq_dif.details 
_struct_ref_seq_dif.pdbx_auth_seq_num 
_struct_ref_seq_dif.pdbx_ordinal 
1 3LHC ALA A 41 ? UNP P81180 GLU 41 'engineered mutation' 41 1 
1 3LHC ALA A 42 ? UNP P81180 ASN 42 'engineered mutation' 42 2 
1 3LHC ?   A ?  ? UNP P81180 GLN 50 deletion              ?  3 
1 3LHC ALA A 56 ? UNP P81180 THR 57 'engineered mutation' 56 4 
1 3LHC ALA A 75 ? UNP P81180 ARG 76 'engineered mutation' 75 5 
1 3LHC GLY A 77 ? UNP P81180 GLN 78 'engineered mutation' 77 6 
# 
_pdbx_struct_assembly.id                   1 
_pdbx_struct_assembly.details              author_and_software_defined_assembly 
_pdbx_struct_assembly.method_details       PISA 
_pdbx_struct_assembly.oligomeric_details   dimeric 
_pdbx_struct_assembly.oligomeric_count     2 
# 
loop_
_pdbx_struct_assembly_prop.biol_id 
_pdbx_struct_assembly_prop.type 
_pdbx_struct_assembly_prop.value 
_pdbx_struct_assembly_prop.details 
1 'ABSA (A^2)' 7790  ? 
1 MORE         -104  ? 
1 'SSA (A^2)'  10570 ? 
# 
_pdbx_struct_assembly_gen.assembly_id       1 
_pdbx_struct_assembly_gen.oper_expression   1,2 
_pdbx_struct_assembly_gen.asym_id_list      A,B,C,D,E,F,G 
# 
loop_
_pdbx_struct_oper_list.id 
_pdbx_struct_oper_list.type 
_pdbx_struct_oper_list.name 
_pdbx_struct_oper_list.symmetry_operation 
_pdbx_struct_oper_list.matrix[1][1] 
_pdbx_struct_oper_list.matrix[1][2] 
_pdbx_struct_oper_list.matrix[1][3] 
_pdbx_struct_oper_list.vector[1] 
_pdbx_struct_oper_list.matrix[2][1] 
_pdbx_struct_oper_list.matrix[2][2] 
_pdbx_struct_oper_list.matrix[2][3] 
_pdbx_struct_oper_list.vector[2] 
_pdbx_struct_oper_list.matrix[3][1] 
_pdbx_struct_oper_list.matrix[3][2] 
_pdbx_struct_oper_list.matrix[3][3] 
_pdbx_struct_oper_list.vector[3] 
1 'identity operation'         1_555 x,y,z          1.0000000000  0.0000000000  0.0000000000 0.0000000000 0.0000000000  1.0000000000  0.0000000000  0.0000000000 0.0000000000 0.0000000000  1.0000000000  0.0000000000  
2 'crystal symmetry operation' 6_555 -x,-x+y,-z+2/3 -0.5296395669 -0.5177864279 0.6718475603 4.8072608632 -0.5177864279 -0.4300056594 -0.7395893104 1.7890455941 0.6718475603 -0.7395893104 -0.0403547737 -1.9867628510 
# 
_struct_biol.id        1 
_struct_biol.details   ? 
# 
loop_
_struct_conf.conf_type_id 
_struct_conf.id 
_struct_conf.pdbx_PDB_helix_id 
_struct_conf.beg_label_comp_id 
_struct_conf.beg_label_asym_id 
_struct_conf.beg_label_seq_id 
_struct_conf.pdbx_beg_PDB_ins_code 
_struct_conf.end_label_comp_id 
_struct_conf.end_label_asym_id 
_struct_conf.end_label_seq_id 
_struct_conf.pdbx_end_PDB_ins_code 
_struct_conf.beg_auth_comp_id 
_struct_conf.beg_auth_asym_id 
_struct_conf.beg_auth_seq_id 
_struct_conf.end_auth_comp_id 
_struct_conf.end_auth_asym_id 
_struct_conf.end_auth_seq_id 
_struct_conf.pdbx_PDB_helix_class 
_struct_conf.details 
_struct_conf.pdbx_PDB_helix_length 
HELX_P HELX_P1 1 LYS A 3  ? GLN A 6  ? LYS A 3  GLN A 6  5 ? 4 
HELX_P HELX_P2 2 ASN A 52 ? GLU A 55 ? ASN A 52 GLU A 55 5 ? 4 
# 
_struct_conf_type.id          HELX_P 
_struct_conf_type.criteria    ? 
_struct_conf_type.reference   ? 
# 
loop_
_struct_conn.id 
_struct_conn.conn_type_id 
_struct_conn.pdbx_leaving_atom_flag 
_struct_conn.pdbx_PDB_id 
_struct_conn.ptnr1_label_asym_id 
_struct_conn.ptnr1_label_comp_id 
_struct_conn.ptnr1_label_seq_id 
_struct_conn.ptnr1_label_atom_id 
_struct_conn.pdbx_ptnr1_label_alt_id 
_struct_conn.pdbx_ptnr1_PDB_ins_code 
_struct_conn.pdbx_ptnr1_standard_comp_id 
_struct_conn.ptnr1_symmetry 
_struct_conn.ptnr2_label_asym_id 
_struct_conn.ptnr2_label_comp_id 
_struct_conn.ptnr2_label_seq_id 
_struct_conn.ptnr2_label_atom_id 
_struct_conn.pdbx_ptnr2_label_alt_id 
_struct_conn.pdbx_ptnr2_PDB_ins_code 
_struct_conn.ptnr1_auth_asym_id 
_struct_conn.ptnr1_auth_comp_id 
_struct_conn.ptnr1_auth_seq_id 
_struct_conn.ptnr2_auth_asym_id 
_struct_conn.ptnr2_auth_comp_id 
_struct_conn.ptnr2_auth_seq_id 
_struct_conn.ptnr2_symmetry 
_struct_conn.pdbx_ptnr3_label_atom_id 
_struct_conn.pdbx_ptnr3_label_seq_id 
_struct_conn.pdbx_ptnr3_label_comp_id 
_struct_conn.pdbx_ptnr3_label_asym_id 
_struct_conn.pdbx_ptnr3_label_alt_id 
_struct_conn.pdbx_ptnr3_PDB_ins_code 
_struct_conn.details 
_struct_conn.pdbx_dist_value 
_struct_conn.pdbx_value_order 
_struct_conn.pdbx_role 
disulf1 disulf ? ? A CYS 8   SG  ? ? ? 1_555 A CYS 22 SG ? ? A CYS 8   A CYS 22  1_555 ? ? ? ? ? ? ? 2.035 ? ? 
disulf2 disulf ? ? A CYS 57  SG  ? ? ? 1_555 A CYS 72 SG A ? A CYS 57  A CYS 72  1_555 ? ? ? ? ? ? ? 2.024 ? ? 
metalc1 metalc ? ? A GLU 100 OE1 ? ? ? 1_555 C NA  .  NA ? ? A GLU 100 A NA  222 1_555 ? ? ? ? ? ? ? 2.803 ? ? 
metalc2 metalc ? ? A GLU 100 OE2 ? ? ? 1_555 C NA  .  NA ? ? A GLU 100 A NA  222 1_555 ? ? ? ? ? ? ? 3.072 ? ? 
metalc3 metalc ? ? G HOH .   O   ? ? ? 1_555 B NA  .  NA ? ? A HOH 111 A NA  221 1_555 ? ? ? ? ? ? ? 2.923 ? ? 
# 
loop_
_struct_conn_type.id 
_struct_conn_type.criteria 
_struct_conn_type.reference 
disulf ? ? 
metalc ? ? 
# 
_pdbx_struct_conn_angle.id                    1 
_pdbx_struct_conn_angle.ptnr1_label_atom_id   OE1 
_pdbx_struct_conn_angle.ptnr1_label_alt_id    ? 
_pdbx_struct_conn_angle.ptnr1_label_asym_id   A 
_pdbx_struct_conn_angle.ptnr1_label_comp_id   GLU 
_pdbx_struct_conn_angle.ptnr1_label_seq_id    100 
_pdbx_struct_conn_angle.ptnr1_auth_atom_id    ? 
_pdbx_struct_conn_angle.ptnr1_auth_asym_id    A 
_pdbx_struct_conn_angle.ptnr1_auth_comp_id    GLU 
_pdbx_struct_conn_angle.ptnr1_auth_seq_id     100 
_pdbx_struct_conn_angle.ptnr1_PDB_ins_code    ? 
_pdbx_struct_conn_angle.ptnr1_symmetry        1_555 
_pdbx_struct_conn_angle.ptnr2_label_atom_id   NA 
_pdbx_struct_conn_angle.ptnr2_label_alt_id    ? 
_pdbx_struct_conn_angle.ptnr2_label_asym_id   C 
_pdbx_struct_conn_angle.ptnr2_label_comp_id   NA 
_pdbx_struct_conn_angle.ptnr2_label_seq_id    . 
_pdbx_struct_conn_angle.ptnr2_auth_atom_id    ? 
_pdbx_struct_conn_angle.ptnr2_auth_asym_id    A 
_pdbx_struct_conn_angle.ptnr2_auth_comp_id    NA 
_pdbx_struct_conn_angle.ptnr2_auth_seq_id     222 
_pdbx_struct_conn_angle.ptnr2_PDB_ins_code    ? 
_pdbx_struct_conn_angle.ptnr2_symmetry        1_555 
_pdbx_struct_conn_angle.ptnr3_label_atom_id   OE2 
_pdbx_struct_conn_angle.ptnr3_label_alt_id    ? 
_pdbx_struct_conn_angle.ptnr3_label_asym_id   A 
_pdbx_struct_conn_angle.ptnr3_label_comp_id   GLU 
_pdbx_struct_conn_angle.ptnr3_label_seq_id    100 
_pdbx_struct_conn_angle.ptnr3_auth_atom_id    ? 
_pdbx_struct_conn_angle.ptnr3_auth_asym_id    A 
_pdbx_struct_conn_angle.ptnr3_auth_comp_id    GLU 
_pdbx_struct_conn_angle.ptnr3_auth_seq_id     100 
_pdbx_struct_conn_angle.ptnr3_PDB_ins_code    ? 
_pdbx_struct_conn_angle.ptnr3_symmetry        1_555 
_pdbx_struct_conn_angle.value                 43.3 
_pdbx_struct_conn_angle.value_esd             ? 
# 
loop_
_pdbx_modification_feature.ordinal 
_pdbx_modification_feature.label_comp_id 
_pdbx_modification_feature.label_asym_id 
_pdbx_modification_feature.label_seq_id 
_pdbx_modification_feature.label_alt_id 
_pdbx_modification_feature.modified_residue_label_comp_id 
_pdbx_modification_feature.modified_residue_label_asym_id 
_pdbx_modification_feature.modified_residue_label_seq_id 
_pdbx_modification_feature.modified_residue_label_alt_id 
_pdbx_modification_feature.auth_comp_id 
_pdbx_modification_feature.auth_asym_id 
_pdbx_modification_feature.auth_seq_id 
_pdbx_modification_feature.PDB_ins_code 
_pdbx_modification_feature.symmetry 
_pdbx_modification_feature.modified_residue_auth_comp_id 
_pdbx_modification_feature.modified_residue_auth_asym_id 
_pdbx_modification_feature.modified_residue_auth_seq_id 
_pdbx_modification_feature.modified_residue_PDB_ins_code 
_pdbx_modification_feature.modified_residue_symmetry 
_pdbx_modification_feature.comp_id_linking_atom 
_pdbx_modification_feature.modified_residue_id_linking_atom 
_pdbx_modification_feature.modified_residue_id 
_pdbx_modification_feature.ref_pcm_id 
_pdbx_modification_feature.ref_comp_id 
_pdbx_modification_feature.type 
_pdbx_modification_feature.category 
1 CYS A 8  ? CYS A 22 ? CYS A 8  ? 1_555 CYS A 22 ? 1_555 SG SG . . . None 'Disulfide bridge' 
2 CYS A 57 ? CYS A 72 A CYS A 57 ? 1_555 CYS A 72 ? 1_555 SG SG . . . None 'Disulfide bridge' 
# 
loop_
_struct_sheet.id 
_struct_sheet.type 
_struct_sheet.number_strands 
_struct_sheet.details 
A ? 3 ? 
B ? 2 ? 
C ? 3 ? 
D ? 2 ? 
# 
loop_
_struct_sheet_order.sheet_id 
_struct_sheet_order.range_id_1 
_struct_sheet_order.range_id_2 
_struct_sheet_order.offset 
_struct_sheet_order.sense 
A 1 2 ? anti-parallel 
A 2 3 ? anti-parallel 
B 1 2 ? anti-parallel 
C 1 2 ? anti-parallel 
C 2 3 ? anti-parallel 
D 1 2 ? anti-parallel 
# 
loop_
_struct_sheet_range.sheet_id 
_struct_sheet_range.id 
_struct_sheet_range.beg_label_comp_id 
_struct_sheet_range.beg_label_asym_id 
_struct_sheet_range.beg_label_seq_id 
_struct_sheet_range.pdbx_beg_PDB_ins_code 
_struct_sheet_range.end_label_comp_id 
_struct_sheet_range.end_label_asym_id 
_struct_sheet_range.end_label_seq_id 
_struct_sheet_range.pdbx_end_PDB_ins_code 
_struct_sheet_range.beg_auth_comp_id 
_struct_sheet_range.beg_auth_asym_id 
_struct_sheet_range.beg_auth_seq_id 
_struct_sheet_range.end_auth_comp_id 
_struct_sheet_range.end_auth_asym_id 
_struct_sheet_range.end_auth_seq_id 
A 1 CYS A 8  ? GLN A 14 ? CYS A 8  GLN A 14 
A 2 VAL A 17 ? GLU A 23 ? VAL A 17 GLU A 23 
A 3 TYR A 29 ? ASP A 35 ? TYR A 29 ASP A 35 
B 1 ALA A 41 ? VAL A 43 ? ALA A 41 VAL A 43 
B 2 SER A 46 ? LYS A 48 ? SER A 46 LYS A 48 
C 1 CYS A 57 ? ALA A 63 ? CYS A 57 ALA A 63 
C 2 GLU A 67 ? LYS A 73 ? GLU A 67 LYS A 73 
C 3 PHE A 79 ? ASN A 85 ? PHE A 79 ASN A 85 
D 1 ILE A 90 ? ILE A 93 ? ILE A 90 ILE A 93 
D 2 THR A 96 ? TYR A 99 ? THR A 96 TYR A 99 
# 
loop_
_pdbx_struct_sheet_hbond.sheet_id 
_pdbx_struct_sheet_hbond.range_id_1 
_pdbx_struct_sheet_hbond.range_id_2 
_pdbx_struct_sheet_hbond.range_1_label_atom_id 
_pdbx_struct_sheet_hbond.range_1_label_comp_id 
_pdbx_struct_sheet_hbond.range_1_label_asym_id 
_pdbx_struct_sheet_hbond.range_1_label_seq_id 
_pdbx_struct_sheet_hbond.range_1_PDB_ins_code 
_pdbx_struct_sheet_hbond.range_1_auth_atom_id 
_pdbx_struct_sheet_hbond.range_1_auth_comp_id 
_pdbx_struct_sheet_hbond.range_1_auth_asym_id 
_pdbx_struct_sheet_hbond.range_1_auth_seq_id 
_pdbx_struct_sheet_hbond.range_2_label_atom_id 
_pdbx_struct_sheet_hbond.range_2_label_comp_id 
_pdbx_struct_sheet_hbond.range_2_label_asym_id 
_pdbx_struct_sheet_hbond.range_2_label_seq_id 
_pdbx_struct_sheet_hbond.range_2_PDB_ins_code 
_pdbx_struct_sheet_hbond.range_2_auth_atom_id 
_pdbx_struct_sheet_hbond.range_2_auth_comp_id 
_pdbx_struct_sheet_hbond.range_2_auth_asym_id 
_pdbx_struct_sheet_hbond.range_2_auth_seq_id 
A 1 2 N ALA A 12 ? N ALA A 12 O THR A 19 ? O THR A 19 
A 2 3 N CYS A 22 ? N CYS A 22 O ASN A 30 ? O ASN A 30 
B 1 2 N VAL A 43 ? N VAL A 43 O SER A 46 ? O SER A 46 
C 1 2 N ALA A 63 ? N ALA A 63 O GLU A 67 ? O GLU A 67 
C 2 3 N LEU A 68 ? N LEU A 68 O ILE A 84 ? O ILE A 84 
D 1 2 N ALA A 91 ? N ALA A 91 O LYS A 98 ? O LYS A 98 
# 
loop_
_struct_site.id 
_struct_site.pdbx_evidence_code 
_struct_site.pdbx_auth_asym_id 
_struct_site.pdbx_auth_comp_id 
_struct_site.pdbx_auth_seq_id 
_struct_site.pdbx_auth_ins_code 
_struct_site.pdbx_num_residues 
_struct_site.details 
AC1 Software A NA  221 ? 5 'BINDING SITE FOR RESIDUE NA A 221'  
AC2 Software A NA  222 ? 5 'BINDING SITE FOR RESIDUE NA A 222'  
AC3 Software A PO4 223 ? 6 'BINDING SITE FOR RESIDUE PO4 A 223' 
AC4 Software A PO4 224 ? 6 'BINDING SITE FOR RESIDUE PO4 A 224' 
AC5 Software A PO4 225 ? 8 'BINDING SITE FOR RESIDUE PO4 A 225' 
# 
loop_
_struct_site_gen.id 
_struct_site_gen.site_id 
_struct_site_gen.pdbx_num_res 
_struct_site_gen.label_comp_id 
_struct_site_gen.label_asym_id 
_struct_site_gen.label_seq_id 
_struct_site_gen.pdbx_auth_ins_code 
_struct_site_gen.auth_comp_id 
_struct_site_gen.auth_asym_id 
_struct_site_gen.auth_seq_id 
_struct_site_gen.label_atom_id 
_struct_site_gen.label_alt_id 
_struct_site_gen.symmetry 
_struct_site_gen.details 
1  AC1 5 GLU A 23  ? GLU A 23  . ? 5_565 ? 
2  AC1 5 TYR A 29  ? TYR A 29  . ? 5_565 ? 
3  AC1 5 ARG A 58  ? ARG A 58  . ? 1_555 ? 
4  AC1 5 ASN A 59  ? ASN A 59  . ? 1_555 ? 
5  AC1 5 HOH G .   ? HOH A 111 . ? 1_555 ? 
6  AC2 5 ALA A 70  ? ALA A 70  . ? 4_566 ? 
7  AC2 5 SER A 81  ? SER A 81  . ? 4_566 ? 
8  AC2 5 THR A 82  ? THR A 82  . ? 4_566 ? 
9  AC2 5 GLU A 100 ? GLU A 100 . ? 1_555 ? 
10 AC2 5 HOH G .   ? HOH A 130 . ? 4_566 ? 
11 AC3 6 LEU A 1   ? LEU A 1   . ? 1_555 ? 
12 AC3 6 ASN A 59  ? ASN A 59  . ? 2_564 ? 
13 AC3 6 GLN A 61  ? GLN A 61  . ? 2_564 ? 
14 AC3 6 HOH G .   ? HOH A 155 . ? 6_555 ? 
15 AC3 6 HOH G .   ? HOH A 197 . ? 2_564 ? 
16 AC3 6 HOH G .   ? HOH A 215 . ? 1_555 ? 
17 AC4 6 GLN A 6   ? GLN A 6   . ? 3_565 ? 
18 AC4 6 ASP A 35  ? ASP A 35  . ? 1_555 ? 
19 AC4 6 ASN A 37  ? ASN A 37  . ? 1_555 ? 
20 AC4 6 HOH G .   ? HOH A 184 . ? 3_565 ? 
21 AC4 6 HOH G .   ? HOH A 198 . ? 4_566 ? 
22 AC4 6 HOH G .   ? HOH A 199 . ? 4_566 ? 
23 AC5 8 TRP A 49  ? TRP A 49  . ? 1_555 ? 
24 AC5 8 PRO A 50  ? PRO A 50  . ? 1_555 ? 
25 AC5 8 SER A 51  ? SER A 51  . ? 1_555 ? 
26 AC5 8 GLU A 55  ? GLU A 55  . ? 1_555 ? 
27 AC5 8 HIS A 89  ? HIS A 89  . ? 6_555 ? 
28 AC5 8 TYR A 99  ? TYR A 99  . ? 6_555 ? 
29 AC5 8 HOH G .   ? HOH A 139 . ? 6_555 ? 
30 AC5 8 HOH G .   ? HOH A 195 . ? 1_555 ? 
# 
_pdbx_entry_details.entry_id                   3LHC 
_pdbx_entry_details.compound_details           ? 
_pdbx_entry_details.source_details             ? 
_pdbx_entry_details.nonpolymer_details         ? 
_pdbx_entry_details.sequence_details           ? 
_pdbx_entry_details.has_ligand_of_interest     ? 
_pdbx_entry_details.has_protein_modification   Y 
# 
loop_
_pdbx_validate_torsion.id 
_pdbx_validate_torsion.PDB_model_num 
_pdbx_validate_torsion.auth_comp_id 
_pdbx_validate_torsion.auth_asym_id 
_pdbx_validate_torsion.auth_seq_id 
_pdbx_validate_torsion.PDB_ins_code 
_pdbx_validate_torsion.label_alt_id 
_pdbx_validate_torsion.phi 
_pdbx_validate_torsion.psi 
1 1 SER A 51 ? B 66.10   148.89 
2 1 HIS A 89 ? ? -142.58 -9.08  
# 
_pdbx_struct_special_symmetry.id              1 
_pdbx_struct_special_symmetry.PDB_model_num   1 
_pdbx_struct_special_symmetry.auth_asym_id    A 
_pdbx_struct_special_symmetry.auth_comp_id    HOH 
_pdbx_struct_special_symmetry.auth_seq_id     108 
_pdbx_struct_special_symmetry.PDB_ins_code    ? 
_pdbx_struct_special_symmetry.label_asym_id   G 
_pdbx_struct_special_symmetry.label_comp_id   HOH 
_pdbx_struct_special_symmetry.label_seq_id    . 
# 
loop_
_chem_comp_atom.comp_id 
_chem_comp_atom.atom_id 
_chem_comp_atom.type_symbol 
_chem_comp_atom.pdbx_aromatic_flag 
_chem_comp_atom.pdbx_stereo_config 
_chem_comp_atom.pdbx_ordinal 
ALA N    N  N N 1   
ALA CA   C  N S 2   
ALA C    C  N N 3   
ALA O    O  N N 4   
ALA CB   C  N N 5   
ALA OXT  O  N N 6   
ALA H    H  N N 7   
ALA H2   H  N N 8   
ALA HA   H  N N 9   
ALA HB1  H  N N 10  
ALA HB2  H  N N 11  
ALA HB3  H  N N 12  
ALA HXT  H  N N 13  
ARG N    N  N N 14  
ARG CA   C  N S 15  
ARG C    C  N N 16  
ARG O    O  N N 17  
ARG CB   C  N N 18  
ARG CG   C  N N 19  
ARG CD   C  N N 20  
ARG NE   N  N N 21  
ARG CZ   C  N N 22  
ARG NH1  N  N N 23  
ARG NH2  N  N N 24  
ARG OXT  O  N N 25  
ARG H    H  N N 26  
ARG H2   H  N N 27  
ARG HA   H  N N 28  
ARG HB2  H  N N 29  
ARG HB3  H  N N 30  
ARG HG2  H  N N 31  
ARG HG3  H  N N 32  
ARG HD2  H  N N 33  
ARG HD3  H  N N 34  
ARG HE   H  N N 35  
ARG HH11 H  N N 36  
ARG HH12 H  N N 37  
ARG HH21 H  N N 38  
ARG HH22 H  N N 39  
ARG HXT  H  N N 40  
ASN N    N  N N 41  
ASN CA   C  N S 42  
ASN C    C  N N 43  
ASN O    O  N N 44  
ASN CB   C  N N 45  
ASN CG   C  N N 46  
ASN OD1  O  N N 47  
ASN ND2  N  N N 48  
ASN OXT  O  N N 49  
ASN H    H  N N 50  
ASN H2   H  N N 51  
ASN HA   H  N N 52  
ASN HB2  H  N N 53  
ASN HB3  H  N N 54  
ASN HD21 H  N N 55  
ASN HD22 H  N N 56  
ASN HXT  H  N N 57  
ASP N    N  N N 58  
ASP CA   C  N S 59  
ASP C    C  N N 60  
ASP O    O  N N 61  
ASP CB   C  N N 62  
ASP CG   C  N N 63  
ASP OD1  O  N N 64  
ASP OD2  O  N N 65  
ASP OXT  O  N N 66  
ASP H    H  N N 67  
ASP H2   H  N N 68  
ASP HA   H  N N 69  
ASP HB2  H  N N 70  
ASP HB3  H  N N 71  
ASP HD2  H  N N 72  
ASP HXT  H  N N 73  
CYS N    N  N N 74  
CYS CA   C  N R 75  
CYS C    C  N N 76  
CYS O    O  N N 77  
CYS CB   C  N N 78  
CYS SG   S  N N 79  
CYS OXT  O  N N 80  
CYS H    H  N N 81  
CYS H2   H  N N 82  
CYS HA   H  N N 83  
CYS HB2  H  N N 84  
CYS HB3  H  N N 85  
CYS HG   H  N N 86  
CYS HXT  H  N N 87  
GLN N    N  N N 88  
GLN CA   C  N S 89  
GLN C    C  N N 90  
GLN O    O  N N 91  
GLN CB   C  N N 92  
GLN CG   C  N N 93  
GLN CD   C  N N 94  
GLN OE1  O  N N 95  
GLN NE2  N  N N 96  
GLN OXT  O  N N 97  
GLN H    H  N N 98  
GLN H2   H  N N 99  
GLN HA   H  N N 100 
GLN HB2  H  N N 101 
GLN HB3  H  N N 102 
GLN HG2  H  N N 103 
GLN HG3  H  N N 104 
GLN HE21 H  N N 105 
GLN HE22 H  N N 106 
GLN HXT  H  N N 107 
GLU N    N  N N 108 
GLU CA   C  N S 109 
GLU C    C  N N 110 
GLU O    O  N N 111 
GLU CB   C  N N 112 
GLU CG   C  N N 113 
GLU CD   C  N N 114 
GLU OE1  O  N N 115 
GLU OE2  O  N N 116 
GLU OXT  O  N N 117 
GLU H    H  N N 118 
GLU H2   H  N N 119 
GLU HA   H  N N 120 
GLU HB2  H  N N 121 
GLU HB3  H  N N 122 
GLU HG2  H  N N 123 
GLU HG3  H  N N 124 
GLU HE2  H  N N 125 
GLU HXT  H  N N 126 
GLY N    N  N N 127 
GLY CA   C  N N 128 
GLY C    C  N N 129 
GLY O    O  N N 130 
GLY OXT  O  N N 131 
GLY H    H  N N 132 
GLY H2   H  N N 133 
GLY HA2  H  N N 134 
GLY HA3  H  N N 135 
GLY HXT  H  N N 136 
HIS N    N  N N 137 
HIS CA   C  N S 138 
HIS C    C  N N 139 
HIS O    O  N N 140 
HIS CB   C  N N 141 
HIS CG   C  Y N 142 
HIS ND1  N  Y N 143 
HIS CD2  C  Y N 144 
HIS CE1  C  Y N 145 
HIS NE2  N  Y N 146 
HIS OXT  O  N N 147 
HIS H    H  N N 148 
HIS H2   H  N N 149 
HIS HA   H  N N 150 
HIS HB2  H  N N 151 
HIS HB3  H  N N 152 
HIS HD1  H  N N 153 
HIS HD2  H  N N 154 
HIS HE1  H  N N 155 
HIS HE2  H  N N 156 
HIS HXT  H  N N 157 
HOH O    O  N N 158 
HOH H1   H  N N 159 
HOH H2   H  N N 160 
ILE N    N  N N 161 
ILE CA   C  N S 162 
ILE C    C  N N 163 
ILE O    O  N N 164 
ILE CB   C  N S 165 
ILE CG1  C  N N 166 
ILE CG2  C  N N 167 
ILE CD1  C  N N 168 
ILE OXT  O  N N 169 
ILE H    H  N N 170 
ILE H2   H  N N 171 
ILE HA   H  N N 172 
ILE HB   H  N N 173 
ILE HG12 H  N N 174 
ILE HG13 H  N N 175 
ILE HG21 H  N N 176 
ILE HG22 H  N N 177 
ILE HG23 H  N N 178 
ILE HD11 H  N N 179 
ILE HD12 H  N N 180 
ILE HD13 H  N N 181 
ILE HXT  H  N N 182 
LEU N    N  N N 183 
LEU CA   C  N S 184 
LEU C    C  N N 185 
LEU O    O  N N 186 
LEU CB   C  N N 187 
LEU CG   C  N N 188 
LEU CD1  C  N N 189 
LEU CD2  C  N N 190 
LEU OXT  O  N N 191 
LEU H    H  N N 192 
LEU H2   H  N N 193 
LEU HA   H  N N 194 
LEU HB2  H  N N 195 
LEU HB3  H  N N 196 
LEU HG   H  N N 197 
LEU HD11 H  N N 198 
LEU HD12 H  N N 199 
LEU HD13 H  N N 200 
LEU HD21 H  N N 201 
LEU HD22 H  N N 202 
LEU HD23 H  N N 203 
LEU HXT  H  N N 204 
LYS N    N  N N 205 
LYS CA   C  N S 206 
LYS C    C  N N 207 
LYS O    O  N N 208 
LYS CB   C  N N 209 
LYS CG   C  N N 210 
LYS CD   C  N N 211 
LYS CE   C  N N 212 
LYS NZ   N  N N 213 
LYS OXT  O  N N 214 
LYS H    H  N N 215 
LYS H2   H  N N 216 
LYS HA   H  N N 217 
LYS HB2  H  N N 218 
LYS HB3  H  N N 219 
LYS HG2  H  N N 220 
LYS HG3  H  N N 221 
LYS HD2  H  N N 222 
LYS HD3  H  N N 223 
LYS HE2  H  N N 224 
LYS HE3  H  N N 225 
LYS HZ1  H  N N 226 
LYS HZ2  H  N N 227 
LYS HZ3  H  N N 228 
LYS HXT  H  N N 229 
NA  NA   NA N N 230 
PHE N    N  N N 231 
PHE CA   C  N S 232 
PHE C    C  N N 233 
PHE O    O  N N 234 
PHE CB   C  N N 235 
PHE CG   C  Y N 236 
PHE CD1  C  Y N 237 
PHE CD2  C  Y N 238 
PHE CE1  C  Y N 239 
PHE CE2  C  Y N 240 
PHE CZ   C  Y N 241 
PHE OXT  O  N N 242 
PHE H    H  N N 243 
PHE H2   H  N N 244 
PHE HA   H  N N 245 
PHE HB2  H  N N 246 
PHE HB3  H  N N 247 
PHE HD1  H  N N 248 
PHE HD2  H  N N 249 
PHE HE1  H  N N 250 
PHE HE2  H  N N 251 
PHE HZ   H  N N 252 
PHE HXT  H  N N 253 
PO4 P    P  N N 254 
PO4 O1   O  N N 255 
PO4 O2   O  N N 256 
PO4 O3   O  N N 257 
PO4 O4   O  N N 258 
PRO N    N  N N 259 
PRO CA   C  N S 260 
PRO C    C  N N 261 
PRO O    O  N N 262 
PRO CB   C  N N 263 
PRO CG   C  N N 264 
PRO CD   C  N N 265 
PRO OXT  O  N N 266 
PRO H    H  N N 267 
PRO HA   H  N N 268 
PRO HB2  H  N N 269 
PRO HB3  H  N N 270 
PRO HG2  H  N N 271 
PRO HG3  H  N N 272 
PRO HD2  H  N N 273 
PRO HD3  H  N N 274 
PRO HXT  H  N N 275 
SER N    N  N N 276 
SER CA   C  N S 277 
SER C    C  N N 278 
SER O    O  N N 279 
SER CB   C  N N 280 
SER OG   O  N N 281 
SER OXT  O  N N 282 
SER H    H  N N 283 
SER H2   H  N N 284 
SER HA   H  N N 285 
SER HB2  H  N N 286 
SER HB3  H  N N 287 
SER HG   H  N N 288 
SER HXT  H  N N 289 
THR N    N  N N 290 
THR CA   C  N S 291 
THR C    C  N N 292 
THR O    O  N N 293 
THR CB   C  N R 294 
THR OG1  O  N N 295 
THR CG2  C  N N 296 
THR OXT  O  N N 297 
THR H    H  N N 298 
THR H2   H  N N 299 
THR HA   H  N N 300 
THR HB   H  N N 301 
THR HG1  H  N N 302 
THR HG21 H  N N 303 
THR HG22 H  N N 304 
THR HG23 H  N N 305 
THR HXT  H  N N 306 
TRP N    N  N N 307 
TRP CA   C  N S 308 
TRP C    C  N N 309 
TRP O    O  N N 310 
TRP CB   C  N N 311 
TRP CG   C  Y N 312 
TRP CD1  C  Y N 313 
TRP CD2  C  Y N 314 
TRP NE1  N  Y N 315 
TRP CE2  C  Y N 316 
TRP CE3  C  Y N 317 
TRP CZ2  C  Y N 318 
TRP CZ3  C  Y N 319 
TRP CH2  C  Y N 320 
TRP OXT  O  N N 321 
TRP H    H  N N 322 
TRP H2   H  N N 323 
TRP HA   H  N N 324 
TRP HB2  H  N N 325 
TRP HB3  H  N N 326 
TRP HD1  H  N N 327 
TRP HE1  H  N N 328 
TRP HE3  H  N N 329 
TRP HZ2  H  N N 330 
TRP HZ3  H  N N 331 
TRP HH2  H  N N 332 
TRP HXT  H  N N 333 
TYR N    N  N N 334 
TYR CA   C  N S 335 
TYR C    C  N N 336 
TYR O    O  N N 337 
TYR CB   C  N N 338 
TYR CG   C  Y N 339 
TYR CD1  C  Y N 340 
TYR CD2  C  Y N 341 
TYR CE1  C  Y N 342 
TYR CE2  C  Y N 343 
TYR CZ   C  Y N 344 
TYR OH   O  N N 345 
TYR OXT  O  N N 346 
TYR H    H  N N 347 
TYR H2   H  N N 348 
TYR HA   H  N N 349 
TYR HB2  H  N N 350 
TYR HB3  H  N N 351 
TYR HD1  H  N N 352 
TYR HD2  H  N N 353 
TYR HE1  H  N N 354 
TYR HE2  H  N N 355 
TYR HH   H  N N 356 
TYR HXT  H  N N 357 
VAL N    N  N N 358 
VAL CA   C  N S 359 
VAL C    C  N N 360 
VAL O    O  N N 361 
VAL CB   C  N N 362 
VAL CG1  C  N N 363 
VAL CG2  C  N N 364 
VAL OXT  O  N N 365 
VAL H    H  N N 366 
VAL H2   H  N N 367 
VAL HA   H  N N 368 
VAL HB   H  N N 369 
VAL HG11 H  N N 370 
VAL HG12 H  N N 371 
VAL HG13 H  N N 372 
VAL HG21 H  N N 373 
VAL HG22 H  N N 374 
VAL HG23 H  N N 375 
VAL HXT  H  N N 376 
# 
loop_
_chem_comp_bond.comp_id 
_chem_comp_bond.atom_id_1 
_chem_comp_bond.atom_id_2 
_chem_comp_bond.value_order 
_chem_comp_bond.pdbx_aromatic_flag 
_chem_comp_bond.pdbx_stereo_config 
_chem_comp_bond.pdbx_ordinal 
ALA N   CA   sing N N 1   
ALA N   H    sing N N 2   
ALA N   H2   sing N N 3   
ALA CA  C    sing N N 4   
ALA CA  CB   sing N N 5   
ALA CA  HA   sing N N 6   
ALA C   O    doub N N 7   
ALA C   OXT  sing N N 8   
ALA CB  HB1  sing N N 9   
ALA CB  HB2  sing N N 10  
ALA CB  HB3  sing N N 11  
ALA OXT HXT  sing N N 12  
ARG N   CA   sing N N 13  
ARG N   H    sing N N 14  
ARG N   H2   sing N N 15  
ARG CA  C    sing N N 16  
ARG CA  CB   sing N N 17  
ARG CA  HA   sing N N 18  
ARG C   O    doub N N 19  
ARG C   OXT  sing N N 20  
ARG CB  CG   sing N N 21  
ARG CB  HB2  sing N N 22  
ARG CB  HB3  sing N N 23  
ARG CG  CD   sing N N 24  
ARG CG  HG2  sing N N 25  
ARG CG  HG3  sing N N 26  
ARG CD  NE   sing N N 27  
ARG CD  HD2  sing N N 28  
ARG CD  HD3  sing N N 29  
ARG NE  CZ   sing N N 30  
ARG NE  HE   sing N N 31  
ARG CZ  NH1  sing N N 32  
ARG CZ  NH2  doub N N 33  
ARG NH1 HH11 sing N N 34  
ARG NH1 HH12 sing N N 35  
ARG NH2 HH21 sing N N 36  
ARG NH2 HH22 sing N N 37  
ARG OXT HXT  sing N N 38  
ASN N   CA   sing N N 39  
ASN N   H    sing N N 40  
ASN N   H2   sing N N 41  
ASN CA  C    sing N N 42  
ASN CA  CB   sing N N 43  
ASN CA  HA   sing N N 44  
ASN C   O    doub N N 45  
ASN C   OXT  sing N N 46  
ASN CB  CG   sing N N 47  
ASN CB  HB2  sing N N 48  
ASN CB  HB3  sing N N 49  
ASN CG  OD1  doub N N 50  
ASN CG  ND2  sing N N 51  
ASN ND2 HD21 sing N N 52  
ASN ND2 HD22 sing N N 53  
ASN OXT HXT  sing N N 54  
ASP N   CA   sing N N 55  
ASP N   H    sing N N 56  
ASP N   H2   sing N N 57  
ASP CA  C    sing N N 58  
ASP CA  CB   sing N N 59  
ASP CA  HA   sing N N 60  
ASP C   O    doub N N 61  
ASP C   OXT  sing N N 62  
ASP CB  CG   sing N N 63  
ASP CB  HB2  sing N N 64  
ASP CB  HB3  sing N N 65  
ASP CG  OD1  doub N N 66  
ASP CG  OD2  sing N N 67  
ASP OD2 HD2  sing N N 68  
ASP OXT HXT  sing N N 69  
CYS N   CA   sing N N 70  
CYS N   H    sing N N 71  
CYS N   H2   sing N N 72  
CYS CA  C    sing N N 73  
CYS CA  CB   sing N N 74  
CYS CA  HA   sing N N 75  
CYS C   O    doub N N 76  
CYS C   OXT  sing N N 77  
CYS CB  SG   sing N N 78  
CYS CB  HB2  sing N N 79  
CYS CB  HB3  sing N N 80  
CYS SG  HG   sing N N 81  
CYS OXT HXT  sing N N 82  
GLN N   CA   sing N N 83  
GLN N   H    sing N N 84  
GLN N   H2   sing N N 85  
GLN CA  C    sing N N 86  
GLN CA  CB   sing N N 87  
GLN CA  HA   sing N N 88  
GLN C   O    doub N N 89  
GLN C   OXT  sing N N 90  
GLN CB  CG   sing N N 91  
GLN CB  HB2  sing N N 92  
GLN CB  HB3  sing N N 93  
GLN CG  CD   sing N N 94  
GLN CG  HG2  sing N N 95  
GLN CG  HG3  sing N N 96  
GLN CD  OE1  doub N N 97  
GLN CD  NE2  sing N N 98  
GLN NE2 HE21 sing N N 99  
GLN NE2 HE22 sing N N 100 
GLN OXT HXT  sing N N 101 
GLU N   CA   sing N N 102 
GLU N   H    sing N N 103 
GLU N   H2   sing N N 104 
GLU CA  C    sing N N 105 
GLU CA  CB   sing N N 106 
GLU CA  HA   sing N N 107 
GLU C   O    doub N N 108 
GLU C   OXT  sing N N 109 
GLU CB  CG   sing N N 110 
GLU CB  HB2  sing N N 111 
GLU CB  HB3  sing N N 112 
GLU CG  CD   sing N N 113 
GLU CG  HG2  sing N N 114 
GLU CG  HG3  sing N N 115 
GLU CD  OE1  doub N N 116 
GLU CD  OE2  sing N N 117 
GLU OE2 HE2  sing N N 118 
GLU OXT HXT  sing N N 119 
GLY N   CA   sing N N 120 
GLY N   H    sing N N 121 
GLY N   H2   sing N N 122 
GLY CA  C    sing N N 123 
GLY CA  HA2  sing N N 124 
GLY CA  HA3  sing N N 125 
GLY C   O    doub N N 126 
GLY C   OXT  sing N N 127 
GLY OXT HXT  sing N N 128 
HIS N   CA   sing N N 129 
HIS N   H    sing N N 130 
HIS N   H2   sing N N 131 
HIS CA  C    sing N N 132 
HIS CA  CB   sing N N 133 
HIS CA  HA   sing N N 134 
HIS C   O    doub N N 135 
HIS C   OXT  sing N N 136 
HIS CB  CG   sing N N 137 
HIS CB  HB2  sing N N 138 
HIS CB  HB3  sing N N 139 
HIS CG  ND1  sing Y N 140 
HIS CG  CD2  doub Y N 141 
HIS ND1 CE1  doub Y N 142 
HIS ND1 HD1  sing N N 143 
HIS CD2 NE2  sing Y N 144 
HIS CD2 HD2  sing N N 145 
HIS CE1 NE2  sing Y N 146 
HIS CE1 HE1  sing N N 147 
HIS NE2 HE2  sing N N 148 
HIS OXT HXT  sing N N 149 
HOH O   H1   sing N N 150 
HOH O   H2   sing N N 151 
ILE N   CA   sing N N 152 
ILE N   H    sing N N 153 
ILE N   H2   sing N N 154 
ILE CA  C    sing N N 155 
ILE CA  CB   sing N N 156 
ILE CA  HA   sing N N 157 
ILE C   O    doub N N 158 
ILE C   OXT  sing N N 159 
ILE CB  CG1  sing N N 160 
ILE CB  CG2  sing N N 161 
ILE CB  HB   sing N N 162 
ILE CG1 CD1  sing N N 163 
ILE CG1 HG12 sing N N 164 
ILE CG1 HG13 sing N N 165 
ILE CG2 HG21 sing N N 166 
ILE CG2 HG22 sing N N 167 
ILE CG2 HG23 sing N N 168 
ILE CD1 HD11 sing N N 169 
ILE CD1 HD12 sing N N 170 
ILE CD1 HD13 sing N N 171 
ILE OXT HXT  sing N N 172 
LEU N   CA   sing N N 173 
LEU N   H    sing N N 174 
LEU N   H2   sing N N 175 
LEU CA  C    sing N N 176 
LEU CA  CB   sing N N 177 
LEU CA  HA   sing N N 178 
LEU C   O    doub N N 179 
LEU C   OXT  sing N N 180 
LEU CB  CG   sing N N 181 
LEU CB  HB2  sing N N 182 
LEU CB  HB3  sing N N 183 
LEU CG  CD1  sing N N 184 
LEU CG  CD2  sing N N 185 
LEU CG  HG   sing N N 186 
LEU CD1 HD11 sing N N 187 
LEU CD1 HD12 sing N N 188 
LEU CD1 HD13 sing N N 189 
LEU CD2 HD21 sing N N 190 
LEU CD2 HD22 sing N N 191 
LEU CD2 HD23 sing N N 192 
LEU OXT HXT  sing N N 193 
LYS N   CA   sing N N 194 
LYS N   H    sing N N 195 
LYS N   H2   sing N N 196 
LYS CA  C    sing N N 197 
LYS CA  CB   sing N N 198 
LYS CA  HA   sing N N 199 
LYS C   O    doub N N 200 
LYS C   OXT  sing N N 201 
LYS CB  CG   sing N N 202 
LYS CB  HB2  sing N N 203 
LYS CB  HB3  sing N N 204 
LYS CG  CD   sing N N 205 
LYS CG  HG2  sing N N 206 
LYS CG  HG3  sing N N 207 
LYS CD  CE   sing N N 208 
LYS CD  HD2  sing N N 209 
LYS CD  HD3  sing N N 210 
LYS CE  NZ   sing N N 211 
LYS CE  HE2  sing N N 212 
LYS CE  HE3  sing N N 213 
LYS NZ  HZ1  sing N N 214 
LYS NZ  HZ2  sing N N 215 
LYS NZ  HZ3  sing N N 216 
LYS OXT HXT  sing N N 217 
PHE N   CA   sing N N 218 
PHE N   H    sing N N 219 
PHE N   H2   sing N N 220 
PHE CA  C    sing N N 221 
PHE CA  CB   sing N N 222 
PHE CA  HA   sing N N 223 
PHE C   O    doub N N 224 
PHE C   OXT  sing N N 225 
PHE CB  CG   sing N N 226 
PHE CB  HB2  sing N N 227 
PHE CB  HB3  sing N N 228 
PHE CG  CD1  doub Y N 229 
PHE CG  CD2  sing Y N 230 
PHE CD1 CE1  sing Y N 231 
PHE CD1 HD1  sing N N 232 
PHE CD2 CE2  doub Y N 233 
PHE CD2 HD2  sing N N 234 
PHE CE1 CZ   doub Y N 235 
PHE CE1 HE1  sing N N 236 
PHE CE2 CZ   sing Y N 237 
PHE CE2 HE2  sing N N 238 
PHE CZ  HZ   sing N N 239 
PHE OXT HXT  sing N N 240 
PO4 P   O1   doub N N 241 
PO4 P   O2   sing N N 242 
PO4 P   O3   sing N N 243 
PO4 P   O4   sing N N 244 
PRO N   CA   sing N N 245 
PRO N   CD   sing N N 246 
PRO N   H    sing N N 247 
PRO CA  C    sing N N 248 
PRO CA  CB   sing N N 249 
PRO CA  HA   sing N N 250 
PRO C   O    doub N N 251 
PRO C   OXT  sing N N 252 
PRO CB  CG   sing N N 253 
PRO CB  HB2  sing N N 254 
PRO CB  HB3  sing N N 255 
PRO CG  CD   sing N N 256 
PRO CG  HG2  sing N N 257 
PRO CG  HG3  sing N N 258 
PRO CD  HD2  sing N N 259 
PRO CD  HD3  sing N N 260 
PRO OXT HXT  sing N N 261 
SER N   CA   sing N N 262 
SER N   H    sing N N 263 
SER N   H2   sing N N 264 
SER CA  C    sing N N 265 
SER CA  CB   sing N N 266 
SER CA  HA   sing N N 267 
SER C   O    doub N N 268 
SER C   OXT  sing N N 269 
SER CB  OG   sing N N 270 
SER CB  HB2  sing N N 271 
SER CB  HB3  sing N N 272 
SER OG  HG   sing N N 273 
SER OXT HXT  sing N N 274 
THR N   CA   sing N N 275 
THR N   H    sing N N 276 
THR N   H2   sing N N 277 
THR CA  C    sing N N 278 
THR CA  CB   sing N N 279 
THR CA  HA   sing N N 280 
THR C   O    doub N N 281 
THR C   OXT  sing N N 282 
THR CB  OG1  sing N N 283 
THR CB  CG2  sing N N 284 
THR CB  HB   sing N N 285 
THR OG1 HG1  sing N N 286 
THR CG2 HG21 sing N N 287 
THR CG2 HG22 sing N N 288 
THR CG2 HG23 sing N N 289 
THR OXT HXT  sing N N 290 
TRP N   CA   sing N N 291 
TRP N   H    sing N N 292 
TRP N   H2   sing N N 293 
TRP CA  C    sing N N 294 
TRP CA  CB   sing N N 295 
TRP CA  HA   sing N N 296 
TRP C   O    doub N N 297 
TRP C   OXT  sing N N 298 
TRP CB  CG   sing N N 299 
TRP CB  HB2  sing N N 300 
TRP CB  HB3  sing N N 301 
TRP CG  CD1  doub Y N 302 
TRP CG  CD2  sing Y N 303 
TRP CD1 NE1  sing Y N 304 
TRP CD1 HD1  sing N N 305 
TRP CD2 CE2  doub Y N 306 
TRP CD2 CE3  sing Y N 307 
TRP NE1 CE2  sing Y N 308 
TRP NE1 HE1  sing N N 309 
TRP CE2 CZ2  sing Y N 310 
TRP CE3 CZ3  doub Y N 311 
TRP CE3 HE3  sing N N 312 
TRP CZ2 CH2  doub Y N 313 
TRP CZ2 HZ2  sing N N 314 
TRP CZ3 CH2  sing Y N 315 
TRP CZ3 HZ3  sing N N 316 
TRP CH2 HH2  sing N N 317 
TRP OXT HXT  sing N N 318 
TYR N   CA   sing N N 319 
TYR N   H    sing N N 320 
TYR N   H2   sing N N 321 
TYR CA  C    sing N N 322 
TYR CA  CB   sing N N 323 
TYR CA  HA   sing N N 324 
TYR C   O    doub N N 325 
TYR C   OXT  sing N N 326 
TYR CB  CG   sing N N 327 
TYR CB  HB2  sing N N 328 
TYR CB  HB3  sing N N 329 
TYR CG  CD1  doub Y N 330 
TYR CG  CD2  sing Y N 331 
TYR CD1 CE1  sing Y N 332 
TYR CD1 HD1  sing N N 333 
TYR CD2 CE2  doub Y N 334 
TYR CD2 HD2  sing N N 335 
TYR CE1 CZ   doub Y N 336 
TYR CE1 HE1  sing N N 337 
TYR CE2 CZ   sing Y N 338 
TYR CE2 HE2  sing N N 339 
TYR CZ  OH   sing N N 340 
TYR OH  HH   sing N N 341 
TYR OXT HXT  sing N N 342 
VAL N   CA   sing N N 343 
VAL N   H    sing N N 344 
VAL N   H2   sing N N 345 
VAL CA  C    sing N N 346 
VAL CA  CB   sing N N 347 
VAL CA  HA   sing N N 348 
VAL C   O    doub N N 349 
VAL C   OXT  sing N N 350 
VAL CB  CG1  sing N N 351 
VAL CB  CG2  sing N N 352 
VAL CB  HB   sing N N 353 
VAL CG1 HG11 sing N N 354 
VAL CG1 HG12 sing N N 355 
VAL CG1 HG13 sing N N 356 
VAL CG2 HG21 sing N N 357 
VAL CG2 HG22 sing N N 358 
VAL CG2 HG23 sing N N 359 
VAL OXT HXT  sing N N 360 
# 
_pdbx_initial_refinement_model.id               1 
_pdbx_initial_refinement_model.entity_id_list   ? 
_pdbx_initial_refinement_model.type             'experimental model' 
_pdbx_initial_refinement_model.source_name      PDB 
_pdbx_initial_refinement_model.accession_code   2EZM 
_pdbx_initial_refinement_model.details          ? 
# 
_atom_sites.entry_id                    3LHC 
_atom_sites.fract_transf_matrix[1][1]   0.00571539 
_atom_sites.fract_transf_matrix[1][2]   -0.01676320 
_atom_sites.fract_transf_matrix[1][3]   -0.01692142 
_atom_sites.fract_transf_matrix[2][1]   -0.00742963 
_atom_sites.fract_transf_matrix[2][2]   0.00294299 
_atom_sites.fract_transf_matrix[2][3]   -0.02315479 
_atom_sites.fract_transf_matrix[3][1]   0.01075206 
_atom_sites.fract_transf_matrix[3][2]   0.00633559 
_atom_sites.fract_transf_matrix[3][3]   -0.00264473 
_atom_sites.fract_transf_vector[1]      -0.015539 
_atom_sites.fract_transf_vector[2]      0.454287 
_atom_sites.fract_transf_vector[3]      0.299202 
# 
loop_
_atom_type.symbol 
C  
N  
NA 
O  
P  
S  
# 
loop_
_atom_site.group_PDB 
_atom_site.id 
_atom_site.type_symbol 
_atom_site.label_atom_id 
_atom_site.label_alt_id 
_atom_site.label_comp_id 
_atom_site.label_asym_id 
_atom_site.label_entity_id 
_atom_site.label_seq_id 
_atom_site.pdbx_PDB_ins_code 
_atom_site.Cartn_x 
_atom_site.Cartn_y 
_atom_site.Cartn_z 
_atom_site.occupancy 
_atom_site.B_iso_or_equiv 
_atom_site.pdbx_formal_charge 
_atom_site.auth_seq_id 
_atom_site.auth_comp_id 
_atom_site.auth_asym_id 
_atom_site.auth_atom_id 
_atom_site.pdbx_PDB_model_num 
ATOM   1   N  N   . LEU A 1 1   ? -13.379 -9.044  4.016   1.00 14.67 ? 1   LEU A N   1 
ATOM   2   C  CA  . LEU A 1 1   ? -12.789 -8.272  2.925   1.00 11.00 ? 1   LEU A CA  1 
ATOM   3   C  C   . LEU A 1 1   ? -12.454 -9.193  1.766   1.00 12.81 ? 1   LEU A C   1 
ATOM   4   O  O   . LEU A 1 1   ? -12.323 -10.405 1.943   1.00 14.69 ? 1   LEU A O   1 
ATOM   5   C  CB  . LEU A 1 1   ? -11.516 -7.556  3.394   1.00 12.75 ? 1   LEU A CB  1 
ATOM   6   C  CG  . LEU A 1 1   ? -11.644 -6.569  4.556   1.00 13.24 ? 1   LEU A CG  1 
ATOM   7   C  CD1 . LEU A 1 1   ? -10.280 -6.007  4.923   1.00 15.72 ? 1   LEU A CD1 1 
ATOM   8   C  CD2 . LEU A 1 1   ? -12.609 -5.446  4.240   1.00 14.39 ? 1   LEU A CD2 1 
ATOM   9   N  N   . GLY A 1 2   ? -12.324 -8.614  0.578   1.00 12.28 ? 2   GLY A N   1 
ATOM   10  C  CA  . GLY A 1 2   ? -11.792 -9.332  -0.566  1.00 11.34 ? 2   GLY A CA  1 
ATOM   11  C  C   . GLY A 1 2   ? -12.775 -10.259 -1.252  1.00 11.14 ? 2   GLY A C   1 
ATOM   12  O  O   . GLY A 1 2   ? -13.861 -9.840  -1.645  1.00 11.48 ? 2   GLY A O   1 
ATOM   13  N  N   . LYS A 1 3   ? -12.355 -11.513 -1.436  1.00 10.28 ? 3   LYS A N   1 
ATOM   14  C  CA  . LYS A 1 3   ? -13.198 -12.574 -1.984  1.00 10.13 ? 3   LYS A CA  1 
ATOM   15  C  C   . LYS A 1 3   ? -13.535 -12.473 -3.465  1.00 9.44  ? 3   LYS A C   1 
ATOM   16  O  O   . LYS A 1 3   ? -14.497 -13.108 -3.921  1.00 10.65 ? 3   LYS A O   1 
ATOM   17  C  CB  . LYS A 1 3   ? -14.497 -12.724 -1.183  1.00 12.58 ? 3   LYS A CB  1 
ATOM   18  C  CG  . LYS A 1 3   ? -14.294 -12.825 0.311   1.00 14.48 ? 3   LYS A CG  1 
ATOM   19  C  CD  . LYS A 1 3   ? -15.648 -12.962 1.003   1.00 17.63 ? 3   LYS A CD  1 
ATOM   20  C  CE  . LYS A 1 3   ? -15.492 -13.120 2.489   1.00 20.70 ? 3   LYS A CE  1 
ATOM   21  N  NZ  . LYS A 1 3   ? -16.831 -13.285 3.137   1.00 20.87 ? 3   LYS A NZ  1 
ATOM   22  N  N   . PHE A 1 4   ? -12.731 -11.735 -4.231  1.00 9.63  ? 4   PHE A N   1 
ATOM   23  C  CA  . PHE A 1 4   ? -13.030 -11.552 -5.657  1.00 10.67 ? 4   PHE A CA  1 
ATOM   24  C  C   . PHE A 1 4   ? -13.216 -12.885 -6.397  1.00 9.41  ? 4   PHE A C   1 
ATOM   25  O  O   . PHE A 1 4   ? -14.039 -12.989 -7.302  1.00 11.01 ? 4   PHE A O   1 
ATOM   26  C  CB  . PHE A 1 4   ? -11.948 -10.721 -6.376  1.00 9.63  ? 4   PHE A CB  1 
ATOM   27  C  CG  . PHE A 1 4   ? -10.738 -11.525 -6.765  1.00 9.56  ? 4   PHE A CG  1 
ATOM   28  C  CD1 . PHE A 1 4   ? -9.788  -11.866 -5.816  1.00 11.95 ? 4   PHE A CD1 1 
ATOM   29  C  CD2 . PHE A 1 4   ? -10.597 -11.998 -8.056  1.00 10.04 ? 4   PHE A CD2 1 
ATOM   30  C  CE1 . PHE A 1 4   ? -8.697  -12.632 -6.156  1.00 11.23 ? 4   PHE A CE1 1 
ATOM   31  C  CE2 . PHE A 1 4   ? -9.504  -12.775 -8.413  1.00 11.04 ? 4   PHE A CE2 1 
ATOM   32  C  CZ  . PHE A 1 4   ? -8.546  -13.083 -7.468  1.00 11.06 ? 4   PHE A CZ  1 
ATOM   33  N  N   . SER A 1 5   ? -12.439 -13.899 -6.019  1.00 9.56  ? 5   SER A N   1 
ATOM   34  C  CA  . SER A 1 5   ? -12.387 -15.112 -6.836  1.00 10.44 ? 5   SER A CA  1 
ATOM   35  C  C   . SER A 1 5   ? -13.732 -15.832 -6.887  1.00 10.92 ? 5   SER A C   1 
ATOM   36  O  O   . SER A 1 5   ? -13.999 -16.583 -7.825  1.00 12.40 ? 5   SER A O   1 
ATOM   37  C  CB  . SER A 1 5   ? -11.283 -16.060 -6.355  1.00 12.06 ? 5   SER A CB  1 
ATOM   38  O  OG  . SER A 1 5   ? -11.648 -16.663 -5.131  1.00 14.43 ? 5   SER A OG  1 
ATOM   39  N  N   . GLN A 1 6   ? -14.596 -15.584 -5.905  1.00 9.81  ? 6   GLN A N   1 
ATOM   40  C  CA  . GLN A 1 6   ? -15.882 -16.271 -5.875  1.00 10.17 ? 6   GLN A CA  1 
ATOM   41  C  C   . GLN A 1 6   ? -16.807 -15.884 -7.021  1.00 11.08 ? 6   GLN A C   1 
ATOM   42  O  O   . GLN A 1 6   ? -17.688 -16.669 -7.406  1.00 12.32 ? 6   GLN A O   1 
ATOM   43  C  CB  . GLN A 1 6   ? -16.570 -16.065 -4.523  1.00 12.11 ? 6   GLN A CB  1 
ATOM   44  C  CG  . GLN A 1 6   ? -15.930 -16.897 -3.432  1.00 13.47 ? 6   GLN A CG  1 
ATOM   45  C  CD  . GLN A 1 6   ? -16.174 -18.383 -3.621  1.00 14.77 ? 6   GLN A CD  1 
ATOM   46  O  OE1 . GLN A 1 6   ? -17.316 -18.810 -3.816  1.00 12.50 ? 6   GLN A OE1 1 
ATOM   47  N  NE2 . GLN A 1 6   ? -15.110 -19.177 -3.569  1.00 17.63 ? 6   GLN A NE2 1 
ATOM   48  N  N   . THR A 1 7   ? -16.632 -14.683 -7.569  1.00 9.99  ? 7   THR A N   1 
ATOM   49  C  CA  . THR A 1 7   ? -17.520 -14.237 -8.652  1.00 10.84 ? 7   THR A CA  1 
ATOM   50  C  C   . THR A 1 7   ? -16.768 -13.635 -9.833  1.00 11.02 ? 7   THR A C   1 
ATOM   51  O  O   . THR A 1 7   ? -17.283 -12.755 -10.547 1.00 11.93 ? 7   THR A O   1 
ATOM   52  C  CB  . THR A 1 7   ? -18.597 -13.257 -8.159  1.00 12.76 ? 7   THR A CB  1 
ATOM   53  O  OG1 . THR A 1 7   ? -17.968 -12.139 -7.533  1.00 14.09 ? 7   THR A OG1 1 
ATOM   54  C  CG2 . THR A 1 7   ? -19.535 -13.952 -7.150  1.00 15.61 ? 7   THR A CG2 1 
ATOM   55  N  N   . CYS A 1 8   ? -15.562 -14.148 -10.042 1.00 11.11 ? 8   CYS A N   1 
ATOM   56  C  CA  . CYS A 1 8   ? -14.726 -13.759 -11.171 1.00 11.04 ? 8   CYS A CA  1 
ATOM   57  C  C   . CYS A 1 8   ? -14.192 -15.033 -11.825 1.00 11.24 ? 8   CYS A C   1 
ATOM   58  O  O   . CYS A 1 8   ? -14.196 -16.104 -11.213 1.00 12.87 ? 8   CYS A O   1 
ATOM   59  C  CB  . CYS A 1 8   ? -13.559 -12.878 -10.705 1.00 13.32 ? 8   CYS A CB  1 
ATOM   60  S  SG  . CYS A 1 8   ? -14.017 -11.320 -9.890  1.00 12.30 ? 8   CYS A SG  1 
ATOM   61  N  N   . TYR A 1 9   ? -13.719 -14.914 -13.065 1.00 13.34 ? 9   TYR A N   1 
ATOM   62  C  CA  . TYR A 1 9   ? -13.104 -16.045 -13.755 1.00 13.06 ? 9   TYR A CA  1 
ATOM   63  C  C   . TYR A 1 9   ? -12.079 -15.520 -14.739 1.00 12.47 ? 9   TYR A C   1 
ATOM   64  O  O   . TYR A 1 9   ? -11.959 -14.317 -14.939 1.00 12.31 ? 9   TYR A O   1 
ATOM   65  C  CB  . TYR A 1 9   ? -14.153 -16.910 -14.474 1.00 15.33 ? 9   TYR A CB  1 
ATOM   66  C  CG  . TYR A 1 9   ? -14.735 -16.297 -15.729 1.00 12.16 ? 9   TYR A CG  1 
ATOM   67  C  CD1 . TYR A 1 9   ? -15.764 -15.363 -15.658 1.00 12.93 ? 9   TYR A CD1 1 
ATOM   68  C  CD2 . TYR A 1 9   ? -14.261 -16.657 -16.992 1.00 14.97 ? 9   TYR A CD2 1 
ATOM   69  C  CE1 . TYR A 1 9   ? -16.311 -14.808 -16.796 1.00 14.42 ? 9   TYR A CE1 1 
ATOM   70  C  CE2 . TYR A 1 9   ? -14.808 -16.106 -18.145 1.00 16.12 ? 9   TYR A CE2 1 
ATOM   71  C  CZ  . TYR A 1 9   ? -15.834 -15.183 -18.036 1.00 13.48 ? 9   TYR A CZ  1 
ATOM   72  O  OH  . TYR A 1 9   ? -16.393 -14.621 -19.151 1.00 17.68 ? 9   TYR A OH  1 
ATOM   73  N  N   . ASN A 1 10  ? -11.351 -16.438 -15.362 1.00 13.40 ? 10  ASN A N   1 
ATOM   74  C  CA  . ASN A 1 10  ? -10.302 -16.058 -16.298 1.00 15.87 ? 10  ASN A CA  1 
ATOM   75  C  C   . ASN A 1 10  ? -9.273  -15.148 -15.631 1.00 12.23 ? 10  ASN A C   1 
ATOM   76  O  O   . ASN A 1 10  ? -8.751  -14.222 -16.245 1.00 13.66 ? 10  ASN A O   1 
ATOM   77  C  CB  . ASN A 1 10  ? -10.891 -15.373 -17.540 1.00 16.43 ? 10  ASN A CB  1 
ATOM   78  C  CG  . ASN A 1 10  ? -11.202 -16.349 -18.666 1.00 16.85 ? 10  ASN A CG  1 
ATOM   79  O  OD1 . ASN A 1 10  ? -11.041 -17.553 -18.519 1.00 18.58 ? 10  ASN A OD1 1 
ATOM   80  N  ND2 . ASN A 1 10  ? -11.645 -15.814 -19.797 1.00 19.55 ? 10  ASN A ND2 1 
ATOM   81  N  N   . SER A 1 11  ? -8.976  -15.424 -14.368 1.00 11.45 ? 11  SER A N   1 
ATOM   82  C  CA  . SER A 1 11  ? -7.979  -14.635 -13.655 1.00 11.62 ? 11  SER A CA  1 
ATOM   83  C  C   . SER A 1 11  ? -6.586  -14.960 -14.140 1.00 13.05 ? 11  SER A C   1 
ATOM   84  O  O   . SER A 1 11  ? -6.295  -16.091 -14.522 1.00 13.20 ? 11  SER A O   1 
ATOM   85  C  CB  . SER A 1 11  ? -8.061  -14.883 -12.149 1.00 11.45 ? 11  SER A CB  1 
ATOM   86  O  OG  . SER A 1 11  ? -9.332  -14.501 -11.660 1.00 11.77 ? 11  SER A OG  1 
ATOM   87  N  N   . ALA A 1 12  ? -5.720  -13.956 -14.110 1.00 11.26 ? 12  ALA A N   1 
ATOM   88  C  CA  . ALA A 1 12  ? -4.337  -14.135 -14.498 1.00 12.53 ? 12  ALA A CA  1 
ATOM   89  C  C   . ALA A 1 12  ? -3.461  -13.138 -13.757 1.00 11.76 ? 12  ALA A C   1 
ATOM   90  O  O   . ALA A 1 12  ? -3.890  -12.016 -13.443 1.00 11.54 ? 12  ALA A O   1 
ATOM   91  C  CB  . ALA A 1 12  ? -4.187  -13.969 -16.027 1.00 14.28 ? 12  ALA A CB  1 
ATOM   92  N  N   . ILE A 1 13  ? -2.240  -13.568 -13.474 1.00 12.05 ? 13  ILE A N   1 
ATOM   93  C  CA  . ILE A 1 13  ? -1.188  -12.698 -12.955 1.00 12.72 ? 13  ILE A CA  1 
ATOM   94  C  C   . ILE A 1 13  ? -0.066  -12.591 -13.984 1.00 12.57 ? 13  ILE A C   1 
ATOM   95  O  O   . ILE A 1 13  ? 0.421   -13.600 -14.488 1.00 14.37 ? 13  ILE A O   1 
ATOM   96  C  CB  . ILE A 1 13  ? -0.623  -13.254 -11.642 1.00 14.20 ? 13  ILE A CB  1 
ATOM   97  C  CG1 . ILE A 1 13  ? -1.677  -13.133 -10.530 1.00 14.60 ? 13  ILE A CG1 1 
ATOM   98  C  CG2 . ILE A 1 13  ? 0.681   -12.551 -11.269 1.00 16.60 ? 13  ILE A CG2 1 
ATOM   99  C  CD1 . ILE A 1 13  ? -1.266  -13.721 -9.204  1.00 23.45 ? 13  ILE A CD1 1 
ATOM   100 N  N   . GLN A 1 14  ? 0.327   -11.364 -14.307 1.00 10.69 ? 14  GLN A N   1 
ATOM   101 C  CA  . GLN A 1 14  ? 1.529   -11.136 -15.101 1.00 12.42 ? 14  GLN A CA  1 
ATOM   102 C  C   . GLN A 1 14  ? 2.300   -10.035 -14.410 1.00 13.09 ? 14  GLN A C   1 
ATOM   103 O  O   . GLN A 1 14  ? 1.784   -8.932  -14.216 1.00 11.82 ? 14  GLN A O   1 
ATOM   104 C  CB  . GLN A 1 14  ? 1.185   -10.746 -16.540 1.00 18.09 ? 14  GLN A CB  1 
ATOM   105 C  CG  . GLN A 1 14  ? 2.371   -10.861 -17.506 1.00 23.49 ? 14  GLN A CG  1 
ATOM   106 C  CD  . GLN A 1 14  ? 2.821   -12.301 -17.731 1.00 24.36 ? 14  GLN A CD  1 
ATOM   107 O  OE1 . GLN A 1 14  ? 2.132   -13.255 -17.353 1.00 30.09 ? 14  GLN A OE1 1 
ATOM   108 N  NE2 . GLN A 1 14  ? 3.982   -12.466 -18.356 1.00 27.20 ? 14  GLN A NE2 1 
ATOM   109 N  N   . GLY A 1 15  ? 3.522   -10.347 -13.994 1.00 10.45 ? 15  GLY A N   1 
ATOM   110 C  CA  . GLY A 1 15  ? 4.310   -9.411  -13.217 1.00 11.74 ? 15  GLY A CA  1 
ATOM   111 C  C   . GLY A 1 15  ? 3.574   -9.089  -11.930 1.00 10.15 ? 15  GLY A C   1 
ATOM   112 O  O   . GLY A 1 15  ? 3.267   -9.989  -11.151 1.00 11.55 ? 15  GLY A O   1 
ATOM   113 N  N   . SER A 1 16  ? 3.282   -7.809  -11.713 1.00 11.34 ? 16  SER A N   1 
ATOM   114 C  CA  . SER A 1 16  ? 2.581   -7.366  -10.512 1.00 12.84 ? 16  SER A CA  1 
ATOM   115 C  C   . SER A 1 16  ? 1.091   -7.140  -10.720 1.00 10.79 ? 16  SER A C   1 
ATOM   116 O  O   . SER A 1 16  ? 0.407   -6.681  -9.800  1.00 11.96 ? 16  SER A O   1 
ATOM   117 C  CB  . SER A 1 16  ? 3.206   -6.075  -9.980  1.00 13.68 ? 16  SER A CB  1 
ATOM   118 O  OG  . SER A 1 16  ? 3.189   -5.049  -10.957 1.00 12.88 ? 16  SER A OG  1 
ATOM   119 N  N   . VAL A 1 17  ? 0.584   -7.489  -11.900 1.00 9.80  ? 17  VAL A N   1 
ATOM   120 C  CA  . VAL A 1 17  ? -0.786  -7.133  -12.277 1.00 12.15 ? 17  VAL A CA  1 
ATOM   121 C  C   . VAL A 1 17  ? -1.712  -8.341  -12.297 1.00 10.21 ? 17  VAL A C   1 
ATOM   122 O  O   . VAL A 1 17  ? -1.431  -9.350  -12.958 1.00 11.85 ? 17  VAL A O   1 
ATOM   123 C  CB  . VAL A 1 17  ? -0.818  -6.424  -13.653 1.00 12.52 ? 17  VAL A CB  1 
ATOM   124 C  CG1 . VAL A 1 17  ? -2.249  -6.069  -14.048 1.00 13.40 ? 17  VAL A CG1 1 
ATOM   125 C  CG2 . VAL A 1 17  ? 0.034   -5.174  -13.625 1.00 13.49 ? 17  VAL A CG2 1 
ATOM   126 N  N   . LEU A 1 18  ? -2.809  -8.220  -11.551 1.00 9.34  ? 18  LEU A N   1 
ATOM   127 C  CA  . LEU A 1 18  ? -3.899  -9.195  -11.572 1.00 10.53 ? 18  LEU A CA  1 
ATOM   128 C  C   . LEU A 1 18  ? -4.982  -8.728  -12.537 1.00 10.28 ? 18  LEU A C   1 
ATOM   129 O  O   . LEU A 1 18  ? -5.421  -7.587  -12.464 1.00 10.01 ? 18  LEU A O   1 
ATOM   130 C  CB  . LEU A 1 18  ? -4.503  -9.336  -10.177 1.00 11.68 ? 18  LEU A CB  1 
ATOM   131 C  CG  . LEU A 1 18  ? -5.810  -10.125 -10.070 1.00 9.83  ? 18  LEU A CG  1 
ATOM   132 C  CD1 . LEU A 1 18  ? -5.587  -11.618 -10.339 1.00 11.37 ? 18  LEU A CD1 1 
ATOM   133 C  CD2 . LEU A 1 18  ? -6.453  -9.904  -8.714  1.00 11.94 ? 18  LEU A CD2 1 
ATOM   134 N  N   . THR A 1 19  ? -5.408  -9.607  -13.437 1.00 10.78 ? 19  THR A N   1 
ATOM   135 C  CA  . THR A 1 19  ? -6.507  -9.307  -14.343 1.00 10.24 ? 19  THR A CA  1 
ATOM   136 C  C   . THR A 1 19  ? -7.575  -10.369 -14.141 1.00 9.91  ? 19  THR A C   1 
ATOM   137 O  O   . THR A 1 19  ? -7.251  -11.544 -13.949 1.00 11.43 ? 19  THR A O   1 
ATOM   138 C  CB  . THR A 1 19  ? -6.021  -9.331  -15.811 1.00 11.62 ? 19  THR A CB  1 
ATOM   139 O  OG1 . THR A 1 19  ? -4.995  -8.344  -15.976 1.00 12.93 ? 19  THR A OG1 1 
ATOM   140 C  CG2 . THR A 1 19  ? -7.163  -9.038  -16.773 1.00 12.76 ? 19  THR A CG2 1 
ATOM   141 N  N   . SER A 1 20  ? -8.844  -9.959  -14.157 1.00 11.02 ? 20  SER A N   1 
ATOM   142 C  CA  . SER A 1 20  ? -9.926  -10.927 -13.998 1.00 10.50 ? 20  SER A CA  1 
ATOM   143 C  C   . SER A 1 20  ? -11.213 -10.413 -14.616 1.00 9.62  ? 20  SER A C   1 
ATOM   144 O  O   . SER A 1 20  ? -11.376 -9.212  -14.819 1.00 10.89 ? 20  SER A O   1 
ATOM   145 C  CB  . SER A 1 20  ? -10.149 -11.273 -12.519 1.00 11.49 ? 20  SER A CB  1 
ATOM   146 O  OG  . SER A 1 20  ? -10.941 -12.437 -12.408 1.00 12.28 ? 20  SER A OG  1 
ATOM   147 N  N   . THR A 1 21  ? -12.120 -11.344 -14.900 1.00 10.42 ? 21  THR A N   1 
ATOM   148 C  CA  . THR A 1 21  ? -13.411 -11.008 -15.494 1.00 11.38 ? 21  THR A CA  1 
ATOM   149 C  C   . THR A 1 21  ? -14.472 -11.305 -14.437 1.00 10.70 ? 21  THR A C   1 
ATOM   150 O  O   . THR A 1 21  ? -14.631 -12.448 -14.008 1.00 12.06 ? 21  THR A O   1 
ATOM   151 C  CB  . THR A 1 21  ? -13.643 -11.819 -16.772 1.00 11.32 ? 21  THR A CB  1 
ATOM   152 O  OG1 . THR A 1 21  ? -12.602 -11.505 -17.708 1.00 12.39 ? 21  THR A OG1 1 
ATOM   153 C  CG2 . THR A 1 21  ? -14.999 -11.495 -17.406 1.00 14.54 ? 21  THR A CG2 1 
ATOM   154 N  N   . CYS A 1 22  ? -15.162 -10.255 -14.002 1.00 11.11 ? 22  CYS A N   1 
ATOM   155 C  CA  . CYS A 1 22  ? -15.972 -10.333 -12.789 1.00 11.38 ? 22  CYS A CA  1 
ATOM   156 C  C   . CYS A 1 22  ? -17.436 -9.991  -13.016 1.00 13.96 ? 22  CYS A C   1 
ATOM   157 O  O   . CYS A 1 22  ? -17.763 -9.133  -13.835 1.00 13.19 ? 22  CYS A O   1 
ATOM   158 C  CB  . CYS A 1 22  ? -15.407 -9.381  -11.742 1.00 12.70 ? 22  CYS A CB  1 
ATOM   159 S  SG  . CYS A 1 22  ? -13.733 -9.774  -11.183 1.00 13.03 ? 22  CYS A SG  1 
ATOM   160 N  N   . GLU A 1 23  ? -18.305 -10.641 -12.253 1.00 12.00 ? 23  GLU A N   1 
ATOM   161 C  CA  . GLU A 1 23  ? -19.751 -10.452 -12.394 1.00 11.48 ? 23  GLU A CA  1 
ATOM   162 C  C   . GLU A 1 23  ? -20.184 -9.097  -11.883 1.00 13.61 ? 23  GLU A C   1 
ATOM   163 O  O   . GLU A 1 23  ? -19.762 -8.663  -10.796 1.00 14.10 ? 23  GLU A O   1 
ATOM   164 C  CB  . GLU A 1 23  ? -20.477 -11.495 -11.558 1.00 15.03 ? 23  GLU A CB  1 
ATOM   165 C  CG  . GLU A 1 23  ? -20.334 -12.904 -12.038 1.00 23.20 ? 23  GLU A CG  1 
ATOM   166 C  CD  . GLU A 1 23  ? -21.095 -13.880 -11.175 1.00 32.71 ? 23  GLU A CD  1 
ATOM   167 O  OE1 . GLU A 1 23  ? -21.763 -13.440 -10.210 1.00 23.97 ? 23  GLU A OE1 1 
ATOM   168 O  OE2 . GLU A 1 23  ? -21.027 -15.092 -11.467 1.00 33.84 ? 23  GLU A OE2 1 
ATOM   169 N  N   . ARG A 1 24  ? -21.043 -8.438  -12.652 1.00 14.98 ? 24  ARG A N   1 
ATOM   170 C  CA  . ARG A 1 24  ? -21.658 -7.198  -12.212 1.00 14.70 ? 24  ARG A CA  1 
ATOM   171 C  C   . ARG A 1 24  ? -22.961 -7.521  -11.501 1.00 14.79 ? 24  ARG A C   1 
ATOM   172 O  O   . ARG A 1 24  ? -23.542 -8.593  -11.702 1.00 16.61 ? 24  ARG A O   1 
ATOM   173 C  CB  . ARG A 1 24  ? -21.940 -6.287  -13.405 1.00 16.27 ? 24  ARG A CB  1 
ATOM   174 C  CG  . ARG A 1 24  ? -20.730 -5.998  -14.253 1.00 16.77 ? 24  ARG A CG  1 
ATOM   175 C  CD  . ARG A 1 24  ? -20.944 -4.711  -15.015 1.00 28.32 ? 24  ARG A CD  1 
ATOM   176 N  NE  . ARG A 1 24  ? -20.944 -3.579  -14.094 1.00 29.89 ? 24  ARG A NE  1 
ATOM   177 C  CZ  . ARG A 1 24  ? -21.605 -2.447  -14.296 1.00 41.68 ? 24  ARG A CZ  1 
ATOM   178 N  NH1 . ARG A 1 24  ? -22.337 -2.287  -15.391 1.00 46.61 ? 24  ARG A NH1 1 
ATOM   179 N  NH2 . ARG A 1 24  ? -21.539 -1.478  -13.394 1.00 41.22 ? 24  ARG A NH2 1 
ATOM   180 N  N   . THR A 1 25  ? -23.431 -6.584  -10.687 1.00 15.62 ? 25  THR A N   1 
ATOM   181 C  CA  . THR A 1 25  ? -24.706 -6.756  -10.006 1.00 18.96 ? 25  THR A CA  1 
ATOM   182 C  C   . THR A 1 25  ? -25.850 -7.107  -10.963 1.00 19.94 ? 25  THR A C   1 
ATOM   183 O  O   . THR A 1 25  ? -26.650 -7.997  -10.681 1.00 24.15 ? 25  THR A O   1 
ATOM   184 C  CB  . THR A 1 25  ? -25.074 -5.500  -9.220  1.00 22.13 ? 25  THR A CB  1 
ATOM   185 O  OG1 . THR A 1 25  ? -24.068 -5.255  -8.231  1.00 23.54 ? 25  THR A OG1 1 
ATOM   186 C  CG2 . THR A 1 25  ? -26.426 -5.676  -8.541  1.00 22.71 ? 25  THR A CG2 1 
ATOM   187 N  N   A ASN A 1 26  ? -25.940 -6.412  -12.087 0.49 23.56 ? 26  ASN A N   1 
ATOM   188 N  N   B ASN A 1 26  ? -25.894 -6.422  -12.104 0.51 23.53 ? 26  ASN A N   1 
ATOM   189 C  CA  A ASN A 1 26  ? -27.068 -6.638  -12.984 0.49 26.93 ? 26  ASN A CA  1 
ATOM   190 C  CA  B ASN A 1 26  ? -26.992 -6.559  -13.062 0.51 26.98 ? 26  ASN A CA  1 
ATOM   191 C  C   A ASN A 1 26  ? -26.786 -7.673  -14.070 0.49 27.43 ? 26  ASN A C   1 
ATOM   192 C  C   B ASN A 1 26  ? -26.920 -7.799  -13.951 0.51 27.11 ? 26  ASN A C   1 
ATOM   193 O  O   A ASN A 1 26  ? -27.386 -7.642  -15.146 0.49 27.81 ? 26  ASN A O   1 
ATOM   194 O  O   B ASN A 1 26  ? -27.797 -8.030  -14.780 0.51 24.69 ? 26  ASN A O   1 
ATOM   195 C  CB  A ASN A 1 26  ? -27.564 -5.316  -13.567 0.49 29.24 ? 26  ASN A CB  1 
ATOM   196 C  CB  B ASN A 1 26  ? -27.096 -5.300  -13.935 0.51 30.20 ? 26  ASN A CB  1 
ATOM   197 C  CG  A ASN A 1 26  ? -28.141 -4.398  -12.506 0.49 31.22 ? 26  ASN A CG  1 
ATOM   198 C  CG  B ASN A 1 26  ? -25.895 -5.115  -14.860 0.51 31.82 ? 26  ASN A CG  1 
ATOM   199 O  OD1 A ASN A 1 26  ? -27.934 -3.184  -12.537 0.49 35.90 ? 26  ASN A OD1 1 
ATOM   200 O  OD1 B ASN A 1 26  ? -25.873 -4.203  -15.685 0.51 35.91 ? 26  ASN A OD1 1 
ATOM   201 N  ND2 A ASN A 1 26  ? -28.861 -4.978  -11.550 0.49 24.91 ? 26  ASN A ND2 1 
ATOM   202 N  ND2 B ASN A 1 26  ? -24.898 -5.976  -14.725 0.51 26.60 ? 26  ASN A ND2 1 
ATOM   203 N  N   . GLY A 1 27  ? -25.875 -8.594  -13.774 1.00 26.22 ? 27  GLY A N   1 
ATOM   204 C  CA  . GLY A 1 27  ? -25.608 -9.701  -14.665 1.00 29.66 ? 27  GLY A CA  1 
ATOM   205 C  C   . GLY A 1 27  ? -24.570 -9.266  -15.673 1.00 21.83 ? 27  GLY A C   1 
ATOM   206 O  O   . GLY A 1 27  ? -24.293 -8.079  -15.827 1.00 28.77 ? 27  GLY A O   1 
ATOM   207 N  N   . GLY A 1 28  ? -23.987 -10.226 -16.369 1.00 30.16 ? 28  GLY A N   1 
ATOM   208 C  CA  . GLY A 1 28  ? -22.915 -9.890  -17.274 1.00 22.66 ? 28  GLY A CA  1 
ATOM   209 C  C   . GLY A 1 28  ? -21.657 -9.538  -16.506 1.00 16.81 ? 28  GLY A C   1 
ATOM   210 O  O   . GLY A 1 28  ? -21.624 -9.532  -15.270 1.00 17.91 ? 28  GLY A O   1 
ATOM   211 N  N   . TYR A 1 29  ? -20.616 -9.226  -17.257 1.00 15.43 ? 29  TYR A N   1 
ATOM   212 C  CA  . TYR A 1 29  ? -19.278 -9.236  -16.714 1.00 15.65 ? 29  TYR A CA  1 
ATOM   213 C  C   . TYR A 1 29  ? -18.509 -8.026  -17.166 1.00 16.78 ? 29  TYR A C   1 
ATOM   214 O  O   . TYR A 1 29  ? -18.860 -7.377  -18.156 1.00 19.43 ? 29  TYR A O   1 
ATOM   215 C  CB  . TYR A 1 29  ? -18.566 -10.490 -17.200 1.00 15.95 ? 29  TYR A CB  1 
ATOM   216 C  CG  . TYR A 1 29  ? -18.990 -11.745 -16.482 1.00 17.81 ? 29  TYR A CG  1 
ATOM   217 C  CD1 . TYR A 1 29  ? -18.329 -12.166 -15.342 1.00 18.41 ? 29  TYR A CD1 1 
ATOM   218 C  CD2 . TYR A 1 29  ? -20.046 -12.508 -16.949 1.00 24.85 ? 29  TYR A CD2 1 
ATOM   219 C  CE1 . TYR A 1 29  ? -18.709 -13.309 -14.678 1.00 26.86 ? 29  TYR A CE1 1 
ATOM   220 C  CE2 . TYR A 1 29  ? -20.430 -13.659 -16.294 1.00 24.55 ? 29  TYR A CE2 1 
ATOM   221 C  CZ  . TYR A 1 29  ? -19.760 -14.051 -15.161 1.00 22.71 ? 29  TYR A CZ  1 
ATOM   222 O  OH  . TYR A 1 29  ? -20.150 -15.198 -14.507 1.00 33.46 ? 29  TYR A OH  1 
ATOM   223 N  N   . ASN A 1 30  ? -17.438 -7.729  -16.438 1.00 13.15 ? 30  ASN A N   1 
ATOM   224 C  CA  . ASN A 1 30  ? -16.490 -6.702  -16.828 1.00 12.71 ? 30  ASN A CA  1 
ATOM   225 C  C   . ASN A 1 30  ? -15.093 -7.219  -16.550 1.00 12.97 ? 30  ASN A C   1 
ATOM   226 O  O   . ASN A 1 30  ? -14.876 -7.907  -15.546 1.00 11.97 ? 30  ASN A O   1 
ATOM   227 C  CB  . ASN A 1 30  ? -16.731 -5.432  -16.024 1.00 14.07 ? 30  ASN A CB  1 
ATOM   228 C  CG  . ASN A 1 30  ? -15.769 -4.319  -16.392 1.00 14.94 ? 30  ASN A CG  1 
ATOM   229 O  OD1 . ASN A 1 30  ? -15.756 -3.846  -17.529 1.00 16.96 ? 30  ASN A OD1 1 
ATOM   230 N  ND2 . ASN A 1 30  ? -14.962 -3.888  -15.430 1.00 17.21 ? 30  ASN A ND2 1 
ATOM   231 N  N   . THR A 1 31  ? -14.143 -6.908  -17.431 1.00 11.85 ? 31  THR A N   1 
ATOM   232 C  CA  . THR A 1 31  ? -12.767 -7.324  -17.243 1.00 12.19 ? 31  THR A CA  1 
ATOM   233 C  C   . THR A 1 31  ? -11.977 -6.106  -16.785 1.00 14.26 ? 31  THR A C   1 
ATOM   234 O  O   . THR A 1 31  ? -12.105 -5.003  -17.347 1.00 14.31 ? 31  THR A O   1 
ATOM   235 C  CB  . THR A 1 31  ? -12.192 -7.910  -18.545 1.00 13.45 ? 31  THR A CB  1 
ATOM   236 O  OG1 . THR A 1 31  ? -12.928 -9.081  -18.887 1.00 14.95 ? 31  THR A OG1 1 
ATOM   237 C  CG2 . THR A 1 31  ? -10.728 -8.304  -18.367 1.00 13.24 ? 31  THR A CG2 1 
ATOM   238 N  N   . SER A 1 32  ? -11.187 -6.295  -15.730 1.00 11.53 ? 32  SER A N   1 
ATOM   239 C  CA  . SER A 1 32  ? -10.397 -5.213  -15.160 1.00 13.19 ? 32  SER A CA  1 
ATOM   240 C  C   . SER A 1 32  ? -9.089  -5.751  -14.628 1.00 11.54 ? 32  SER A C   1 
ATOM   241 O  O   . SER A 1 32  ? -8.917  -6.960  -14.490 1.00 11.55 ? 32  SER A O   1 
ATOM   242 C  CB  . SER A 1 32  ? -11.163 -4.502  -14.044 1.00 12.42 ? 32  SER A CB  1 
ATOM   243 O  OG  . SER A 1 32  ? -11.270 -5.316  -12.883 1.00 12.70 ? 32  SER A OG  1 
ATOM   244 N  N   A SER A 1 33  ? -8.154  -4.840  -14.371 0.60 11.96 ? 33  SER A N   1 
ATOM   245 N  N   B SER A 1 33  ? -8.170  -4.837  -14.334 0.40 11.99 ? 33  SER A N   1 
ATOM   246 C  CA  A SER A 1 33  ? -6.866  -5.193  -13.783 0.60 11.98 ? 33  SER A CA  1 
ATOM   247 C  CA  B SER A 1 33  ? -6.874  -5.196  -13.775 0.40 12.00 ? 33  SER A CA  1 
ATOM   248 C  C   A SER A 1 33  ? -6.581  -4.339  -12.558 0.60 12.05 ? 33  SER A C   1 
ATOM   249 C  C   B SER A 1 33  ? -6.528  -4.308  -12.594 0.40 12.05 ? 33  SER A C   1 
ATOM   250 O  O   A SER A 1 33  ? -7.174  -3.275  -12.361 0.60 11.59 ? 33  SER A O   1 
ATOM   251 O  O   B SER A 1 33  ? -7.025  -3.187  -12.466 0.40 11.80 ? 33  SER A O   1 
ATOM   252 C  CB  A SER A 1 33  ? -5.731  -5.015  -14.797 0.60 12.61 ? 33  SER A CB  1 
ATOM   253 C  CB  B SER A 1 33  ? -5.780  -5.070  -14.831 0.40 12.64 ? 33  SER A CB  1 
ATOM   254 O  OG  A SER A 1 33  ? -5.937  -5.779  -15.977 0.60 12.80 ? 33  SER A OG  1 
ATOM   255 O  OG  B SER A 1 33  ? -5.590  -3.714  -15.200 0.40 18.38 ? 33  SER A OG  1 
ATOM   256 N  N   . ILE A 1 34  ? -5.663  -4.825  -11.730 1.00 11.77 ? 34  ILE A N   1 
ATOM   257 C  CA  . ILE A 1 34  ? -5.162  -4.065  -10.594 1.00 11.29 ? 34  ILE A CA  1 
ATOM   258 C  C   . ILE A 1 34  ? -3.670  -4.356  -10.432 1.00 11.54 ? 34  ILE A C   1 
ATOM   259 O  O   . ILE A 1 34  ? -3.235  -5.509  -10.431 1.00 11.14 ? 34  ILE A O   1 
ATOM   260 C  CB  . ILE A 1 34  ? -5.961  -4.374  -9.309  1.00 12.58 ? 34  ILE A CB  1 
ATOM   261 C  CG1 . ILE A 1 34  ? -5.434  -3.533  -8.141  1.00 12.30 ? 34  ILE A CG1 1 
ATOM   262 C  CG2 . ILE A 1 34  ? -5.922  -5.874  -8.994  1.00 12.42 ? 34  ILE A CG2 1 
ATOM   263 C  CD1 . ILE A 1 34  ? -6.310  -3.607  -6.901  1.00 16.20 ? 34  ILE A CD1 1 
ATOM   264 N  N   . ASP A 1 35  ? -2.887  -3.289  -10.338 1.00 13.00 ? 35  ASP A N   1 
ATOM   265 C  CA  . ASP A 1 35  ? -1.450  -3.407  -10.142 1.00 12.47 ? 35  ASP A CA  1 
ATOM   266 C  C   . ASP A 1 35  ? -1.159  -3.480  -8.651  1.00 12.55 ? 35  ASP A C   1 
ATOM   267 O  O   . ASP A 1 35  ? -1.374  -2.512  -7.909  1.00 15.43 ? 35  ASP A O   1 
ATOM   268 C  CB  . ASP A 1 35  ? -0.719  -2.215  -10.776 1.00 13.17 ? 35  ASP A CB  1 
ATOM   269 C  CG  . ASP A 1 35  ? 0.779   -2.434  -10.862 1.00 15.41 ? 35  ASP A CG  1 
ATOM   270 O  OD1 . ASP A 1 35  ? 1.296   -3.306  -10.141 1.00 13.74 ? 35  ASP A OD1 1 
ATOM   271 O  OD2 . ASP A 1 35  ? 1.439   -1.731  -11.663 1.00 19.73 ? 35  ASP A OD2 1 
ATOM   272 N  N   . LEU A 1 36  ? -0.681  -4.643  -8.224  1.00 12.10 ? 36  LEU A N   1 
ATOM   273 C  CA  . LEU A 1 36  ? -0.477  -4.929  -6.806  1.00 12.89 ? 36  LEU A CA  1 
ATOM   274 C  C   . LEU A 1 36  ? 0.905   -4.520  -6.304  1.00 14.01 ? 36  LEU A C   1 
ATOM   275 O  O   . LEU A 1 36  ? 1.209   -4.701  -5.129  1.00 15.20 ? 36  LEU A O   1 
ATOM   276 C  CB  . LEU A 1 36  ? -0.665  -6.431  -6.561  1.00 13.90 ? 36  LEU A CB  1 
ATOM   277 C  CG  . LEU A 1 36  ? -1.907  -7.143  -7.105  1.00 18.92 ? 36  LEU A CG  1 
ATOM   278 C  CD1 . LEU A 1 36  ? -1.643  -8.631  -7.271  1.00 19.66 ? 36  LEU A CD1 1 
ATOM   279 C  CD2 . LEU A 1 36  ? -3.068  -6.921  -6.174  1.00 20.93 ? 36  LEU A CD2 1 
ATOM   280 N  N   A ASN A 1 37  ? 1.749   -3.977  -7.156  0.51 13.38 ? 37  ASN A N   1 
ATOM   281 N  N   B ASN A 1 37  ? 1.727   -3.984  -7.216  0.49 13.36 ? 37  ASN A N   1 
ATOM   282 C  CA  A ASN A 1 37  ? 3.097   -3.738  -6.680  0.51 14.01 ? 37  ASN A CA  1 
ATOM   283 C  CA  B ASN A 1 37  ? 3.170   -3.720  -7.016  0.49 13.34 ? 37  ASN A CA  1 
ATOM   284 C  C   A ASN A 1 37  ? 3.141   -2.932  -5.373  0.51 14.12 ? 37  ASN A C   1 
ATOM   285 C  C   B ASN A 1 37  ? 3.484   -2.808  -5.835  0.49 15.06 ? 37  ASN A C   1 
ATOM   286 O  O   A ASN A 1 37  ? 3.893   -3.260  -4.452  0.51 13.31 ? 37  ASN A O   1 
ATOM   287 O  O   B ASN A 1 37  ? 4.475   -3.016  -5.120  0.49 12.43 ? 37  ASN A O   1 
ATOM   288 C  CB  A ASN A 1 37  ? 3.942   -3.090  -7.758  0.51 13.04 ? 37  ASN A CB  1 
ATOM   289 C  CB  B ASN A 1 37  ? 3.763   -3.104  -8.295  0.49 14.49 ? 37  ASN A CB  1 
ATOM   290 C  CG  A ASN A 1 37  ? 5.404   -3.144  -7.432  0.51 15.93 ? 37  ASN A CG  1 
ATOM   291 C  CG  B ASN A 1 37  ? 5.261   -3.368  -8.460  0.49 14.18 ? 37  ASN A CG  1 
ATOM   292 O  OD1 A ASN A 1 37  ? 5.881   -4.122  -6.849  0.51 13.68 ? 37  ASN A OD1 1 
ATOM   293 O  OD1 B ASN A 1 37  ? 5.869   -4.123  -7.700  0.49 13.84 ? 37  ASN A OD1 1 
ATOM   294 N  ND2 A ASN A 1 37  ? 6.125   -2.094  -7.787  0.51 17.08 ? 37  ASN A ND2 1 
ATOM   295 N  ND2 B ASN A 1 37  ? 5.854   -2.756  -9.484  0.49 19.35 ? 37  ASN A ND2 1 
ATOM   296 N  N   A SER A 1 38  ? 2.307   -1.899  -5.278  0.51 14.67 ? 38  SER A N   1 
ATOM   297 N  N   B SER A 1 38  ? 2.635   -1.796  -5.666  0.49 13.60 ? 38  SER A N   1 
ATOM   298 C  CA  A SER A 1 38  ? 2.371   -0.988  -4.135  0.51 16.79 ? 38  SER A CA  1 
ATOM   299 C  CA  B SER A 1 38  ? 2.772   -0.768  -4.643  0.49 19.14 ? 38  SER A CA  1 
ATOM   300 C  C   A SER A 1 38  ? 1.453   -1.369  -2.981  0.51 17.07 ? 38  SER A C   1 
ATOM   301 C  C   B SER A 1 38  ? 1.979   -1.107  -3.390  0.49 15.58 ? 38  SER A C   1 
ATOM   302 O  O   A SER A 1 38  ? 1.391   -0.667  -1.970  0.51 17.63 ? 38  SER A O   1 
ATOM   303 O  O   B SER A 1 38  ? 2.045   -0.368  -2.400  0.49 15.94 ? 38  SER A O   1 
ATOM   304 C  CB  A SER A 1 38  ? 2.091   0.446   -4.580  0.51 20.01 ? 38  SER A CB  1 
ATOM   305 C  CB  B SER A 1 38  ? 2.210   0.549   -5.174  0.49 18.18 ? 38  SER A CB  1 
ATOM   306 O  OG  A SER A 1 38  ? 3.145   0.909   -5.400  0.51 21.67 ? 38  SER A OG  1 
ATOM   307 O  OG  B SER A 1 38  ? 0.790   0.542   -5.064  0.49 18.65 ? 38  SER A OG  1 
ATOM   308 N  N   A VAL A 1 39  ? 0.748   -2.482  -3.127  0.51 15.30 ? 39  VAL A N   1 
ATOM   309 N  N   B VAL A 1 39  ? 1.187   -2.176  -3.437  0.49 17.08 ? 39  VAL A N   1 
ATOM   310 C  CA  A VAL A 1 39  ? -0.189  -2.907  -2.108  0.51 17.20 ? 39  VAL A CA  1 
ATOM   311 C  CA  B VAL A 1 39  ? 0.398   -2.567  -2.268  0.49 14.54 ? 39  VAL A CA  1 
ATOM   312 C  C   A VAL A 1 39  ? 0.242   -4.241  -1.514  0.51 13.85 ? 39  VAL A C   1 
ATOM   313 C  C   B VAL A 1 39  ? 1.021   -3.717  -1.482  0.49 13.42 ? 39  VAL A C   1 
ATOM   314 O  O   A VAL A 1 39  ? -0.332  -4.714  -0.524  0.51 13.58 ? 39  VAL A O   1 
ATOM   315 O  O   B VAL A 1 39  ? 1.282   -3.565  -0.307  0.49 12.61 ? 39  VAL A O   1 
ATOM   316 C  CB  A VAL A 1 39  ? -1.604  -3.021  -2.674  0.51 19.85 ? 39  VAL A CB  1 
ATOM   317 C  CB  B VAL A 1 39  ? -1.100  -2.863  -2.574  0.49 20.58 ? 39  VAL A CB  1 
ATOM   318 C  CG1 A VAL A 1 39  ? -2.594  -2.727  -1.598  0.51 22.01 ? 39  VAL A CG1 1 
ATOM   319 C  CG1 B VAL A 1 39  ? -1.941  -1.581  -2.505  0.49 16.51 ? 39  VAL A CG1 1 
ATOM   320 C  CG2 A VAL A 1 39  ? -1.781  -2.037  -3.835  0.51 18.52 ? 39  VAL A CG2 1 
ATOM   321 C  CG2 B VAL A 1 39  ? -1.260  -3.560  -3.905  0.49 20.34 ? 39  VAL A CG2 1 
ATOM   322 N  N   . ILE A 1 40  ? 1.246   -4.854  -2.134  1.00 11.66 ? 40  ILE A N   1 
ATOM   323 C  CA  . ILE A 1 40  ? 1.885   -6.018  -1.542  1.00 10.97 ? 40  ILE A CA  1 
ATOM   324 C  C   . ILE A 1 40  ? 3.383   -5.772  -1.371  1.00 12.52 ? 40  ILE A C   1 
ATOM   325 O  O   . ILE A 1 40  ? 4.031   -5.222  -2.268  1.00 13.04 ? 40  ILE A O   1 
ATOM   326 C  CB  . ILE A 1 40  ? 1.633   -7.274  -2.405  1.00 11.44 ? 40  ILE A CB  1 
ATOM   327 C  CG1 . ILE A 1 40  ? 0.139   -7.620  -2.412  1.00 12.53 ? 40  ILE A CG1 1 
ATOM   328 C  CG2 . ILE A 1 40  ? 2.448   -8.453  -1.878  1.00 12.50 ? 40  ILE A CG2 1 
ATOM   329 C  CD1 . ILE A 1 40  ? -0.242  -8.788  -3.325  1.00 12.11 ? 40  ILE A CD1 1 
ATOM   330 N  N   . ALA A 1 41  ? 3.915   -6.157  -0.216  1.00 12.01 ? 41  ALA A N   1 
ATOM   331 C  CA  . ALA A 1 41  ? 5.323   -5.935  0.090   1.00 13.35 ? 41  ALA A CA  1 
ATOM   332 C  C   . ALA A 1 41  ? 6.030   -7.270  0.192   1.00 11.03 ? 41  ALA A C   1 
ATOM   333 O  O   . ALA A 1 41  ? 5.413   -8.284  0.535   1.00 14.94 ? 41  ALA A O   1 
ATOM   334 C  CB  . ALA A 1 41  ? 5.462   -5.158  1.413   1.00 15.57 ? 41  ALA A CB  1 
ATOM   335 N  N   . ALA A 1 42  ? 7.323   -7.264  -0.118  1.00 13.27 ? 42  ALA A N   1 
ATOM   336 C  CA  . ALA A 1 42  ? 8.182   -8.408  0.108   1.00 15.04 ? 42  ALA A CA  1 
ATOM   337 C  C   . ALA A 1 42  ? 9.058   -8.093  1.310   1.00 15.48 ? 42  ALA A C   1 
ATOM   338 O  O   . ALA A 1 42  ? 9.844   -7.145  1.281   1.00 17.29 ? 42  ALA A O   1 
ATOM   339 C  CB  . ALA A 1 42  ? 9.039   -8.677  -1.111  1.00 16.90 ? 42  ALA A CB  1 
ATOM   340 N  N   . VAL A 1 43  ? 8.896   -8.873  2.370   1.00 15.48 ? 43  VAL A N   1 
ATOM   341 C  CA  . VAL A 1 43  ? 9.660   -8.651  3.584   1.00 15.54 ? 43  VAL A CA  1 
ATOM   342 C  C   . VAL A 1 43  ? 10.436  -9.911  3.916   1.00 14.68 ? 43  VAL A C   1 
ATOM   343 O  O   . VAL A 1 43  ? 9.845   -10.924 4.266   1.00 15.75 ? 43  VAL A O   1 
ATOM   344 C  CB  . VAL A 1 43  ? 8.728   -8.298  4.752   1.00 18.75 ? 43  VAL A CB  1 
ATOM   345 C  CG1 . VAL A 1 43  ? 9.542   -8.000  6.005   1.00 25.96 ? 43  VAL A CG1 1 
ATOM   346 C  CG2 . VAL A 1 43  ? 7.856   -7.109  4.388   1.00 24.17 ? 43  VAL A CG2 1 
ATOM   347 N  N   . ASP A 1 44  ? 11.760  -9.839  3.794   1.00 17.59 ? 44  ASP A N   1 
ATOM   348 C  CA  . ASP A 1 44  ? 12.649  -10.971 4.065   1.00 17.95 ? 44  ASP A CA  1 
ATOM   349 C  C   . ASP A 1 44  ? 12.147  -12.271 3.429   1.00 12.83 ? 44  ASP A C   1 
ATOM   350 O  O   . ASP A 1 44  ? 12.133  -13.321 4.065   1.00 17.03 ? 44  ASP A O   1 
ATOM   351 C  CB  . ASP A 1 44  ? 12.853  -11.155 5.576   1.00 21.78 ? 44  ASP A CB  1 
ATOM   352 C  CG  . ASP A 1 44  ? 13.996  -12.109 5.904   1.00 20.77 ? 44  ASP A CG  1 
ATOM   353 O  OD1 . ASP A 1 44  ? 14.914  -12.271 5.069   1.00 20.42 ? 44  ASP A OD1 1 
ATOM   354 O  OD2 . ASP A 1 44  ? 13.975  -12.691 7.011   1.00 26.81 ? 44  ASP A OD2 1 
ATOM   355 N  N   . GLY A 1 45  ? 11.732  -12.186 2.170   1.00 15.92 ? 45  GLY A N   1 
ATOM   356 C  CA  . GLY A 1 45  ? 11.378  -13.366 1.406   1.00 17.88 ? 45  GLY A CA  1 
ATOM   357 C  C   . GLY A 1 45  ? 9.922   -13.777 1.497   1.00 14.76 ? 45  GLY A C   1 
ATOM   358 O  O   . GLY A 1 45  ? 9.546   -14.818 0.946   1.00 17.40 ? 45  GLY A O   1 
ATOM   359 N  N   . SER A 1 46  ? 9.105   -12.977 2.183   1.00 14.71 ? 46  SER A N   1 
ATOM   360 C  CA  . SER A 1 46  ? 7.693   -13.310 2.396   1.00 14.58 ? 46  SER A CA  1 
ATOM   361 C  C   . SER A 1 46  ? 6.780   -12.177 1.933   1.00 13.61 ? 46  SER A C   1 
ATOM   362 O  O   . SER A 1 46  ? 6.986   -11.014 2.289   1.00 14.32 ? 46  SER A O   1 
ATOM   363 C  CB  . SER A 1 46  ? 7.446   -13.608 3.874   1.00 17.41 ? 46  SER A CB  1 
ATOM   364 O  OG  . SER A 1 46  ? 6.072   -13.833 4.132   1.00 17.91 ? 46  SER A OG  1 
ATOM   365 N  N   . LEU A 1 47  ? 5.770   -12.513 1.141   1.00 13.01 ? 47  LEU A N   1 
ATOM   366 C  CA  . LEU A 1 47  ? 4.793   -11.542 0.667   1.00 11.77 ? 47  LEU A CA  1 
ATOM   367 C  C   . LEU A 1 47  ? 3.827   -11.174 1.789   1.00 13.02 ? 47  LEU A C   1 
ATOM   368 O  O   . LEU A 1 47  ? 3.275   -12.052 2.463   1.00 14.38 ? 47  LEU A O   1 
ATOM   369 C  CB  . LEU A 1 47  ? 3.992   -12.134 -0.486  1.00 13.49 ? 47  LEU A CB  1 
ATOM   370 C  CG  . LEU A 1 47  ? 4.792   -12.350 -1.759  1.00 13.10 ? 47  LEU A CG  1 
ATOM   371 C  CD1 . LEU A 1 47  ? 4.004   -13.233 -2.735  1.00 15.17 ? 47  LEU A CD1 1 
ATOM   372 C  CD2 . LEU A 1 47  ? 5.181   -11.036 -2.403  1.00 16.28 ? 47  LEU A CD2 1 
ATOM   373 N  N   . LYS A 1 48  ? 3.605   -9.872  1.953   1.00 12.51 ? 48  LYS A N   1 
ATOM   374 C  CA  . LYS A 1 48  ? 2.778   -9.328  3.031   1.00 12.41 ? 48  LYS A CA  1 
ATOM   375 C  C   . LYS A 1 48  ? 1.868   -8.228  2.503   1.00 12.87 ? 48  LYS A C   1 
ATOM   376 O  O   . LYS A 1 48  ? 2.167   -7.586  1.507   1.00 12.87 ? 48  LYS A O   1 
ATOM   377 C  CB  . LYS A 1 48  ? 3.661   -8.693  4.116   1.00 16.67 ? 48  LYS A CB  1 
ATOM   378 C  CG  . LYS A 1 48  ? 4.769   -9.578  4.677   1.00 18.98 ? 48  LYS A CG  1 
ATOM   379 C  CD  . LYS A 1 48  ? 4.207   -10.741 5.467   1.00 23.37 ? 48  LYS A CD  1 
ATOM   380 C  CE  . LYS A 1 48  ? 5.333   -11.568 6.078   1.00 27.76 ? 48  LYS A CE  1 
ATOM   381 N  NZ  . LYS A 1 48  ? 4.841   -12.812 6.734   1.00 28.20 ? 48  LYS A NZ  1 
ATOM   382 N  N   A TRP A 1 49  ? 0.717   -8.074  3.142   0.61 12.24 ? 49  TRP A N   1 
ATOM   383 N  N   B TRP A 1 49  ? 0.798   -7.955  3.249   0.39 12.25 ? 49  TRP A N   1 
ATOM   384 C  CA  A TRP A 1 49  ? -0.209  -7.009  2.792   0.61 13.60 ? 49  TRP A CA  1 
ATOM   385 C  CA  B TRP A 1 49  ? -0.009  -6.745  3.074   0.39 13.15 ? 49  TRP A CA  1 
ATOM   386 C  C   A TRP A 1 49  ? 0.381   -5.713  3.321   0.61 13.35 ? 49  TRP A C   1 
ATOM   387 C  C   B TRP A 1 49  ? 0.486   -5.661  4.039   0.39 14.50 ? 49  TRP A C   1 
ATOM   388 O  O   A TRP A 1 49  ? 1.244   -5.749  4.196   0.61 13.30 ? 49  TRP A O   1 
ATOM   389 O  O   B TRP A 1 49  ? 0.278   -5.767  5.243   0.39 14.93 ? 49  TRP A O   1 
ATOM   390 C  CB  A TRP A 1 49  ? -1.587  -7.301  3.384   0.61 11.88 ? 49  TRP A CB  1 
ATOM   391 C  CB  B TRP A 1 49  ? -1.480  -7.033  3.384   0.39 11.98 ? 49  TRP A CB  1 
ATOM   392 C  CG  A TRP A 1 49  ? -2.275  -8.438  2.684   0.61 10.63 ? 49  TRP A CG  1 
ATOM   393 C  CG  B TRP A 1 49  ? -2.097  -8.178  2.627   0.39 10.32 ? 49  TRP A CG  1 
ATOM   394 C  CD1 A TRP A 1 49  ? -2.613  -9.651  3.219   0.61 10.22 ? 49  TRP A CD1 1 
ATOM   395 C  CD1 B TRP A 1 49  ? -2.368  -9.430  3.110   0.39 11.62 ? 49  TRP A CD1 1 
ATOM   396 C  CD2 A TRP A 1 49  ? -2.704  -8.471  1.314   0.61 10.43 ? 49  TRP A CD2 1 
ATOM   397 C  CD2 B TRP A 1 49  ? -2.560  -8.165  1.269   0.39 10.54 ? 49  TRP A CD2 1 
ATOM   398 N  NE1 A TRP A 1 49  ? -3.221  -10.438 2.266   0.61 10.85 ? 49  TRP A NE1 1 
ATOM   399 N  NE1 B TRP A 1 49  ? -2.953  -10.198 2.132   0.39 11.38 ? 49  TRP A NE1 1 
ATOM   400 C  CE2 A TRP A 1 49  ? -3.292  -9.734  1.090   0.61 10.73 ? 49  TRP A CE2 1 
ATOM   401 C  CE2 B TRP A 1 49  ? -3.081  -9.447  0.992   0.39 10.58 ? 49  TRP A CE2 1 
ATOM   402 C  CE3 A TRP A 1 49  ? -2.647  -7.555  0.257   0.61 12.00 ? 49  TRP A CE3 1 
ATOM   403 C  CE3 B TRP A 1 49  ? -2.575  -7.199  0.256   0.39 11.39 ? 49  TRP A CE3 1 
ATOM   404 C  CZ2 A TRP A 1 49  ? -3.823  -10.103 -0.147  0.61 11.49 ? 49  TRP A CZ2 1 
ATOM   405 C  CZ2 B TRP A 1 49  ? -3.614  -9.786  -0.252  0.39 11.56 ? 49  TRP A CZ2 1 
ATOM   406 C  CZ3 A TRP A 1 49  ? -3.176  -7.920  -0.968  0.61 12.51 ? 49  TRP A CZ3 1 
ATOM   407 C  CZ3 B TRP A 1 49  ? -3.106  -7.538  -0.978  0.39 12.16 ? 49  TRP A CZ3 1 
ATOM   408 C  CH2 A TRP A 1 49  ? -3.764  -9.181  -1.159  0.61 11.35 ? 49  TRP A CH2 1 
ATOM   409 C  CH2 B TRP A 1 49  ? -3.622  -8.819  -1.220  0.39 11.60 ? 49  TRP A CH2 1 
ATOM   410 N  N   A PRO A 1 50  ? -0.059  -4.567  2.783   0.61 13.09 ? 50  PRO A N   1 
ATOM   411 N  N   B PRO A 1 50  ? 1.152   -4.617  3.522   0.39 13.24 ? 50  PRO A N   1 
ATOM   412 C  CA  A PRO A 1 50  ? 0.640   -3.324  3.120   0.61 14.60 ? 50  PRO A CA  1 
ATOM   413 C  CA  B PRO A 1 50  ? 1.729   -3.609  4.427   0.39 13.66 ? 50  PRO A CA  1 
ATOM   414 C  C   A PRO A 1 50  ? 0.542   -2.962  4.597   0.61 14.82 ? 50  PRO A C   1 
ATOM   415 C  C   B PRO A 1 50  ? 0.748   -2.602  5.043   0.39 17.62 ? 50  PRO A C   1 
ATOM   416 O  O   A PRO A 1 50  ? -0.356  -3.410  5.300   0.61 16.97 ? 50  PRO A O   1 
ATOM   417 O  O   B PRO A 1 50  ? 0.928   -2.243  6.212   0.39 19.03 ? 50  PRO A O   1 
ATOM   418 C  CB  A PRO A 1 50  ? -0.078  -2.258  2.285   0.61 11.60 ? 50  PRO A CB  1 
ATOM   419 C  CB  B PRO A 1 50  ? 2.716   -2.871  3.521   0.39 13.65 ? 50  PRO A CB  1 
ATOM   420 C  CG  A PRO A 1 50  ? -1.357  -2.911  1.761   0.61 11.92 ? 50  PRO A CG  1 
ATOM   421 C  CG  B PRO A 1 50  ? 2.143   -3.046  2.181   0.39 12.54 ? 50  PRO A CG  1 
ATOM   422 C  CD  A PRO A 1 50  ? -1.303  -4.363  2.014   0.61 12.70 ? 50  PRO A CD  1 
ATOM   423 C  CD  B PRO A 1 50  ? 1.684   -4.466  2.162   0.39 12.74 ? 50  PRO A CD  1 
ATOM   424 N  N   A SER A 1 51  ? 1.479   -2.137  5.052   0.61 16.54 ? 51  SER A N   1 
ATOM   425 N  N   B SER A 1 51  ? -0.226  -2.130  4.265   0.39 17.16 ? 51  SER A N   1 
ATOM   426 C  CA  A SER A 1 51  ? 1.447   -1.613  6.407   0.61 15.48 ? 51  SER A CA  1 
ATOM   427 C  CA  B SER A 1 51  ? -1.237  -1.158  4.730   0.39 17.68 ? 51  SER A CA  1 
ATOM   428 C  C   A SER A 1 51  ? 1.450   -0.083  6.373   0.61 15.78 ? 51  SER A C   1 
ATOM   429 C  C   B SER A 1 51  ? -0.736  0.247   5.093   0.39 18.76 ? 51  SER A C   1 
ATOM   430 O  O   A SER A 1 51  ? 2.273   0.543   7.021   0.61 13.01 ? 51  SER A O   1 
ATOM   431 O  O   B SER A 1 51  ? 0.380   0.426   5.589   0.39 16.98 ? 51  SER A O   1 
ATOM   432 C  CB  A SER A 1 51  ? 2.653   -2.120  7.203   0.61 13.85 ? 51  SER A CB  1 
ATOM   433 C  CB  B SER A 1 51  ? -2.012  -1.715  5.916   0.39 22.89 ? 51  SER A CB  1 
ATOM   434 O  OG  A SER A 1 51  ? 2.536   -3.501  7.505   0.61 18.27 ? 51  SER A OG  1 
ATOM   435 O  OG  B SER A 1 51  ? -1.321  -1.519  7.132   0.39 27.04 ? 51  SER A OG  1 
ATOM   436 N  N   A ASN A 1 52  ? 0.548   0.516   5.598   0.61 17.02 ? 52  ASN A N   1 
ATOM   437 N  N   B ASN A 1 52  ? -1.609  1.231   4.878   0.39 17.11 ? 52  ASN A N   1 
ATOM   438 C  CA  A ASN A 1 52  ? 0.526   1.972   5.439   0.61 13.36 ? 52  ASN A CA  1 
ATOM   439 C  CA  B ASN A 1 52  ? -1.333  2.639   5.170   0.39 15.85 ? 52  ASN A CA  1 
ATOM   440 C  C   A ASN A 1 52  ? 0.583   2.645   6.812   0.61 14.28 ? 52  ASN A C   1 
ATOM   441 C  C   B ASN A 1 52  ? -0.679  2.882   6.525   0.39 15.48 ? 52  ASN A C   1 
ATOM   442 O  O   A ASN A 1 52  ? -0.166  2.270   7.707   0.61 12.90 ? 52  ASN A O   1 
ATOM   443 O  O   B ASN A 1 52  ? -1.181  2.428   7.554   0.39 14.22 ? 52  ASN A O   1 
ATOM   444 C  CB  A ASN A 1 52  ? -0.725  2.423   4.675   0.61 12.64 ? 52  ASN A CB  1 
ATOM   445 C  CB  B ASN A 1 52  ? -2.627  3.450   5.091   0.39 17.94 ? 52  ASN A CB  1 
ATOM   446 C  CG  A ASN A 1 52  ? -0.789  1.883   3.246   0.61 14.40 ? 52  ASN A CG  1 
ATOM   447 C  CG  B ASN A 1 52  ? -3.355  3.251   3.784   0.39 19.90 ? 52  ASN A CG  1 
ATOM   448 O  OD1 A ASN A 1 52  ? -1.812  2.017   2.573   0.61 20.14 ? 52  ASN A OD1 1 
ATOM   449 O  OD1 B ASN A 1 52  ? -2.735  3.020   2.742   0.39 16.21 ? 52  ASN A OD1 1 
ATOM   450 N  ND2 A ASN A 1 52  ? 0.294   1.289   2.781   0.61 13.36 ? 52  ASN A ND2 1 
ATOM   451 N  ND2 B ASN A 1 52  ? -4.678  3.341   3.828   0.39 23.37 ? 52  ASN A ND2 1 
ATOM   452 N  N   A PHE A 1 53  ? 1.448   3.647   6.982   0.61 13.64 ? 53  PHE A N   1 
ATOM   453 N  N   B PHE A 1 53  ? 0.421   3.627   6.534   0.39 13.16 ? 53  PHE A N   1 
ATOM   454 C  CA  A PHE A 1 53  ? 1.726   4.148   8.332   0.61 15.04 ? 53  PHE A CA  1 
ATOM   455 C  CA  B PHE A 1 53  ? 1.168   3.823   7.769   0.39 15.25 ? 53  PHE A CA  1 
ATOM   456 C  C   A PHE A 1 53  ? 0.573   4.831   9.078   0.61 14.71 ? 53  PHE A C   1 
ATOM   457 C  C   B PHE A 1 53  ? 0.374   4.639   8.785   0.39 13.76 ? 53  PHE A C   1 
ATOM   458 O  O   A PHE A 1 53  ? 0.532   4.797   10.305  0.61 13.54 ? 53  PHE A O   1 
ATOM   459 O  O   B PHE A 1 53  ? 0.597   4.532   9.994   0.39 13.78 ? 53  PHE A O   1 
ATOM   460 C  CB  A PHE A 1 53  ? 3.018   4.989   8.388   0.61 14.66 ? 53  PHE A CB  1 
ATOM   461 C  CB  B PHE A 1 53  ? 2.552   4.428   7.495   0.39 14.91 ? 53  PHE A CB  1 
ATOM   462 C  CG  A PHE A 1 53  ? 2.904   6.377   7.792   0.61 13.77 ? 53  PHE A CG  1 
ATOM   463 C  CG  B PHE A 1 53  ? 2.561   5.929   7.334   0.39 12.43 ? 53  PHE A CG  1 
ATOM   464 C  CD1 A PHE A 1 53  ? 3.014   6.578   6.425   0.61 12.58 ? 53  PHE A CD1 1 
ATOM   465 C  CD1 B PHE A 1 53  ? 2.626   6.760   8.442   0.39 15.73 ? 53  PHE A CD1 1 
ATOM   466 C  CD2 A PHE A 1 53  ? 2.762   7.488   8.612   0.61 13.06 ? 53  PHE A CD2 1 
ATOM   467 C  CD2 B PHE A 1 53  ? 2.556   6.504   6.072   0.39 12.50 ? 53  PHE A CD2 1 
ATOM   468 C  CE1 A PHE A 1 53  ? 2.951   7.861   5.880   0.61 12.44 ? 53  PHE A CE1 1 
ATOM   469 C  CE1 B PHE A 1 53  ? 2.651   8.134   8.296   0.39 15.57 ? 53  PHE A CE1 1 
ATOM   470 C  CE2 A PHE A 1 53  ? 2.696   8.769   8.071   0.61 14.98 ? 53  PHE A CE2 1 
ATOM   471 C  CE2 B PHE A 1 53  ? 2.588   7.884   5.918   0.39 13.69 ? 53  PHE A CE2 1 
ATOM   472 C  CZ  A PHE A 1 53  ? 2.786   8.950   6.711   0.61 13.43 ? 53  PHE A CZ  1 
ATOM   473 C  CZ  B PHE A 1 53  ? 2.635   8.699   7.034   0.39 13.07 ? 53  PHE A CZ  1 
ATOM   474 N  N   A ILE A 1 54  ? -0.372  5.432   8.366   0.61 14.07 ? 54  ILE A N   1 
ATOM   475 N  N   B ILE A 1 54  ? -0.572  5.428   8.285   0.39 13.63 ? 54  ILE A N   1 
ATOM   476 C  CA  A ILE A 1 54  ? -1.406  6.192   9.057   0.61 16.58 ? 54  ILE A CA  1 
ATOM   477 C  CA  B ILE A 1 54  ? -1.440  6.214   9.143   0.39 16.61 ? 54  ILE A CA  1 
ATOM   478 C  C   A ILE A 1 54  ? -2.367  5.294   9.860   0.61 18.14 ? 54  ILE A C   1 
ATOM   479 C  C   B ILE A 1 54  ? -2.387  5.280   9.901   0.39 18.12 ? 54  ILE A C   1 
ATOM   480 O  O   A ILE A 1 54  ? -3.019  5.754   10.806  0.61 19.84 ? 54  ILE A O   1 
ATOM   481 O  O   B ILE A 1 54  ? -3.059  5.701   10.848  0.39 19.81 ? 54  ILE A O   1 
ATOM   482 C  CB  A ILE A 1 54  ? -2.160  7.140   8.090   0.61 20.07 ? 54  ILE A CB  1 
ATOM   483 C  CB  B ILE A 1 54  ? -2.231  7.263   8.319   0.39 20.17 ? 54  ILE A CB  1 
ATOM   484 C  CG1 A ILE A 1 54  ? -2.798  8.293   8.862   0.61 23.16 ? 54  ILE A CG1 1 
ATOM   485 C  CG1 B ILE A 1 54  ? -2.317  8.591   9.071   0.39 23.19 ? 54  ILE A CG1 1 
ATOM   486 C  CG2 A ILE A 1 54  ? -3.187  6.376   7.267   0.61 19.79 ? 54  ILE A CG2 1 
ATOM   487 C  CG2 B ILE A 1 54  ? -3.602  6.732   7.921   0.39 18.17 ? 54  ILE A CG2 1 
ATOM   488 C  CD1 A ILE A 1 54  ? -3.358  9.380   7.973   0.61 23.75 ? 54  ILE A CD1 1 
ATOM   489 C  CD1 B ILE A 1 54  ? -0.981  9.283   9.215   0.39 18.29 ? 54  ILE A CD1 1 
ATOM   490 N  N   . GLU A 1 55  ? -2.419  4.013   9.486   1.00 15.46 ? 55  GLU A N   1 
ATOM   491 C  CA  . GLU A 1 55  ? -3.234  2.985   10.154  1.00 17.91 ? 55  GLU A CA  1 
ATOM   492 C  C   . GLU A 1 55  ? -2.574  2.428   11.412  1.00 19.92 ? 55  GLU A C   1 
ATOM   493 O  O   . GLU A 1 55  ? -3.137  1.555   12.078  1.00 23.42 ? 55  GLU A O   1 
ATOM   494 C  CB  . GLU A 1 55  ? -3.462  1.779   9.227   1.00 19.76 ? 55  GLU A CB  1 
ATOM   495 C  CG  . GLU A 1 55  ? -4.176  2.054   7.918   1.00 19.54 ? 55  GLU A CG  1 
ATOM   496 C  CD  . GLU A 1 55  ? -4.276  0.796   7.063   1.00 24.65 ? 55  GLU A CD  1 
ATOM   497 O  OE1 . GLU A 1 55  ? -4.259  -0.317  7.643   1.00 28.91 ? 55  GLU A OE1 1 
ATOM   498 O  OE2 . GLU A 1 55  ? -4.366  0.916   5.824   1.00 22.78 ? 55  GLU A OE2 1 
ATOM   499 N  N   . ALA A 1 56  ? -1.368  2.892   11.718  1.00 17.49 ? 56  ALA A N   1 
ATOM   500 C  CA  . ALA A 1 56  ? -0.637  2.375   12.869  1.00 18.20 ? 56  ALA A CA  1 
ATOM   501 C  C   . ALA A 1 56  ? 0.046   3.472   13.674  1.00 17.83 ? 56  ALA A C   1 
ATOM   502 O  O   . ALA A 1 56  ? 0.676   3.192   14.688  1.00 19.31 ? 56  ALA A O   1 
ATOM   503 C  CB  . ALA A 1 56  ? 0.390   1.339   12.415  1.00 21.21 ? 56  ALA A CB  1 
ATOM   504 N  N   . CYS A 1 57  ? -0.089  4.715   13.229  1.00 14.17 ? 57  CYS A N   1 
ATOM   505 C  CA  . CYS A 1 57  ? 0.698   5.811   13.784  1.00 13.45 ? 57  CYS A CA  1 
ATOM   506 C  C   . CYS A 1 57  ? -0.152  7.024   14.112  1.00 14.53 ? 57  CYS A C   1 
ATOM   507 O  O   . CYS A 1 57  ? -1.213  7.245   13.521  1.00 16.13 ? 57  CYS A O   1 
ATOM   508 C  CB  . CYS A 1 57  ? 1.791   6.242   12.804  1.00 15.54 ? 57  CYS A CB  1 
ATOM   509 S  SG  . CYS A 1 57  ? 2.910   4.939   12.265  1.00 16.64 ? 57  CYS A SG  1 
ATOM   510 N  N   . ARG A 1 58  ? 0.332   7.816   15.053  1.00 13.00 ? 58  ARG A N   1 
ATOM   511 C  CA  . ARG A 1 58  ? -0.341  9.034   15.465  1.00 12.29 ? 58  ARG A CA  1 
ATOM   512 C  C   . ARG A 1 58  ? 0.669   10.176  15.523  1.00 11.89 ? 58  ARG A C   1 
ATOM   513 O  O   . ARG A 1 58  ? 1.884   9.936   15.519  1.00 12.19 ? 58  ARG A O   1 
ATOM   514 C  CB  . ARG A 1 58  ? -0.977  8.851   16.838  1.00 12.54 ? 58  ARG A CB  1 
ATOM   515 C  CG  . ARG A 1 58  ? 0.037   8.720   17.943  1.00 12.35 ? 58  ARG A CG  1 
ATOM   516 C  CD  . ARG A 1 58  ? -0.607  8.319   19.259  1.00 12.90 ? 58  ARG A CD  1 
ATOM   517 N  NE  . ARG A 1 58  ? 0.404   8.272   20.307  1.00 13.80 ? 58  ARG A NE  1 
ATOM   518 C  CZ  . ARG A 1 58  ? 0.222   7.765   21.516  1.00 15.09 ? 58  ARG A CZ  1 
ATOM   519 N  NH1 . ARG A 1 58  ? -0.946  7.239   21.854  1.00 16.50 ? 58  ARG A NH1 1 
ATOM   520 N  NH2 . ARG A 1 58  ? 1.224   7.770   22.383  1.00 18.03 ? 58  ARG A NH2 1 
ATOM   521 N  N   . ASN A 1 59  ? 0.174   11.409  15.548  1.00 11.81 ? 59  ASN A N   1 
ATOM   522 C  CA  . ASN A 1 59  ? 0.998   12.585  15.792  1.00 13.02 ? 59  ASN A CA  1 
ATOM   523 C  C   . ASN A 1 59  ? 2.099   12.694  14.739  1.00 12.26 ? 59  ASN A C   1 
ATOM   524 O  O   . ASN A 1 59  ? 3.276   12.833  15.067  1.00 11.97 ? 59  ASN A O   1 
ATOM   525 C  CB  . ASN A 1 59  ? 1.588   12.543  17.214  1.00 14.14 ? 59  ASN A CB  1 
ATOM   526 C  CG  . ASN A 1 59  ? 2.231   13.853  17.634  1.00 14.49 ? 59  ASN A CG  1 
ATOM   527 O  OD1 . ASN A 1 59  ? 3.107   13.875  18.520  1.00 18.97 ? 59  ASN A OD1 1 
ATOM   528 N  ND2 . ASN A 1 59  ? 1.829   14.941  17.001  1.00 12.85 ? 59  ASN A ND2 1 
ATOM   529 N  N   . THR A 1 60  ? 1.728   12.607  13.469  1.00 12.25 ? 60  THR A N   1 
ATOM   530 C  CA  . THR A 1 60  ? 2.726   12.820  12.432  1.00 11.45 ? 60  THR A CA  1 
ATOM   531 C  C   . THR A 1 60  ? 3.139   14.296  12.389  1.00 12.49 ? 60  THR A C   1 
ATOM   532 O  O   . THR A 1 60  ? 2.301   15.207  12.472  1.00 12.66 ? 60  THR A O   1 
ATOM   533 C  CB  . THR A 1 60  ? 2.250   12.355  11.050  1.00 13.38 ? 60  THR A CB  1 
ATOM   534 O  OG1 . THR A 1 60  ? 1.194   13.213  10.594  1.00 13.14 ? 60  THR A OG1 1 
ATOM   535 C  CG2 . THR A 1 60  ? 1.781   10.902  11.102  1.00 15.53 ? 60  THR A CG2 1 
ATOM   536 N  N   . GLN A 1 61  ? 4.442   14.524  12.295  1.00 11.36 ? 61  GLN A N   1 
ATOM   537 C  CA  . GLN A 1 61  ? 4.997   15.873  12.276  1.00 11.36 ? 61  GLN A CA  1 
ATOM   538 C  C   . GLN A 1 61  ? 6.197   15.960  11.355  1.00 11.79 ? 61  GLN A C   1 
ATOM   539 O  O   . GLN A 1 61  ? 6.887   14.972  11.109  1.00 12.62 ? 61  GLN A O   1 
ATOM   540 C  CB  . GLN A 1 61  ? 5.460   16.272  13.680  1.00 11.76 ? 61  GLN A CB  1 
ATOM   541 C  CG  . GLN A 1 61  ? 4.336   16.363  14.696  1.00 13.00 ? 61  GLN A CG  1 
ATOM   542 C  CD  . GLN A 1 61  ? 4.843   16.639  16.091  1.00 17.47 ? 61  GLN A CD  1 
ATOM   543 O  OE1 . GLN A 1 61  ? 5.466   15.788  16.713  1.00 13.99 ? 61  GLN A OE1 1 
ATOM   544 N  NE2 . GLN A 1 61  ? 4.574   17.837  16.594  1.00 24.49 ? 61  GLN A NE2 1 
ATOM   545 N  N   . LEU A 1 62  ? 6.468   17.165  10.878  1.00 13.99 ? 62  LEU A N   1 
ATOM   546 C  CA  . LEU A 1 62  ? 7.721   17.428  10.202  1.00 11.93 ? 62  LEU A CA  1 
ATOM   547 C  C   . LEU A 1 62  ? 8.734   17.789  11.268  1.00 14.07 ? 62  LEU A C   1 
ATOM   548 O  O   . LEU A 1 62  ? 8.502   18.695  12.075  1.00 17.58 ? 62  LEU A O   1 
ATOM   549 C  CB  . LEU A 1 62  ? 7.552   18.565  9.198   1.00 14.39 ? 62  LEU A CB  1 
ATOM   550 C  CG  . LEU A 1 62  ? 8.826   19.009  8.472   1.00 16.66 ? 62  LEU A CG  1 
ATOM   551 C  CD1 . LEU A 1 62  ? 9.225   17.963  7.455   1.00 16.83 ? 62  LEU A CD1 1 
ATOM   552 C  CD2 . LEU A 1 62  ? 8.647   20.371  7.798   1.00 19.16 ? 62  LEU A CD2 1 
ATOM   553 N  N   . ALA A 1 63  ? 9.832   17.055  11.288  1.00 13.35 ? 63  ALA A N   1 
ATOM   554 C  CA  . ALA A 1 63  ? 10.945  17.314  12.192  1.00 14.64 ? 63  ALA A CA  1 
ATOM   555 C  C   . ALA A 1 63  ? 12.054  17.939  11.361  1.00 17.10 ? 63  ALA A C   1 
ATOM   556 O  O   . ALA A 1 63  ? 12.484  17.369  10.359  1.00 15.47 ? 63  ALA A O   1 
ATOM   557 C  CB  . ALA A 1 63  ? 11.404  16.007  12.833  1.00 18.69 ? 63  ALA A CB  1 
ATOM   558 N  N   . GLY A 1 64  ? 12.490  19.129  11.757  1.00 17.00 ? 64  GLY A N   1 
ATOM   559 C  CA  . GLY A 1 64  ? 13.521  19.832  11.008  1.00 17.42 ? 64  GLY A CA  1 
ATOM   560 C  C   . GLY A 1 64  ? 13.049  20.185  9.606   1.00 14.36 ? 64  GLY A C   1 
ATOM   561 O  O   . GLY A 1 64  ? 11.908  20.610  9.406   1.00 18.28 ? 64  GLY A O   1 
ATOM   562 N  N   . SER A 1 65  ? 13.933  20.003  8.635   1.00 14.26 ? 65  SER A N   1 
ATOM   563 C  CA  . SER A 1 65  ? 13.595  20.363  7.267   1.00 14.41 ? 65  SER A CA  1 
ATOM   564 C  C   . SER A 1 65  ? 13.133  19.178  6.435   1.00 14.27 ? 65  SER A C   1 
ATOM   565 O  O   . SER A 1 65  ? 12.543  19.382  5.386   1.00 13.59 ? 65  SER A O   1 
ATOM   566 C  CB  . SER A 1 65  ? 14.795  21.022  6.585   1.00 16.38 ? 65  SER A CB  1 
ATOM   567 O  OG  . SER A 1 65  ? 15.948  20.235  6.776   1.00 19.14 ? 65  SER A OG  1 
ATOM   568 N  N   . SER A 1 66  ? 13.395  17.950  6.879   1.00 12.05 ? 66  SER A N   1 
ATOM   569 C  CA  . SER A 1 66  ? 13.135  16.813  5.991   1.00 13.36 ? 66  SER A CA  1 
ATOM   570 C  C   . SER A 1 66  ? 12.671  15.515  6.640   1.00 12.02 ? 66  SER A C   1 
ATOM   571 O  O   . SER A 1 66  ? 12.469  14.530  5.928   1.00 12.79 ? 66  SER A O   1 
ATOM   572 C  CB  . SER A 1 66  ? 14.380  16.518  5.163   1.00 14.47 ? 66  SER A CB  1 
ATOM   573 O  OG  . SER A 1 66  ? 15.364  15.893  5.972   1.00 14.66 ? 66  SER A OG  1 
ATOM   574 N  N   . GLU A 1 67  ? 12.516  15.494  7.959   1.00 12.12 ? 67  GLU A N   1 
ATOM   575 C  CA  . GLU A 1 67  ? 12.188  14.242  8.641   1.00 12.68 ? 67  GLU A CA  1 
ATOM   576 C  C   . GLU A 1 67  ? 10.694  14.136  8.918   1.00 12.20 ? 67  GLU A C   1 
ATOM   577 O  O   . GLU A 1 67  ? 10.048  15.094  9.337   1.00 14.08 ? 67  GLU A O   1 
ATOM   578 C  CB  . GLU A 1 67  ? 12.944  14.127  9.968   1.00 17.50 ? 67  GLU A CB  1 
ATOM   579 C  CG  . GLU A 1 67  ? 14.454  14.187  9.852   1.00 21.15 ? 67  GLU A CG  1 
ATOM   580 C  CD  . GLU A 1 67  ? 15.113  12.824  9.734   1.00 23.46 ? 67  GLU A CD  1 
ATOM   581 O  OE1 . GLU A 1 67  ? 14.464  11.799  10.031  1.00 23.74 ? 67  GLU A OE1 1 
ATOM   582 O  OE2 . GLU A 1 67  ? 16.308  12.783  9.365   1.00 26.13 ? 67  GLU A OE2 1 
ATOM   583 N  N   . LEU A 1 68  ? 10.151  12.954  8.676   1.00 10.66 ? 68  LEU A N   1 
ATOM   584 C  CA  . LEU A 1 68  ? 8.805   12.637  9.138   1.00 11.71 ? 68  LEU A CA  1 
ATOM   585 C  C   . LEU A 1 68  ? 8.936   11.924  10.480  1.00 10.68 ? 68  LEU A C   1 
ATOM   586 O  O   . LEU A 1 68  ? 9.605   10.902  10.576  1.00 11.71 ? 68  LEU A O   1 
ATOM   587 C  CB  . LEU A 1 68  ? 8.108   11.715  8.132   1.00 12.34 ? 68  LEU A CB  1 
ATOM   588 C  CG  . LEU A 1 68  ? 6.850   10.981  8.612   1.00 11.59 ? 68  LEU A CG  1 
ATOM   589 C  CD1 . LEU A 1 68  ? 5.718   11.937  8.899   1.00 13.87 ? 68  LEU A CD1 1 
ATOM   590 C  CD2 . LEU A 1 68  ? 6.395   9.942   7.594   1.00 13.86 ? 68  LEU A CD2 1 
ATOM   591 N  N   . ALA A 1 69  ? 8.316   12.482  11.509  1.00 10.14 ? 69  ALA A N   1 
ATOM   592 C  CA  . ALA A 1 69  ? 8.308   11.861  12.834  1.00 10.58 ? 69  ALA A CA  1 
ATOM   593 C  C   . ALA A 1 69  ? 6.893   11.420  13.167  1.00 10.47 ? 69  ALA A C   1 
ATOM   594 O  O   . ALA A 1 69  ? 5.921   12.049  12.732  1.00 11.27 ? 69  ALA A O   1 
ATOM   595 C  CB  . ALA A 1 69  ? 8.813   12.840  13.894  1.00 10.33 ? 69  ALA A CB  1 
ATOM   596 N  N   . ALA A 1 70  ? 6.766   10.336  13.920  1.00 10.09 ? 70  ALA A N   1 
ATOM   597 C  CA  . ALA A 1 70  ? 5.464   9.881   14.391  1.00 11.56 ? 70  ALA A CA  1 
ATOM   598 C  C   . ALA A 1 70  ? 5.640   8.971   15.583  1.00 11.63 ? 70  ALA A C   1 
ATOM   599 O  O   . ALA A 1 70  ? 6.756   8.607   15.943  1.00 11.61 ? 70  ALA A O   1 
ATOM   600 C  CB  . ALA A 1 70  ? 4.689   9.162   13.290  1.00 11.30 ? 70  ALA A CB  1 
ATOM   601 N  N   . GLU A 1 71  ? 4.528   8.640   16.215  1.00 10.64 ? 71  GLU A N   1 
ATOM   602 C  CA  . GLU A 1 71  ? 4.515   7.632   17.257  1.00 11.33 ? 71  GLU A CA  1 
ATOM   603 C  C   . GLU A 1 71  ? 3.724   6.471   16.674  1.00 11.13 ? 71  GLU A C   1 
ATOM   604 O  O   . GLU A 1 71  ? 2.589   6.655   16.241  1.00 12.21 ? 71  GLU A O   1 
ATOM   605 C  CB  . GLU A 1 71  ? 3.833   8.206   18.498  1.00 12.97 ? 71  GLU A CB  1 
ATOM   606 C  CG  . GLU A 1 71  ? 4.598   9.399   19.110  1.00 13.94 ? 71  GLU A CG  1 
ATOM   607 C  CD  . GLU A 1 71  ? 3.710   10.356  19.896  1.00 16.68 ? 71  GLU A CD  1 
ATOM   608 O  OE1 . GLU A 1 71  ? 2.574   9.988   20.250  1.00 16.56 ? 71  GLU A OE1 1 
ATOM   609 O  OE2 . GLU A 1 71  ? 4.142   11.504  20.146  1.00 16.48 ? 71  GLU A OE2 1 
ATOM   610 N  N   A CYS A 1 72  ? 4.340   5.297   16.587  0.60 11.58 ? 72  CYS A N   1 
ATOM   611 N  N   B CYS A 1 72  ? 4.316   5.282   16.717  0.40 11.66 ? 72  CYS A N   1 
ATOM   612 C  CA  A CYS A 1 72  ? 3.714   4.163   15.915  0.60 12.24 ? 72  CYS A CA  1 
ATOM   613 C  CA  B CYS A 1 72  ? 3.866   4.131   15.941  0.40 12.40 ? 72  CYS A CA  1 
ATOM   614 C  C   A CYS A 1 72  ? 3.558   2.972   16.846  0.60 12.80 ? 72  CYS A C   1 
ATOM   615 C  C   B CYS A 1 72  ? 3.616   2.910   16.832  0.40 12.83 ? 72  CYS A C   1 
ATOM   616 O  O   A CYS A 1 72  ? 4.368   2.754   17.748  0.60 12.32 ? 72  CYS A O   1 
ATOM   617 O  O   B CYS A 1 72  ? 4.423   2.612   17.715  0.40 12.22 ? 72  CYS A O   1 
ATOM   618 C  CB  A CYS A 1 72  ? 4.506   3.751   14.673  0.60 14.11 ? 72  CYS A CB  1 
ATOM   619 C  CB  B CYS A 1 72  ? 4.947   3.813   14.910  0.40 15.36 ? 72  CYS A CB  1 
ATOM   620 S  SG  A CYS A 1 72  ? 4.602   5.008   13.374  0.60 11.33 ? 72  CYS A SG  1 
ATOM   621 S  SG  B CYS A 1 72  ? 4.566   2.495   13.766  0.40 25.08 ? 72  CYS A SG  1 
ATOM   622 N  N   . LYS A 1 73  ? 2.513   2.197   16.593  1.00 13.81 ? 73  LYS A N   1 
ATOM   623 C  CA  . LYS A 1 73  ? 2.148   1.077   17.442  1.00 15.39 ? 73  LYS A CA  1 
ATOM   624 C  C   . LYS A 1 73  ? 2.992   -0.159  17.162  1.00 15.61 ? 73  LYS A C   1 
ATOM   625 O  O   . LYS A 1 73  ? 3.102   -0.611  16.020  1.00 18.58 ? 73  LYS A O   1 
ATOM   626 C  CB  . LYS A 1 73  ? 0.672   0.743   17.240  1.00 17.58 ? 73  LYS A CB  1 
ATOM   627 C  CG  . LYS A 1 73  ? 0.166   -0.376  18.138  1.00 21.46 ? 73  LYS A CG  1 
ATOM   628 C  CD  . LYS A 1 73  ? -1.283  -0.743  17.812  1.00 26.64 ? 73  LYS A CD  1 
ATOM   629 C  CE  . LYS A 1 73  ? -2.229  0.370   18.214  1.00 26.47 ? 73  LYS A CE  1 
ATOM   630 N  NZ  . LYS A 1 73  ? -3.656  -0.085  18.230  1.00 31.73 ? 73  LYS A NZ  1 
ATOM   631 N  N   . THR A 1 74  ? 3.584   -0.715  18.213  1.00 16.51 ? 74  THR A N   1 
ATOM   632 C  CA  . THR A 1 74  ? 4.340   -1.955  18.091  1.00 17.75 ? 74  THR A CA  1 
ATOM   633 C  C   . THR A 1 74  ? 3.390   -3.154  18.077  1.00 20.74 ? 74  THR A C   1 
ATOM   634 O  O   . THR A 1 74  ? 2.199   -3.031  18.377  1.00 20.71 ? 74  THR A O   1 
ATOM   635 C  CB  . THR A 1 74  ? 5.309   -2.135  19.268  1.00 17.57 ? 74  THR A CB  1 
ATOM   636 O  OG1 . THR A 1 74  ? 4.551   -2.349  20.465  1.00 19.97 ? 74  THR A OG1 1 
ATOM   637 C  CG2 . THR A 1 74  ? 6.195   -0.902  19.441  1.00 18.03 ? 74  THR A CG2 1 
ATOM   638 N  N   . ALA A 1 75  ? 3.925   -4.320  17.734  1.00 26.28 ? 75  ALA A N   1 
ATOM   639 C  CA  . ALA A 1 75  ? 3.134   -5.546  17.768  1.00 32.85 ? 75  ALA A CA  1 
ATOM   640 C  C   . ALA A 1 75  ? 2.586   -5.792  19.174  1.00 28.38 ? 75  ALA A C   1 
ATOM   641 O  O   . ALA A 1 75  ? 1.509   -6.368  19.338  1.00 31.26 ? 75  ALA A O   1 
ATOM   642 C  CB  . ALA A 1 75  ? 3.966   -6.729  17.300  1.00 32.89 ? 75  ALA A CB  1 
ATOM   643 N  N   . ALA A 1 76  ? 3.329   -5.348  20.183  1.00 25.16 ? 76  ALA A N   1 
ATOM   644 C  CA  . ALA A 1 76  ? 2.912   -5.490  21.577  1.00 24.01 ? 76  ALA A CA  1 
ATOM   645 C  C   . ALA A 1 76  ? 1.788   -4.519  21.969  1.00 28.25 ? 76  ALA A C   1 
ATOM   646 O  O   . ALA A 1 76  ? 1.099   -4.730  22.968  1.00 31.59 ? 76  ALA A O   1 
ATOM   647 C  CB  . ALA A 1 76  ? 4.110   -5.334  22.505  1.00 30.94 ? 76  ALA A CB  1 
ATOM   648 N  N   . GLY A 1 77  ? 1.602   -3.459  21.186  1.00 22.27 ? 77  GLY A N   1 
ATOM   649 C  CA  . GLY A 1 77  ? 0.464   -2.571  21.376  1.00 20.72 ? 77  GLY A CA  1 
ATOM   650 C  C   . GLY A 1 77  ? 0.790   -1.182  21.908  1.00 20.45 ? 77  GLY A C   1 
ATOM   651 O  O   . GLY A 1 77  ? -0.099  -0.344  22.077  1.00 24.99 ? 77  GLY A O   1 
ATOM   652 N  N   . GLN A 1 78  ? 2.064   -0.931  22.179  1.00 19.98 ? 78  GLN A N   1 
ATOM   653 C  CA  . GLN A 1 78  ? 2.480   0.357   22.717  1.00 20.63 ? 78  GLN A CA  1 
ATOM   654 C  C   . GLN A 1 78  ? 2.955   1.263   21.589  1.00 16.99 ? 78  GLN A C   1 
ATOM   655 O  O   . GLN A 1 78  ? 3.468   0.790   20.572  1.00 16.27 ? 78  GLN A O   1 
ATOM   656 C  CB  . GLN A 1 78  ? 3.614   0.169   23.722  1.00 25.56 ? 78  GLN A CB  1 
ATOM   657 C  CG  . GLN A 1 78  ? 4.987   0.256   23.097  1.00 31.74 ? 78  GLN A CG  1 
ATOM   658 C  CD  . GLN A 1 78  ? 5.998   -0.649  23.761  1.00 42.99 ? 78  GLN A CD  1 
ATOM   659 O  OE1 . GLN A 1 78  ? 6.153   -1.813  23.383  1.00 43.69 ? 78  GLN A OE1 1 
ATOM   660 N  NE2 . GLN A 1 78  ? 6.711   -0.113  24.745  1.00 37.70 ? 78  GLN A NE2 1 
ATOM   661 N  N   . PHE A 1 79  ? 2.788   2.565   21.777  1.00 15.32 ? 79  PHE A N   1 
ATOM   662 C  CA  . PHE A 1 79  ? 3.264   3.534   20.803  1.00 13.22 ? 79  PHE A CA  1 
ATOM   663 C  C   . PHE A 1 79  ? 4.684   3.948   21.144  1.00 14.38 ? 79  PHE A C   1 
ATOM   664 O  O   . PHE A 1 79  ? 4.982   4.286   22.294  1.00 17.03 ? 79  PHE A O   1 
ATOM   665 C  CB  . PHE A 1 79  ? 2.326   4.744   20.755  1.00 16.62 ? 79  PHE A CB  1 
ATOM   666 C  CG  . PHE A 1 79  ? 1.066   4.476   19.999  1.00 14.98 ? 79  PHE A CG  1 
ATOM   667 C  CD1 . PHE A 1 79  ? -0.005  3.837   20.616  1.00 17.80 ? 79  PHE A CD1 1 
ATOM   668 C  CD2 . PHE A 1 79  ? 0.962   4.800   18.658  1.00 15.53 ? 79  PHE A CD2 1 
ATOM   669 C  CE1 . PHE A 1 79  ? -1.173  3.549   19.905  1.00 19.15 ? 79  PHE A CE1 1 
ATOM   670 C  CE2 . PHE A 1 79  ? -0.196  4.527   17.949  1.00 18.10 ? 79  PHE A CE2 1 
ATOM   671 C  CZ  . PHE A 1 79  ? -1.264  3.899   18.569  1.00 18.44 ? 79  PHE A CZ  1 
ATOM   672 N  N   . VAL A 1 80  ? 5.562   3.872   20.149  1.00 11.74 ? 80  VAL A N   1 
ATOM   673 C  CA  . VAL A 1 80  ? 6.950   4.286   20.319  1.00 12.18 ? 80  VAL A CA  1 
ATOM   674 C  C   . VAL A 1 80  ? 7.312   5.349   19.291  1.00 11.83 ? 80  VAL A C   1 
ATOM   675 O  O   . VAL A 1 80  ? 6.681   5.439   18.246  1.00 12.68 ? 80  VAL A O   1 
ATOM   676 C  CB  . VAL A 1 80  ? 7.930   3.098   20.209  1.00 12.78 ? 80  VAL A CB  1 
ATOM   677 C  CG1 . VAL A 1 80  ? 7.638   2.064   21.286  1.00 15.62 ? 80  VAL A CG1 1 
ATOM   678 C  CG2 . VAL A 1 80  ? 7.859   2.455   18.839  1.00 13.69 ? 80  VAL A CG2 1 
ATOM   679 N  N   . SER A 1 81  ? 8.335   6.142   19.586  1.00 10.17 ? 81  SER A N   1 
ATOM   680 C  CA  . SER A 1 81  ? 8.794   7.170   18.666  1.00 10.36 ? 81  SER A CA  1 
ATOM   681 C  C   . SER A 1 81  ? 9.567   6.596   17.497  1.00 11.57 ? 81  SER A C   1 
ATOM   682 O  O   . SER A 1 81  ? 10.409  5.712   17.655  1.00 12.99 ? 81  SER A O   1 
ATOM   683 C  CB  . SER A 1 81  ? 9.709   8.144   19.394  1.00 10.68 ? 81  SER A CB  1 
ATOM   684 O  OG  . SER A 1 81  ? 8.999   8.792   20.432  1.00 15.21 ? 81  SER A OG  1 
ATOM   685 N  N   . THR A 1 82  ? 9.317   7.145   16.318  1.00 9.90  ? 82  THR A N   1 
ATOM   686 C  CA  . THR A 1 82  ? 10.022  6.729   15.120  1.00 10.96 ? 82  THR A CA  1 
ATOM   687 C  C   . THR A 1 82  ? 10.153  7.929   14.181  1.00 11.06 ? 82  THR A C   1 
ATOM   688 O  O   . THR A 1 82  ? 9.408   8.901   14.291  1.00 11.20 ? 82  THR A O   1 
ATOM   689 C  CB  . THR A 1 82  ? 9.328   5.523   14.437  1.00 12.07 ? 82  THR A CB  1 
ATOM   690 O  OG1 . THR A 1 82  ? 10.046  5.131   13.257  1.00 13.40 ? 82  THR A OG1 1 
ATOM   691 C  CG2 . THR A 1 82  ? 7.879   5.841   14.085  1.00 13.73 ? 82  THR A CG2 1 
ATOM   692 N  N   . LYS A 1 83  ? 11.123  7.876   13.281  1.00 10.92 ? 83  LYS A N   1 
ATOM   693 C  CA  . LYS A 1 83  ? 11.256  8.927   12.284  1.00 11.11 ? 83  LYS A CA  1 
ATOM   694 C  C   . LYS A 1 83  ? 11.899  8.345   11.044  1.00 10.57 ? 83  LYS A C   1 
ATOM   695 O  O   . LYS A 1 83  ? 12.483  7.267   11.084  1.00 12.22 ? 83  LYS A O   1 
ATOM   696 C  CB  . LYS A 1 83  ? 12.089  10.090  12.826  1.00 13.28 ? 83  LYS A CB  1 
ATOM   697 C  CG  . LYS A 1 83  ? 13.566  9.763   13.043  1.00 12.79 ? 83  LYS A CG  1 
ATOM   698 C  CD  . LYS A 1 83  ? 14.266  10.884  13.809  1.00 16.05 ? 83  LYS A CD  1 
ATOM   699 C  CE  . LYS A 1 83  ? 15.759  10.647  13.954  1.00 18.62 ? 83  LYS A CE  1 
ATOM   700 N  NZ  . LYS A 1 83  ? 16.501  10.843  12.675  1.00 19.83 ? 83  LYS A NZ  1 
ATOM   701 N  N   . ILE A 1 84  ? 11.744  9.049   9.930   1.00 10.30 ? 84  ILE A N   1 
ATOM   702 C  CA  . ILE A 1 84  ? 12.317  8.599   8.674   1.00 10.07 ? 84  ILE A CA  1 
ATOM   703 C  C   . ILE A 1 84  ? 12.675  9.860   7.885   1.00 9.60  ? 84  ILE A C   1 
ATOM   704 O  O   . ILE A 1 84  ? 11.927  10.837  7.898   1.00 11.23 ? 84  ILE A O   1 
ATOM   705 C  CB  . ILE A 1 84  ? 11.322  7.690   7.918   1.00 10.21 ? 84  ILE A CB  1 
ATOM   706 C  CG1 . ILE A 1 84  ? 11.989  7.025   6.702   1.00 13.16 ? 84  ILE A CG1 1 
ATOM   707 C  CG2 . ILE A 1 84  ? 10.063  8.450   7.527   1.00 12.62 ? 84  ILE A CG2 1 
ATOM   708 C  CD1 . ILE A 1 84  ? 11.130  5.913   6.084   1.00 13.28 ? 84  ILE A CD1 1 
ATOM   709 N  N   . ASN A 1 85  ? 13.835  9.853   7.232   1.00 11.02 ? 85  ASN A N   1 
ATOM   710 C  CA  . ASN A 1 85  ? 14.274  11.024  6.488   1.00 11.15 ? 85  ASN A CA  1 
ATOM   711 C  C   . ASN A 1 85  ? 13.657  11.056  5.093   1.00 10.90 ? 85  ASN A C   1 
ATOM   712 O  O   . ASN A 1 85  ? 14.021  10.250  4.230   1.00 10.71 ? 85  ASN A O   1 
ATOM   713 C  CB  . ASN A 1 85  ? 15.798  11.063  6.401   1.00 11.60 ? 85  ASN A CB  1 
ATOM   714 C  CG  . ASN A 1 85  ? 16.304  12.381  5.889   1.00 14.65 ? 85  ASN A CG  1 
ATOM   715 O  OD1 . ASN A 1 85  ? 15.552  13.195  5.364   1.00 12.37 ? 85  ASN A OD1 1 
ATOM   716 N  ND2 . ASN A 1 85  ? 17.599  12.614  6.060   1.00 18.02 ? 85  ASN A ND2 1 
ATOM   717 N  N   . LEU A 1 86  ? 12.718  11.975  4.878   1.00 10.78 ? 86  LEU A N   1 
ATOM   718 C  CA  . LEU A 1 86  ? 12.027  12.040  3.593   1.00 11.15 ? 86  LEU A CA  1 
ATOM   719 C  C   . LEU A 1 86  ? 12.996  12.356  2.462   1.00 9.92  ? 86  LEU A C   1 
ATOM   720 O  O   . LEU A 1 86  ? 12.727  12.021  1.309   1.00 11.59 ? 86  LEU A O   1 
ATOM   721 C  CB  . LEU A 1 86  ? 10.889  13.054  3.625   1.00 11.35 ? 86  LEU A CB  1 
ATOM   722 C  CG  . LEU A 1 86  ? 9.803   12.704  4.642   1.00 9.76  ? 86  LEU A CG  1 
ATOM   723 C  CD1 . LEU A 1 86  ? 8.753   13.806  4.606   1.00 14.33 ? 86  LEU A CD1 1 
ATOM   724 C  CD2 . LEU A 1 86  ? 9.163   11.349  4.362   1.00 12.87 ? 86  LEU A CD2 1 
ATOM   725 N  N   . ASP A 1 87  ? 14.126  12.985  2.790   1.00 9.80  ? 87  ASP A N   1 
ATOM   726 C  CA  . ASP A 1 87  ? 15.166  13.221  1.783   1.00 10.97 ? 87  ASP A CA  1 
ATOM   727 C  C   . ASP A 1 87  ? 15.735  11.930  1.165   1.00 10.74 ? 87  ASP A C   1 
ATOM   728 O  O   . ASP A 1 87  ? 16.400  11.974  0.119   1.00 11.59 ? 87  ASP A O   1 
ATOM   729 C  CB  . ASP A 1 87  ? 16.316  14.060  2.357   1.00 11.95 ? 87  ASP A CB  1 
ATOM   730 C  CG  . ASP A 1 87  ? 16.093  15.559  2.212   1.00 12.24 ? 87  ASP A CG  1 
ATOM   731 O  OD1 . ASP A 1 87  ? 15.220  15.989  1.431   1.00 12.88 ? 87  ASP A OD1 1 
ATOM   732 O  OD2 . ASP A 1 87  ? 16.815  16.307  2.904   1.00 14.93 ? 87  ASP A OD2 1 
ATOM   733 N  N   . ASP A 1 88  ? 15.474  10.775  1.778   1.00 10.31 ? 88  ASP A N   1 
ATOM   734 C  CA  . ASP A 1 88  ? 15.952  9.506   1.210   1.00 11.38 ? 88  ASP A CA  1 
ATOM   735 C  C   . ASP A 1 88  ? 15.325  9.238   -0.162  1.00 11.85 ? 88  ASP A C   1 
ATOM   736 O  O   . ASP A 1 88  ? 15.954  8.640   -1.040  1.00 12.25 ? 88  ASP A O   1 
ATOM   737 C  CB  . ASP A 1 88  ? 15.585  8.310   2.096   1.00 11.77 ? 88  ASP A CB  1 
ATOM   738 C  CG  . ASP A 1 88  ? 16.279  8.303   3.453   1.00 11.55 ? 88  ASP A CG  1 
ATOM   739 O  OD1 . ASP A 1 88  ? 17.200  9.108   3.717   1.00 14.00 ? 88  ASP A OD1 1 
ATOM   740 O  OD2 . ASP A 1 88  ? 15.855  7.462   4.274   1.00 13.63 ? 88  ASP A OD2 1 
ATOM   741 N  N   . HIS A 1 89  ? 14.077  9.647   -0.350  1.00 10.30 ? 89  HIS A N   1 
ATOM   742 C  CA  . HIS A 1 89  ? 13.329  9.209   -1.522  1.00 9.79  ? 89  HIS A CA  1 
ATOM   743 C  C   . HIS A 1 89  ? 12.417  10.258  -2.132  1.00 12.03 ? 89  HIS A C   1 
ATOM   744 O  O   . HIS A 1 89  ? 11.873  10.030  -3.208  1.00 14.21 ? 89  HIS A O   1 
ATOM   745 C  CB  . HIS A 1 89  ? 12.491  7.965   -1.210  1.00 10.57 ? 89  HIS A CB  1 
ATOM   746 C  CG  . HIS A 1 89  ? 13.291  6.707   -1.093  1.00 12.28 ? 89  HIS A CG  1 
ATOM   747 N  ND1 . HIS A 1 89  ? 13.727  6.006   -2.204  1.00 15.78 ? 89  HIS A ND1 1 
ATOM   748 C  CD2 . HIS A 1 89  ? 13.721  6.017   -0.020  1.00 12.78 ? 89  HIS A CD2 1 
ATOM   749 C  CE1 . HIS A 1 89  ? 14.394  4.939   -1.805  1.00 14.57 ? 89  HIS A CE1 1 
ATOM   750 N  NE2 . HIS A 1 89  ? 14.419  4.923   -0.485  1.00 14.32 ? 89  HIS A NE2 1 
ATOM   751 N  N   . ILE A 1 90  ? 12.225  11.396  -1.475  1.00 10.42 ? 90  ILE A N   1 
ATOM   752 C  CA  . ILE A 1 90  ? 11.359  12.436  -2.036  1.00 10.45 ? 90  ILE A CA  1 
ATOM   753 C  C   . ILE A 1 90  ? 12.227  13.502  -2.685  1.00 10.63 ? 90  ILE A C   1 
ATOM   754 O  O   . ILE A 1 90  ? 13.110  14.074  -2.049  1.00 10.34 ? 90  ILE A O   1 
ATOM   755 C  CB  . ILE A 1 90  ? 10.441  13.078  -0.970  1.00 10.43 ? 90  ILE A CB  1 
ATOM   756 C  CG1 . ILE A 1 90  ? 9.674   11.998  -0.204  1.00 11.66 ? 90  ILE A CG1 1 
ATOM   757 C  CG2 . ILE A 1 90  ? 9.505   14.086  -1.616  1.00 11.24 ? 90  ILE A CG2 1 
ATOM   758 C  CD1 . ILE A 1 90  ? 8.872   11.059  -1.085  1.00 12.74 ? 90  ILE A CD1 1 
ATOM   759 N  N   . ALA A 1 91  ? 11.981  13.716  -3.968  1.00 10.65 ? 91  ALA A N   1 
ATOM   760 C  CA  . ALA A 1 91  ? 12.774  14.622  -4.791  1.00 10.20 ? 91  ALA A CA  1 
ATOM   761 C  C   . ALA A 1 91  ? 11.949  15.809  -5.249  1.00 10.20 ? 91  ALA A C   1 
ATOM   762 O  O   . ALA A 1 91  ? 10.728  15.708  -5.423  1.00 11.03 ? 91  ALA A O   1 
ATOM   763 C  CB  . ALA A 1 91  ? 13.324  13.885  -6.008  1.00 11.62 ? 91  ALA A CB  1 
ATOM   764 N  N   . ASN A 1 92  ? 12.633  16.927  -5.449  1.00 9.77  ? 92  ASN A N   1 
ATOM   765 C  CA  . ASN A 1 92  ? 12.082  18.057  -6.179  1.00 10.71 ? 92  ASN A CA  1 
ATOM   766 C  C   . ASN A 1 92  ? 12.393  17.875  -7.668  1.00 11.01 ? 92  ASN A C   1 
ATOM   767 O  O   . ASN A 1 92  ? 13.538  18.069  -8.100  1.00 11.70 ? 92  ASN A O   1 
ATOM   768 C  CB  . ASN A 1 92  ? 12.685  19.366  -5.663  1.00 11.07 ? 92  ASN A CB  1 
ATOM   769 C  CG  . ASN A 1 92  ? 12.349  20.535  -6.558  1.00 9.99  ? 92  ASN A CG  1 
ATOM   770 O  OD1 . ASN A 1 92  ? 11.440  20.433  -7.383  1.00 11.71 ? 92  ASN A OD1 1 
ATOM   771 N  ND2 . ASN A 1 92  ? 13.079  21.637  -6.414  1.00 11.66 ? 92  ASN A ND2 1 
ATOM   772 N  N   . ILE A 1 93  ? 11.400  17.438  -8.433  1.00 11.79 ? 93  ILE A N   1 
ATOM   773 C  CA  . ILE A 1 93  ? 11.565  17.319  -9.884  1.00 13.14 ? 93  ILE A CA  1 
ATOM   774 C  C   . ILE A 1 93  ? 10.916  18.529  -10.550 1.00 13.03 ? 93  ILE A C   1 
ATOM   775 O  O   . ILE A 1 93  ? 9.689   18.611  -10.676 1.00 13.57 ? 93  ILE A O   1 
ATOM   776 C  CB  . ILE A 1 93  ? 10.962  16.010  -10.436 1.00 14.83 ? 93  ILE A CB  1 
ATOM   777 C  CG1 . ILE A 1 93  ? 11.462  14.789  -9.656  1.00 17.36 ? 93  ILE A CG1 1 
ATOM   778 C  CG2 . ILE A 1 93  ? 11.291  15.865  -11.922 1.00 20.11 ? 93  ILE A CG2 1 
ATOM   779 C  CD1 . ILE A 1 93  ? 12.897  14.502  -9.868  1.00 18.67 ? 93  ILE A CD1 1 
ATOM   780 N  N   . ASP A 1 94  ? 11.754  19.486  -10.930 1.00 13.09 ? 94  ASP A N   1 
ATOM   781 C  CA  . ASP A 1 94  ? 11.325  20.726  -11.584 1.00 13.65 ? 94  ASP A CA  1 
ATOM   782 C  C   . ASP A 1 94  ? 10.110  21.363  -10.903 1.00 12.89 ? 94  ASP A C   1 
ATOM   783 O  O   . ASP A 1 94  ? 9.145   21.763  -11.571 1.00 15.29 ? 94  ASP A O   1 
ATOM   784 C  CB  . ASP A 1 94  ? 11.066  20.496  -13.078 1.00 16.26 ? 94  ASP A CB  1 
ATOM   785 C  CG  . ASP A 1 94  ? 10.857  21.795  -13.855 1.00 19.37 ? 94  ASP A CG  1 
ATOM   786 O  OD1 . ASP A 1 94  ? 11.357  22.858  -13.440 1.00 18.51 ? 94  ASP A OD1 1 
ATOM   787 O  OD2 . ASP A 1 94  ? 10.184  21.743  -14.907 1.00 26.97 ? 94  ASP A OD2 1 
ATOM   788 N  N   . GLY A 1 95  ? 10.166  21.465  -9.582  1.00 11.65 ? 95  GLY A N   1 
ATOM   789 C  CA  . GLY A 1 95  ? 9.146   22.170  -8.828  1.00 12.94 ? 95  GLY A CA  1 
ATOM   790 C  C   . GLY A 1 95  ? 8.043   21.314  -8.241  1.00 12.63 ? 95  GLY A C   1 
ATOM   791 O  O   . GLY A 1 95  ? 7.192   21.838  -7.533  1.00 14.39 ? 95  GLY A O   1 
ATOM   792 N  N   . THR A 1 96  ? 8.057   20.009  -8.502  1.00 10.76 ? 96  THR A N   1 
ATOM   793 C  CA  . THR A 1 96  ? 7.007   19.122  -8.008  1.00 13.14 ? 96  THR A CA  1 
ATOM   794 C  C   . THR A 1 96  ? 7.617   17.986  -7.206  1.00 11.30 ? 96  THR A C   1 
ATOM   795 O  O   . THR A 1 96  ? 8.610   17.393  -7.619  1.00 11.60 ? 96  THR A O   1 
ATOM   796 C  CB  . THR A 1 96  ? 6.177   18.541  -9.165  1.00 12.26 ? 96  THR A CB  1 
ATOM   797 O  OG1 . THR A 1 96  ? 5.500   19.613  -9.833  1.00 17.11 ? 96  THR A OG1 1 
ATOM   798 C  CG2 . THR A 1 96  ? 5.152   17.538  -8.653  1.00 16.05 ? 96  THR A CG2 1 
ATOM   799 N  N   . LEU A 1 97  ? 7.028   17.694  -6.052  1.00 11.00 ? 97  LEU A N   1 
ATOM   800 C  CA  . LEU A 1 97  ? 7.489   16.592  -5.200  1.00 10.92 ? 97  LEU A CA  1 
ATOM   801 C  C   . LEU A 1 97  ? 7.155   15.247  -5.815  1.00 10.91 ? 97  LEU A C   1 
ATOM   802 O  O   . LEU A 1 97  ? 6.003   14.997  -6.167  1.00 12.42 ? 97  LEU A O   1 
ATOM   803 C  CB  . LEU A 1 97  ? 6.839   16.683  -3.826  1.00 10.93 ? 97  LEU A CB  1 
ATOM   804 C  CG  . LEU A 1 97  ? 7.188   17.897  -2.972  1.00 9.67  ? 97  LEU A CG  1 
ATOM   805 C  CD1 . LEU A 1 97  ? 6.286   17.938  -1.745  1.00 12.52 ? 97  LEU A CD1 1 
ATOM   806 C  CD2 . LEU A 1 97  ? 8.662   17.905  -2.582  1.00 11.62 ? 97  LEU A CD2 1 
ATOM   807 N  N   . LYS A 1 98  ? 8.165   14.391  -5.946  1.00 10.78 ? 98  LYS A N   1 
ATOM   808 C  CA  . LYS A 1 98  ? 7.980   13.063  -6.515  1.00 12.12 ? 98  LYS A CA  1 
ATOM   809 C  C   . LYS A 1 98  ? 8.759   12.037  -5.735  1.00 11.37 ? 98  LYS A C   1 
ATOM   810 O  O   . LYS A 1 98  ? 9.869   12.304  -5.276  1.00 11.80 ? 98  LYS A O   1 
ATOM   811 C  CB  . LYS A 1 98  ? 8.411   13.023  -7.980  1.00 15.12 ? 98  LYS A CB  1 
ATOM   812 C  CG  . LYS A 1 98  ? 7.612   13.968  -8.879  1.00 17.00 ? 98  LYS A CG  1 
ATOM   813 C  CD  . LYS A 1 98  ? 7.834   13.721  -10.351 1.00 34.80 ? 98  LYS A CD  1 
ATOM   814 C  CE  . LYS A 1 98  ? 6.840   14.525  -11.181 1.00 32.74 ? 98  LYS A CE  1 
ATOM   815 N  NZ  . LYS A 1 98  ? 5.439   14.057  -10.978 1.00 35.48 ? 98  LYS A NZ  1 
ATOM   816 N  N   . TYR A 1 99  ? 8.155   10.868  -5.575  1.00 12.59 ? 99  TYR A N   1 
ATOM   817 C  CA  . TYR A 1 99  ? 8.844   9.730   -4.992  1.00 12.50 ? 99  TYR A CA  1 
ATOM   818 C  C   . TYR A 1 99  ? 9.771   9.110   -6.019  1.00 14.90 ? 99  TYR A C   1 
ATOM   819 O  O   . TYR A 1 99  ? 9.399   8.945   -7.188  1.00 17.29 ? 99  TYR A O   1 
ATOM   820 C  CB  . TYR A 1 99  ? 7.841   8.654   -4.551  1.00 14.06 ? 99  TYR A CB  1 
ATOM   821 C  CG  . TYR A 1 99  ? 8.525   7.492   -3.886  1.00 13.31 ? 99  TYR A CG  1 
ATOM   822 C  CD1 . TYR A 1 99  ? 8.746   7.490   -2.525  1.00 12.11 ? 99  TYR A CD1 1 
ATOM   823 C  CD2 . TYR A 1 99  ? 9.011   6.419   -4.629  1.00 19.65 ? 99  TYR A CD2 1 
ATOM   824 C  CE1 . TYR A 1 99  ? 9.391   6.454   -1.910  1.00 14.24 ? 99  TYR A CE1 1 
ATOM   825 C  CE2 . TYR A 1 99  ? 9.671   5.362   -4.009  1.00 20.74 ? 99  TYR A CE2 1 
ATOM   826 C  CZ  . TYR A 1 99  ? 9.849   5.395   -2.644  1.00 16.26 ? 99  TYR A CZ  1 
ATOM   827 O  OH  . TYR A 1 99  ? 10.502  4.373   -1.989  1.00 21.50 ? 99  TYR A OH  1 
ATOM   828 N  N   . GLU A 1 100 ? 10.973  8.754   -5.591  1.00 14.35 ? 100 GLU A N   1 
ATOM   829 C  CA  . GLU A 1 100 ? 11.826  7.909   -6.412  1.00 20.21 ? 100 GLU A CA  1 
ATOM   830 C  C   . GLU A 1 100 ? 12.555  6.901   -5.551  1.00 19.97 ? 100 GLU A C   1 
ATOM   831 O  O   . GLU A 1 100 ? 12.696  5.743   -5.938  1.00 21.86 ? 100 GLU A O   1 
ATOM   832 C  CB  . GLU A 1 100 ? 12.814  8.751   -7.193  1.00 22.62 ? 100 GLU A CB  1 
ATOM   833 C  CG  . GLU A 1 100 ? 13.528  9.743   -6.344  1.00 21.13 ? 100 GLU A CG  1 
ATOM   834 C  CD  . GLU A 1 100 ? 14.461  10.616  -7.143  1.00 17.46 ? 100 GLU A CD  1 
ATOM   835 O  OE1 . GLU A 1 100 ? 14.237  10.800  -8.360  1.00 20.90 ? 100 GLU A OE1 1 
ATOM   836 O  OE2 . GLU A 1 100 ? 15.427  11.112  -6.561  1.00 16.49 ? 100 GLU A OE2 1 
ATOM   837 O  OXT . GLU A 1 100 ? 13.015  7.216   -4.451  0.50 20.62 ? 100 GLU A OXT 1 
HETATM 838 NA NA  . NA  B 2 .   ? -3.102  11.246  14.777  1.00 27.10 ? 221 NA  A NA  1 
HETATM 839 NA NA  . NA  C 2 .   ? 16.463  12.278  -9.207  1.00 24.57 ? 222 NA  A NA  1 
HETATM 840 P  P   . PO4 D 3 .   ? -12.897 -11.831 6.126   1.00 30.05 ? 223 PO4 A P   1 
HETATM 841 O  O1  . PO4 D 3 .   ? -12.576 -13.260 5.746   1.00 37.37 ? 223 PO4 A O1  1 
HETATM 842 O  O2  . PO4 D 3 .   ? -14.339 -11.543 5.777   1.00 22.94 ? 223 PO4 A O2  1 
HETATM 843 O  O3  . PO4 D 3 .   ? -12.680 -11.641 7.610   1.00 38.36 ? 223 PO4 A O3  1 
HETATM 844 O  O4  . PO4 D 3 .   ? -11.974 -10.906 5.361   1.00 30.29 ? 223 PO4 A O4  1 
HETATM 845 P  P   . PO4 E 3 .   ? 4.483   -0.133  -12.031 1.00 28.19 ? 224 PO4 A P   1 
HETATM 846 O  O1  . PO4 E 3 .   ? 4.021   -1.457  -11.454 1.00 23.12 ? 224 PO4 A O1  1 
HETATM 847 O  O2  . PO4 E 3 .   ? 5.987   -0.044  -11.889 1.00 34.71 ? 224 PO4 A O2  1 
HETATM 848 O  O3  . PO4 E 3 .   ? 3.827   1.022   -11.310 1.00 35.08 ? 224 PO4 A O3  1 
HETATM 849 O  O4  . PO4 E 3 .   ? 4.138   -0.058  -13.500 1.00 43.99 ? 224 PO4 A O4  1 
HETATM 850 P  P   . PO4 F 3 .   ? -4.322  -3.817  5.451   1.00 51.14 ? 225 PO4 A P   1 
HETATM 851 O  O1  . PO4 F 3 .   ? -5.245  -4.929  5.890   1.00 47.75 ? 225 PO4 A O1  1 
HETATM 852 O  O2  . PO4 F 3 .   ? -4.220  -2.837  6.595   1.00 46.64 ? 225 PO4 A O2  1 
HETATM 853 O  O3  . PO4 F 3 .   ? -2.961  -4.401  5.113   1.00 28.73 ? 225 PO4 A O3  1 
HETATM 854 O  O4  . PO4 F 3 .   ? -4.902  -3.106  4.244   1.00 25.06 ? 225 PO4 A O4  1 
HETATM 855 O  O   . HOH G 4 .   ? -4.017  -0.622  -10.383 1.00 21.66 ? 101 HOH A O   1 
HETATM 856 O  O   . HOH G 4 .   ? -0.407  15.433  11.307  1.00 14.38 ? 102 HOH A O   1 
HETATM 857 O  O   . HOH G 4 .   ? 11.859  21.644  4.101   1.00 13.76 ? 103 HOH A O   1 
HETATM 858 O  O   . HOH G 4 .   ? -15.592 -9.721  -3.845  1.00 11.47 ? 104 HOH A O   1 
HETATM 859 O  O   . HOH G 4 .   ? 15.721  7.692   6.991   1.00 15.18 ? 105 HOH A O   1 
HETATM 860 O  O   . HOH G 4 .   ? -2.465  -9.353  -15.568 1.00 13.83 ? 106 HOH A O   1 
HETATM 861 O  O   . HOH G 4 .   ? -16.806 -12.164 -5.021  1.00 15.51 ? 107 HOH A O   1 
HETATM 862 O  O   . HOH G 4 .   ? -14.136 -5.147  -19.686 0.50 14.16 ? 108 HOH A O   1 
HETATM 863 O  O   . HOH G 4 .   ? 4.545   19.254  11.742  1.00 15.72 ? 109 HOH A O   1 
HETATM 864 O  O   . HOH G 4 .   ? 0.318   -9.914  5.385   1.00 19.00 ? 110 HOH A O   1 
HETATM 865 O  O   . HOH G 4 .   ? -2.951  9.181   12.714  1.00 18.26 ? 111 HOH A O   1 
HETATM 866 O  O   . HOH G 4 .   ? -1.719  -16.182 -14.707 1.00 17.14 ? 112 HOH A O   1 
HETATM 867 O  O   . HOH G 4 .   ? 2.012   17.914  11.794  1.00 18.54 ? 113 HOH A O   1 
HETATM 868 O  O   . HOH G 4 .   ? -19.057 -17.617 -1.896  1.00 16.53 ? 114 HOH A O   1 
HETATM 869 O  O   . HOH G 4 .   ? 16.141  18.996  -7.694  1.00 17.39 ? 115 HOH A O   1 
HETATM 870 O  O   . HOH G 4 .   ? -9.682  -2.558  -11.522 1.00 17.57 ? 116 HOH A O   1 
HETATM 871 O  O   . HOH G 4 .   ? 11.329  3.599   18.850  1.00 17.52 ? 117 HOH A O   1 
HETATM 872 O  O   . HOH G 4 .   ? -12.275 -17.786 -9.588  1.00 14.96 ? 118 HOH A O   1 
HETATM 873 O  O   . HOH G 4 .   ? -11.292 -12.924 2.738   1.00 17.88 ? 119 HOH A O   1 
HETATM 874 O  O   . HOH G 4 .   ? -4.347  4.047   13.135  1.00 22.09 ? 120 HOH A O   1 
HETATM 875 O  O   . HOH G 4 .   ? 3.827   -0.252  13.604  1.00 21.24 ? 121 HOH A O   1 
HETATM 876 O  O   . HOH G 4 .   ? -20.361 -17.431 -10.430 1.00 17.54 ? 122 HOH A O   1 
HETATM 877 O  O   . HOH G 4 .   ? -15.608 -8.955  -19.644 1.00 18.73 ? 123 HOH A O   1 
HETATM 878 O  O   . HOH G 4 .   ? 0.631   15.849  14.713  1.00 18.34 ? 124 HOH A O   1 
HETATM 879 O  O   . HOH G 4 .   ? 6.387   12.633  19.516  1.00 18.82 ? 125 HOH A O   1 
HETATM 880 O  O   . HOH G 4 .   ? 6.963   4.490   24.181  1.00 22.19 ? 126 HOH A O   1 
HETATM 881 O  O   . HOH G 4 .   ? -21.812 -6.705  -7.681  1.00 17.36 ? 127 HOH A O   1 
HETATM 882 O  O   . HOH G 4 .   ? -0.708  -7.730  -17.042 1.00 18.61 ? 128 HOH A O   1 
HETATM 883 O  O   . HOH G 4 .   ? -3.267  -0.500  -7.307  1.00 20.30 ? 129 HOH A O   1 
HETATM 884 O  O   . HOH G 4 .   ? 6.977   11.699  17.265  1.00 23.19 ? 130 HOH A O   1 
HETATM 885 O  O   . HOH G 4 .   ? -21.392 -9.215  -8.578  1.00 18.09 ? 131 HOH A O   1 
HETATM 886 O  O   . HOH G 4 .   ? 3.468   -14.781 2.652   1.00 18.55 ? 132 HOH A O   1 
HETATM 887 O  O   . HOH G 4 .   ? 15.811  3.112   1.054   1.00 23.06 ? 133 HOH A O   1 
HETATM 888 O  O   . HOH G 4 .   ? -12.242 -13.042 -20.018 1.00 19.58 ? 134 HOH A O   1 
HETATM 889 O  O   . HOH G 4 .   ? 0.653   -0.715  -7.421  1.00 19.40 ? 135 HOH A O   1 
HETATM 890 O  O   . HOH G 4 .   ? 15.285  17.535  9.124   1.00 22.52 ? 136 HOH A O   1 
HETATM 891 O  O   . HOH G 4 .   ? 8.583   11.312  19.959  1.00 22.21 ? 137 HOH A O   1 
HETATM 892 O  O   . HOH G 4 .   ? 8.956   -16.953 2.868   1.00 18.13 ? 138 HOH A O   1 
HETATM 893 O  O   . HOH G 4 .   ? 13.752  3.552   -4.873  1.00 20.97 ? 139 HOH A O   1 
HETATM 894 O  O   . HOH G 4 .   ? 18.490  15.147  4.747   1.00 20.21 ? 140 HOH A O   1 
HETATM 895 O  O   . HOH G 4 .   ? -17.964 -18.303 -9.573  1.00 19.32 ? 141 HOH A O   1 
HETATM 896 O  O   . HOH G 4 .   ? -21.106 -9.522  -20.053 1.00 25.14 ? 142 HOH A O   1 
HETATM 897 O  O   . HOH G 4 .   ? 5.931   13.392  15.676  1.00 18.62 ? 143 HOH A O   1 
HETATM 898 O  O   . HOH G 4 .   ? -20.132 -10.566 -6.622  1.00 17.83 ? 144 HOH A O   1 
HETATM 899 O  O   . HOH G 4 .   ? 1.470   3.590   24.258  1.00 25.18 ? 145 HOH A O   1 
HETATM 900 O  O   . HOH G 4 .   ? 1.227   -12.354 4.364   1.00 21.97 ? 146 HOH A O   1 
HETATM 901 O  O   . HOH G 4 .   ? 4.111   12.989  -6.703  1.00 20.71 ? 147 HOH A O   1 
HETATM 902 O  O   . HOH G 4 .   ? -8.114  -6.736  -20.312 1.00 22.61 ? 148 HOH A O   1 
HETATM 903 O  O   . HOH G 4 .   ? 6.722   8.575   22.054  1.00 22.30 ? 149 HOH A O   1 
HETATM 904 O  O   . HOH G 4 .   ? 15.363  5.162   8.082   1.00 22.09 ? 150 HOH A O   1 
HETATM 905 O  O   . HOH G 4 .   ? -8.720  -2.177  -15.359 1.00 21.27 ? 151 HOH A O   1 
HETATM 906 O  O   . HOH G 4 .   ? -7.705  -18.151 -15.749 1.00 24.29 ? 152 HOH A O   1 
HETATM 907 O  O   . HOH G 4 .   ? 18.822  11.013  2.558   1.00 18.97 ? 153 HOH A O   1 
HETATM 908 O  O   . HOH G 4 .   ? -12.373 -16.724 -22.528 1.00 26.48 ? 154 HOH A O   1 
HETATM 909 O  O   . HOH G 4 .   ? 18.260  7.191   -0.765  1.00 25.53 ? 155 HOH A O   1 
HETATM 910 O  O   . HOH G 4 .   ? -8.280  -11.337 -19.344 1.00 21.66 ? 156 HOH A O   1 
HETATM 911 O  O   . HOH G 4 .   ? 0.731   11.950  20.631  1.00 23.61 ? 157 HOH A O   1 
HETATM 912 O  O   . HOH G 4 .   ? 9.024   -11.972 6.719   1.00 26.31 ? 158 HOH A O   1 
HETATM 913 O  O   . HOH G 4 .   ? -8.182  -5.579  -17.767 1.00 22.76 ? 159 HOH A O   1 
HETATM 914 O  O   . HOH G 4 .   ? 17.847  8.631   8.479   1.00 27.42 ? 160 HOH A O   1 
HETATM 915 O  O   . HOH G 4 .   ? -4.034  -17.627 -15.342 1.00 21.02 ? 161 HOH A O   1 
HETATM 916 O  O   . HOH G 4 .   ? -2.944  -11.032 -17.718 1.00 23.65 ? 162 HOH A O   1 
HETATM 917 O  O   . HOH G 4 .   ? -18.910 -12.879 -3.358  1.00 23.53 ? 163 HOH A O   1 
HETATM 918 O  O   . HOH G 4 .   ? 1.488   6.330   24.972  1.00 25.06 ? 164 HOH A O   1 
HETATM 919 O  O   . HOH G 4 .   ? -7.992  -9.358  -20.841 1.00 24.20 ? 165 HOH A O   1 
HETATM 920 O  O   . HOH G 4 .   ? -6.891  -14.649 -18.279 1.00 23.84 ? 166 HOH A O   1 
HETATM 921 O  O   . HOH G 4 .   ? -24.655 -3.357  -6.422  1.00 24.51 ? 167 HOH A O   1 
HETATM 922 O  O   . HOH G 4 .   ? 18.950  8.589   5.815   1.00 28.17 ? 168 HOH A O   1 
HETATM 923 O  O   . HOH G 4 .   ? -19.032 -14.369 1.091   1.00 25.95 ? 169 HOH A O   1 
HETATM 924 O  O   . HOH G 4 .   ? 4.215   8.673   -4.900  1.00 26.19 ? 170 HOH A O   1 
HETATM 925 O  O   . HOH G 4 .   ? -1.721  -13.416 -18.573 1.00 26.64 ? 171 HOH A O   1 
HETATM 926 O  O   . HOH G 4 .   ? -6.953  -0.690  -10.637 1.00 27.85 ? 172 HOH A O   1 
HETATM 927 O  O   . HOH G 4 .   ? 4.221   7.661   22.153  1.00 27.22 ? 173 HOH A O   1 
HETATM 928 O  O   . HOH G 4 .   ? 4.941   6.135   -5.439  1.00 27.91 ? 174 HOH A O   1 
HETATM 929 O  O   . HOH G 4 .   ? -7.913  -13.900 -20.766 1.00 27.17 ? 175 HOH A O   1 
HETATM 930 O  O   . HOH G 4 .   ? -16.843 -17.936 0.152   1.00 26.59 ? 176 HOH A O   1 
HETATM 931 O  O   . HOH G 4 .   ? -24.424 -3.811  -12.487 1.00 26.68 ? 177 HOH A O   1 
HETATM 932 O  O   . HOH G 4 .   ? -13.065 -1.911  -16.235 1.00 27.49 ? 178 HOH A O   1 
HETATM 933 O  O   . HOH G 4 .   ? -14.428 -14.616 -20.948 1.00 30.99 ? 179 HOH A O   1 
HETATM 934 O  O   . HOH G 4 .   ? 15.242  7.025   10.924  1.00 29.80 ? 180 HOH A O   1 
HETATM 935 O  O   . HOH G 4 .   ? 1.833   18.892  15.356  1.00 33.04 ? 181 HOH A O   1 
HETATM 936 O  O   . HOH G 4 .   ? 16.164  13.969  12.939  1.00 28.74 ? 182 HOH A O   1 
HETATM 937 O  O   . HOH G 4 .   ? 13.047  -7.338  3.599   1.00 33.02 ? 183 HOH A O   1 
HETATM 938 O  O   . HOH G 4 .   ? -12.810 -17.702 -2.040  1.00 25.03 ? 184 HOH A O   1 
HETATM 939 O  O   . HOH G 4 .   ? 15.293  17.139  12.770  1.00 29.84 ? 185 HOH A O   1 
HETATM 940 O  O   . HOH G 4 .   ? -23.350 -15.037 -8.495  1.00 23.49 ? 186 HOH A O   1 
HETATM 941 O  O   . HOH G 4 .   ? 3.699   -4.739  9.509   1.00 31.85 ? 187 HOH A O   1 
HETATM 942 O  O   . HOH G 4 .   ? -0.310  -15.139 -16.976 1.00 29.55 ? 188 HOH A O   1 
HETATM 943 O  O   . HOH G 4 .   ? -12.774 -1.751  -18.894 1.00 29.64 ? 189 HOH A O   1 
HETATM 944 O  O   . HOH G 4 .   ? 16.712  7.280   13.472  1.00 30.32 ? 190 HOH A O   1 
HETATM 945 O  O   . HOH G 4 .   ? 4.643   -6.929  7.143   1.00 28.24 ? 191 HOH A O   1 
HETATM 946 O  O   . HOH G 4 .   ? 6.226   -16.609 3.206   1.00 22.09 ? 192 HOH A O   1 
HETATM 947 O  O   . HOH G 4 .   ? 15.852  9.515   10.135  1.00 24.48 ? 193 HOH A O   1 
HETATM 948 O  O   . HOH G 4 .   ? 2.783   1.475   3.115   1.00 20.73 ? 194 HOH A O   1 
HETATM 949 O  O   . HOH G 4 .   ? -4.367  -0.384  3.577   1.00 25.94 ? 195 HOH A O   1 
HETATM 950 O  O   . HOH G 4 .   ? -6.853  3.678   12.213  1.00 16.32 ? 196 HOH A O   1 
HETATM 951 O  O   . HOH G 4 .   ? 1.747   17.397  18.303  1.00 32.07 ? 197 HOH A O   1 
HETATM 952 O  O   . HOH G 4 .   ? 17.733  19.830  4.675   1.00 22.05 ? 198 HOH A O   1 
HETATM 953 O  O   . HOH G 4 .   ? 17.501  17.017  7.486   1.00 28.53 ? 199 HOH A O   1 
HETATM 954 O  O   . HOH G 4 .   ? 3.652   -5.193  5.465   1.00 23.70 ? 200 HOH A O   1 
HETATM 955 O  O   . HOH G 4 .   ? 1.135   0.280   0.434   1.00 25.09 ? 201 HOH A O   1 
HETATM 956 O  O   . HOH G 4 .   ? -12.997 -7.376  -13.258 1.00 12.18 ? 202 HOH A O   1 
HETATM 957 O  O   . HOH G 4 .   ? -9.813  -11.793 -17.196 1.00 14.71 ? 203 HOH A O   1 
HETATM 958 O  O   . HOH G 4 .   ? 4.201   0.505   1.605   1.00 25.03 ? 204 HOH A O   1 
HETATM 959 O  O   . HOH G 4 .   ? -14.503 -16.376 -0.193  1.00 31.10 ? 205 HOH A O   1 
HETATM 960 O  O   . HOH G 4 .   ? -10.823 -0.737  -15.026 1.00 28.40 ? 206 HOH A O   1 
HETATM 961 O  O   . HOH G 4 .   ? -10.718 -3.913  -19.127 1.00 27.04 ? 207 HOH A O   1 
HETATM 962 O  O   . HOH G 4 .   ? -5.609  -11.979 -18.598 1.00 29.98 ? 208 HOH A O   1 
HETATM 963 O  O   . HOH G 4 .   ? -10.145 -0.034  -12.221 1.00 27.58 ? 209 HOH A O   1 
HETATM 964 O  O   . HOH G 4 .   ? 19.214  10.780  7.504   1.00 32.89 ? 210 HOH A O   1 
HETATM 965 O  O   . HOH G 4 .   ? 3.309   13.685  -9.276  1.00 40.06 ? 211 HOH A O   1 
HETATM 966 O  O   . HOH G 4 .   ? 17.172  4.965   4.115   1.00 31.06 ? 212 HOH A O   1 
HETATM 967 O  O   . HOH G 4 .   ? 5.440   10.530  -6.616  1.00 17.27 ? 213 HOH A O   1 
HETATM 968 O  O   . HOH G 4 .   ? -16.275 -14.174 8.860   1.00 37.42 ? 214 HOH A O   1 
HETATM 969 O  O   . HOH G 4 .   ? -15.787 -13.619 5.805   1.00 31.05 ? 215 HOH A O   1 
HETATM 970 O  O   . HOH G 4 .   ? 9.299   -0.093  24.392  1.00 33.96 ? 216 HOH A O   1 
HETATM 971 O  O   . HOH G 4 .   ? -0.162  -0.124  9.118   1.00 24.40 ? 217 HOH A O   1 
HETATM 972 O  O   . HOH G 4 .   ? 6.455   21.788  -11.250 1.00 24.16 ? 218 HOH A O   1 
HETATM 973 O  O   . HOH G 4 .   ? 6.446   -5.381  20.197  1.00 34.66 ? 219 HOH A O   1 
HETATM 974 O  O   . HOH G 4 .   ? -5.036  3.720   1.070   1.00 43.40 ? 220 HOH A O   1 
# 
